data_7YTC
#
_entry.id   7YTC
#
_cell.length_a   1.00
_cell.length_b   1.00
_cell.length_c   1.00
_cell.angle_alpha   90.00
_cell.angle_beta   90.00
_cell.angle_gamma   90.00
#
_symmetry.space_group_name_H-M   'P 1'
#
loop_
_entity.id
_entity.type
_entity.pdbx_description
1 polymer 'Immunoglobulin heavy constant mu'
2 polymer 'Immunoglobulin J chain'
3 polymer 'Fas apoptotic inhibitory molecule 3'
4 non-polymer 2-acetamido-2-deoxy-beta-D-glucopyranose
#
loop_
_entity_poly.entity_id
_entity_poly.type
_entity_poly.pdbx_seq_one_letter_code
_entity_poly.pdbx_strand_id
1 'polypeptide(L)'
;IRVFAIPPSFASIFLTKSTKLTCLVTDLTTYDSVTISWTRQNGEAVKTHTNISESHPNATFSAVGEASICEDDWNSGERF
TCTVTHTDLPSPLKQTISRPKGVALHRPDVYLLPPAREQLNLRESATITCLVTGFSPADVFVQWMQRGQPLSPEKYVTSA
PMPEPQAPGRYFAHSILTVSEEEWNTGETYTCVVAHEALPNRVTERTVDKSTGKPTLYNVSLVMSDTAGTCY
;
A,B,C,D,E,F,G,H,K,L
2 'polypeptide(L)'
;EDERIVLVDNKCKCARITSRIIRSSEDPNEDIVERNIRIIVPLNNRENISDPTSPLRTRFVYHLSDLCKKCDPTEVELDN
QIVTATQSNICDEDSATETCYTYDRNKCYTAVVPLVYGGETKMVETALTPDACYPD
;
J
3 'polypeptide(L)'
;RILPEVKVEGELGGSVTIKCPLPEMHVRIYLCREMAGSGTCGTVVSTTNFIKAEYKGRVTLKQYPRKNLFLVEVTQLTES
DSGVYACGAGMNTDRGKTQKVTLNVHS
;
R
#
loop_
_chem_comp.id
_chem_comp.type
_chem_comp.name
_chem_comp.formula
NAG D-saccharide, beta linking 2-acetamido-2-deoxy-beta-D-glucopyranose 'C8 H15 N O6'
#
# COMPACT_ATOMS: atom_id res chain seq x y z
N ILE A 1 -7.75 -25.26 -75.57
CA ILE A 1 -7.74 -26.53 -74.86
C ILE A 1 -6.68 -26.52 -73.77
N ARG A 2 -7.06 -27.01 -72.58
CA ARG A 2 -6.17 -27.04 -71.43
C ARG A 2 -6.24 -28.40 -70.76
N VAL A 3 -5.08 -28.92 -70.38
CA VAL A 3 -4.98 -30.18 -69.64
C VAL A 3 -4.13 -29.92 -68.40
N PHE A 4 -4.59 -30.42 -67.26
CA PHE A 4 -3.92 -30.21 -65.99
C PHE A 4 -3.08 -31.43 -65.62
N ALA A 5 -2.13 -31.20 -64.71
CA ALA A 5 -1.30 -32.26 -64.13
C ALA A 5 -1.22 -31.97 -62.63
N ILE A 6 -2.17 -32.54 -61.88
CA ILE A 6 -2.32 -32.25 -60.45
C ILE A 6 -1.61 -33.36 -59.68
N PRO A 7 -0.51 -33.06 -58.99
CA PRO A 7 0.13 -34.06 -58.14
C PRO A 7 -0.72 -34.38 -56.93
N PRO A 8 -0.59 -35.58 -56.36
CA PRO A 8 -1.38 -35.93 -55.17
C PRO A 8 -0.92 -35.13 -53.96
N SER A 9 -1.85 -34.41 -53.34
CA SER A 9 -1.55 -33.68 -52.13
C SER A 9 -1.28 -34.65 -50.98
N PHE A 10 -0.50 -34.18 -50.01
CA PHE A 10 -0.18 -35.01 -48.85
C PHE A 10 -1.45 -35.36 -48.07
N ALA A 11 -2.43 -34.46 -48.06
CA ALA A 11 -3.72 -34.73 -47.43
C ALA A 11 -4.45 -35.90 -48.07
N SER A 12 -4.07 -36.29 -49.28
CA SER A 12 -4.63 -37.48 -49.90
C SER A 12 -3.82 -38.73 -49.52
N ILE A 13 -2.50 -38.66 -49.68
CA ILE A 13 -1.63 -39.81 -49.46
C ILE A 13 -1.73 -40.30 -48.03
N PHE A 14 -1.83 -39.37 -47.07
CA PHE A 14 -1.82 -39.79 -45.67
C PHE A 14 -3.21 -40.15 -45.15
N LEU A 15 -4.27 -39.57 -45.72
CA LEU A 15 -5.61 -39.73 -45.17
C LEU A 15 -6.46 -40.72 -45.95
N THR A 16 -6.53 -40.60 -47.27
CA THR A 16 -7.40 -41.47 -48.04
C THR A 16 -6.78 -42.83 -48.34
N LYS A 17 -5.49 -43.03 -48.04
CA LYS A 17 -4.77 -44.24 -48.40
C LYS A 17 -4.90 -44.54 -49.90
N SER A 18 -5.08 -43.49 -50.68
CA SER A 18 -5.41 -43.54 -52.10
C SER A 18 -4.47 -42.66 -52.90
N THR A 19 -3.17 -42.84 -52.72
CA THR A 19 -2.19 -41.94 -53.32
C THR A 19 -2.17 -42.10 -54.84
N LYS A 20 -3.30 -41.74 -55.45
CA LYS A 20 -3.49 -41.80 -56.89
C LYS A 20 -3.00 -40.49 -57.51
N LEU A 21 -3.16 -40.37 -58.83
CA LEU A 21 -2.83 -39.14 -59.53
C LEU A 21 -3.80 -38.96 -60.69
N THR A 22 -4.28 -37.74 -60.84
CA THR A 22 -5.32 -37.41 -61.81
C THR A 22 -4.87 -36.25 -62.68
N CYS A 23 -5.26 -36.31 -63.96
CA CYS A 23 -5.05 -35.23 -64.91
C CYS A 23 -6.38 -34.85 -65.51
N LEU A 24 -6.72 -33.56 -65.46
CA LEU A 24 -8.02 -33.07 -65.87
C LEU A 24 -7.90 -32.22 -67.14
N VAL A 25 -8.91 -32.34 -68.00
CA VAL A 25 -8.97 -31.60 -69.25
C VAL A 25 -10.09 -30.57 -69.16
N THR A 26 -9.89 -29.43 -69.84
CA THR A 26 -10.87 -28.36 -69.86
C THR A 26 -10.58 -27.47 -71.06
N ASP A 27 -11.45 -26.48 -71.26
CA ASP A 27 -11.31 -25.48 -72.33
C ASP A 27 -11.35 -26.12 -73.71
N LEU A 28 -11.91 -27.32 -73.82
CA LEU A 28 -12.04 -28.00 -75.09
C LEU A 28 -13.50 -27.98 -75.54
N THR A 29 -13.77 -28.61 -76.68
CA THR A 29 -15.12 -28.71 -77.22
C THR A 29 -15.84 -29.93 -76.65
N THR A 30 -17.17 -29.88 -76.67
CA THR A 30 -17.99 -30.97 -76.17
C THR A 30 -17.96 -32.11 -77.17
N TYR A 31 -17.07 -33.07 -76.93
CA TYR A 31 -16.91 -34.22 -77.82
C TYR A 31 -16.59 -35.44 -76.98
N ASP A 32 -16.46 -36.59 -77.66
CA ASP A 32 -16.20 -37.85 -76.98
C ASP A 32 -14.97 -38.54 -77.55
N SER A 33 -14.75 -39.79 -77.16
CA SER A 33 -13.59 -40.58 -77.60
C SER A 33 -12.28 -39.87 -77.29
N VAL A 34 -12.21 -39.29 -76.10
CA VAL A 34 -10.99 -38.66 -75.61
C VAL A 34 -10.09 -39.74 -75.02
N THR A 35 -8.86 -39.82 -75.53
CA THR A 35 -7.90 -40.85 -75.10
C THR A 35 -6.96 -40.21 -74.09
N ILE A 36 -7.34 -40.28 -72.81
CA ILE A 36 -6.55 -39.73 -71.72
C ILE A 36 -5.98 -40.92 -70.95
N SER A 37 -4.65 -41.06 -70.95
CA SER A 37 -3.99 -42.23 -70.42
C SER A 37 -2.82 -41.84 -69.52
N TRP A 38 -2.66 -42.59 -68.42
CA TRP A 38 -1.53 -42.44 -67.52
C TRP A 38 -0.49 -43.51 -67.82
N THR A 39 0.78 -43.11 -67.88
CA THR A 39 1.88 -44.04 -68.12
C THR A 39 3.05 -43.69 -67.20
N ARG A 40 3.92 -44.67 -67.00
CA ARG A 40 5.13 -44.49 -66.23
C ARG A 40 6.22 -43.91 -67.15
N GLN A 41 7.43 -43.74 -66.65
CA GLN A 41 8.53 -43.20 -67.43
C GLN A 41 9.13 -44.21 -68.38
N ASN A 42 8.75 -45.48 -68.27
CA ASN A 42 9.25 -46.53 -69.15
C ASN A 42 8.36 -46.79 -70.35
N GLY A 43 7.24 -46.07 -70.49
CA GLY A 43 6.31 -46.28 -71.57
C GLY A 43 5.23 -47.31 -71.30
N GLU A 44 5.31 -48.03 -70.20
CA GLU A 44 4.29 -49.02 -69.87
C GLU A 44 3.02 -48.34 -69.38
N ALA A 45 1.89 -49.02 -69.61
CA ALA A 45 0.58 -48.51 -69.23
C ALA A 45 0.22 -48.97 -67.81
N VAL A 46 -0.62 -48.17 -67.16
CA VAL A 46 -1.08 -48.48 -65.80
C VAL A 46 -2.60 -48.55 -65.80
N LYS A 47 -3.19 -48.75 -64.62
CA LYS A 47 -4.63 -48.88 -64.52
C LYS A 47 -5.33 -47.59 -64.94
N THR A 48 -6.54 -47.74 -65.46
CA THR A 48 -7.31 -46.63 -66.02
C THR A 48 -8.26 -46.06 -64.96
N HIS A 49 -9.11 -45.13 -65.39
CA HIS A 49 -10.04 -44.44 -64.53
C HIS A 49 -11.47 -44.91 -64.83
N THR A 50 -12.44 -44.25 -64.18
CA THR A 50 -13.84 -44.60 -64.34
C THR A 50 -14.70 -43.39 -63.98
N ASN A 51 -15.98 -43.49 -64.32
CA ASN A 51 -16.99 -42.47 -63.98
C ASN A 51 -16.59 -41.12 -64.58
N ILE A 52 -16.61 -41.09 -65.92
CA ILE A 52 -16.32 -39.87 -66.67
C ILE A 52 -17.31 -38.78 -66.26
N SER A 53 -16.79 -37.59 -65.94
CA SER A 53 -17.62 -36.51 -65.44
C SER A 53 -18.48 -35.91 -66.54
N GLU A 54 -19.24 -34.88 -66.18
CA GLU A 54 -20.15 -34.20 -67.09
C GLU A 54 -19.61 -32.81 -67.42
N SER A 55 -20.10 -32.25 -68.52
CA SER A 55 -19.63 -30.95 -69.00
C SER A 55 -20.03 -29.84 -68.04
N HIS A 56 -19.46 -28.66 -68.27
CA HIS A 56 -19.69 -27.47 -67.46
C HIS A 56 -20.77 -26.60 -68.09
N PRO A 57 -21.49 -25.81 -67.28
CA PRO A 57 -22.46 -24.86 -67.85
C PRO A 57 -21.83 -23.81 -68.76
N ASN A 58 -20.51 -23.62 -68.70
CA ASN A 58 -19.81 -22.70 -69.57
C ASN A 58 -19.66 -23.23 -70.99
N ALA A 59 -20.38 -24.29 -71.36
CA ALA A 59 -20.30 -24.92 -72.67
C ALA A 59 -18.89 -25.42 -72.96
N THR A 60 -18.24 -25.93 -71.91
CA THR A 60 -16.92 -26.55 -72.04
C THR A 60 -16.95 -27.89 -71.32
N PHE A 61 -16.26 -28.88 -71.87
CA PHE A 61 -16.26 -30.21 -71.30
C PHE A 61 -15.17 -30.34 -70.24
N SER A 62 -15.35 -31.31 -69.35
CA SER A 62 -14.38 -31.60 -68.30
C SER A 62 -14.33 -33.11 -68.07
N ALA A 63 -13.12 -33.66 -68.10
CA ALA A 63 -12.91 -35.07 -67.87
C ALA A 63 -11.63 -35.25 -67.07
N VAL A 64 -11.50 -36.40 -66.41
CA VAL A 64 -10.38 -36.67 -65.51
C VAL A 64 -9.86 -38.08 -65.78
N GLY A 65 -8.54 -38.22 -65.84
CA GLY A 65 -7.90 -39.51 -65.94
C GLY A 65 -7.10 -39.82 -64.70
N GLU A 66 -7.34 -41.00 -64.10
CA GLU A 66 -6.84 -41.34 -62.78
C GLU A 66 -6.01 -42.61 -62.84
N ALA A 67 -4.96 -42.66 -62.02
CA ALA A 67 -4.13 -43.85 -61.90
C ALA A 67 -3.73 -44.05 -60.44
N SER A 68 -3.85 -45.28 -59.95
CA SER A 68 -3.52 -45.59 -58.56
C SER A 68 -2.12 -46.18 -58.47
N ILE A 69 -1.26 -45.54 -57.67
CA ILE A 69 0.12 -45.96 -57.49
C ILE A 69 0.36 -46.15 -55.99
N CYS A 70 1.47 -46.78 -55.62
CA CYS A 70 1.83 -47.03 -54.23
C CYS A 70 2.74 -45.92 -53.71
N GLU A 71 2.74 -45.77 -52.37
CA GLU A 71 3.42 -44.64 -51.73
C GLU A 71 4.93 -44.67 -51.94
N ASP A 72 5.55 -45.86 -51.86
CA ASP A 72 6.99 -45.95 -52.01
C ASP A 72 7.44 -45.53 -53.40
N ASP A 73 6.60 -45.76 -54.42
CA ASP A 73 6.90 -45.26 -55.75
C ASP A 73 6.91 -43.74 -55.79
N TRP A 74 5.96 -43.11 -55.09
CA TRP A 74 5.93 -41.64 -55.01
C TRP A 74 7.14 -41.10 -54.27
N ASN A 75 7.55 -41.74 -53.18
CA ASN A 75 8.66 -41.23 -52.39
C ASN A 75 10.01 -41.46 -53.07
N SER A 76 10.03 -42.12 -54.23
CA SER A 76 11.26 -42.36 -54.95
C SER A 76 11.53 -41.34 -56.05
N GLY A 77 10.51 -40.61 -56.49
CA GLY A 77 10.69 -39.59 -57.51
C GLY A 77 10.64 -40.13 -58.93
N GLU A 78 9.53 -40.76 -59.29
CA GLU A 78 9.34 -41.33 -60.62
C GLU A 78 8.53 -40.36 -61.48
N ARG A 79 8.87 -40.32 -62.77
CA ARG A 79 8.27 -39.36 -63.70
C ARG A 79 7.10 -40.02 -64.43
N PHE A 80 5.89 -39.79 -63.90
CA PHE A 80 4.68 -40.25 -64.55
C PHE A 80 4.21 -39.22 -65.57
N THR A 81 3.54 -39.71 -66.62
CA THR A 81 3.12 -38.86 -67.72
C THR A 81 1.67 -39.14 -68.08
N CYS A 82 0.86 -38.10 -68.15
CA CYS A 82 -0.51 -38.18 -68.63
C CYS A 82 -0.55 -37.66 -70.06
N THR A 83 -1.02 -38.49 -70.98
CA THR A 83 -1.09 -38.14 -72.40
C THR A 83 -2.55 -38.05 -72.82
N VAL A 84 -2.89 -36.99 -73.53
CA VAL A 84 -4.23 -36.77 -74.04
C VAL A 84 -4.18 -36.77 -75.57
N THR A 85 -5.04 -37.58 -76.18
CA THR A 85 -5.14 -37.70 -77.63
C THR A 85 -6.58 -37.47 -78.03
N HIS A 86 -6.79 -36.62 -79.03
CA HIS A 86 -8.12 -36.26 -79.48
C HIS A 86 -8.04 -35.80 -80.93
N THR A 87 -9.20 -35.79 -81.59
CA THR A 87 -9.30 -35.30 -82.95
C THR A 87 -9.01 -33.80 -83.06
N ASP A 88 -9.27 -33.04 -81.99
CA ASP A 88 -9.04 -31.60 -82.02
C ASP A 88 -7.56 -31.27 -82.24
N LEU A 89 -6.67 -32.00 -81.57
CA LEU A 89 -5.24 -31.74 -81.68
C LEU A 89 -4.55 -32.90 -82.37
N PRO A 90 -3.88 -32.67 -83.50
CA PRO A 90 -3.19 -33.77 -84.19
C PRO A 90 -2.05 -34.38 -83.39
N SER A 91 -1.49 -33.65 -82.44
CA SER A 91 -0.39 -34.15 -81.62
C SER A 91 -0.87 -34.34 -80.18
N PRO A 92 -0.80 -35.55 -79.63
CA PRO A 92 -1.19 -35.75 -78.23
C PRO A 92 -0.35 -34.90 -77.30
N LEU A 93 -0.99 -34.35 -76.27
CA LEU A 93 -0.33 -33.46 -75.33
C LEU A 93 0.05 -34.25 -74.07
N LYS A 94 1.30 -34.09 -73.64
CA LYS A 94 1.82 -34.81 -72.49
C LYS A 94 2.05 -33.86 -71.31
N GLN A 95 1.78 -34.36 -70.11
CA GLN A 95 2.02 -33.62 -68.88
C GLN A 95 2.77 -34.53 -67.91
N THR A 96 3.76 -33.96 -67.23
CA THR A 96 4.65 -34.74 -66.37
C THR A 96 4.40 -34.41 -64.91
N ILE A 97 4.32 -35.46 -64.08
CA ILE A 97 4.20 -35.33 -62.63
C ILE A 97 5.26 -36.21 -61.99
N SER A 98 6.03 -35.65 -61.06
CA SER A 98 7.07 -36.39 -60.37
C SER A 98 7.33 -35.72 -59.02
N ARG A 99 8.28 -36.25 -58.28
CA ARG A 99 8.67 -35.72 -56.98
C ARG A 99 10.13 -35.31 -57.01
N PRO A 100 10.45 -34.02 -57.05
CA PRO A 100 11.86 -33.59 -57.07
C PRO A 100 12.51 -33.80 -55.71
N LYS A 101 13.37 -34.80 -55.62
CA LYS A 101 14.03 -35.13 -54.36
C LYS A 101 15.31 -34.33 -54.20
N GLY A 102 15.62 -33.97 -52.96
CA GLY A 102 16.78 -33.16 -52.67
C GLY A 102 16.44 -31.90 -51.92
N VAL A 103 15.18 -31.85 -51.49
CA VAL A 103 14.61 -30.74 -50.75
C VAL A 103 14.51 -31.13 -49.30
N ALA A 104 14.92 -30.25 -48.40
CA ALA A 104 14.86 -30.54 -46.98
C ALA A 104 13.44 -30.56 -46.46
N LEU A 105 13.23 -31.21 -45.33
CA LEU A 105 11.91 -31.23 -44.76
C LEU A 105 11.91 -30.51 -43.44
N HIS A 106 11.22 -29.39 -43.39
CA HIS A 106 11.16 -28.61 -42.17
C HIS A 106 9.78 -28.65 -41.55
N ARG A 107 9.74 -28.53 -40.26
CA ARG A 107 8.49 -28.61 -39.58
C ARG A 107 7.81 -27.30 -39.51
N PRO A 108 6.57 -27.25 -39.89
CA PRO A 108 5.81 -25.99 -39.84
C PRO A 108 5.65 -25.51 -38.40
N ASP A 109 5.62 -24.19 -38.25
CA ASP A 109 5.30 -23.54 -36.99
C ASP A 109 3.95 -22.86 -37.15
N VAL A 110 3.03 -23.14 -36.23
CA VAL A 110 1.63 -22.72 -36.34
C VAL A 110 1.38 -21.61 -35.34
N TYR A 111 0.94 -20.46 -35.83
CA TYR A 111 0.68 -19.28 -35.02
C TYR A 111 -0.78 -18.88 -35.20
N LEU A 112 -1.51 -18.79 -34.10
CA LEU A 112 -2.94 -18.47 -34.15
C LEU A 112 -3.13 -17.05 -33.64
N LEU A 113 -3.32 -16.11 -34.57
CA LEU A 113 -3.51 -14.70 -34.24
C LEU A 113 -5.00 -14.38 -34.17
N PRO A 114 -5.46 -13.83 -33.05
CA PRO A 114 -6.87 -13.46 -32.93
C PRO A 114 -7.15 -12.16 -33.67
N PRO A 115 -8.42 -11.79 -33.84
CA PRO A 115 -8.73 -10.55 -34.55
C PRO A 115 -8.24 -9.33 -33.77
N ALA A 116 -7.94 -8.26 -34.51
CA ALA A 116 -7.41 -7.04 -33.92
C ALA A 116 -8.46 -6.36 -33.04
N ARG A 117 -7.97 -5.48 -32.16
CA ARG A 117 -8.86 -4.78 -31.24
C ARG A 117 -9.86 -3.90 -31.99
N GLU A 118 -9.39 -3.11 -32.95
CA GLU A 118 -10.27 -2.24 -33.70
C GLU A 118 -11.23 -3.00 -34.61
N GLN A 119 -10.93 -4.27 -34.91
CA GLN A 119 -11.88 -5.07 -35.66
C GLN A 119 -13.06 -5.50 -34.81
N LEU A 120 -12.85 -5.70 -33.51
CA LEU A 120 -13.95 -5.98 -32.58
C LEU A 120 -14.50 -4.70 -31.97
N ASN A 121 -14.76 -3.73 -32.83
CA ASN A 121 -15.43 -2.48 -32.47
C ASN A 121 -16.58 -2.16 -33.40
N LEU A 122 -16.45 -2.48 -34.69
CA LEU A 122 -17.55 -2.30 -35.64
C LEU A 122 -18.69 -3.27 -35.36
N ARG A 123 -18.45 -4.32 -34.59
CA ARG A 123 -19.47 -5.30 -34.22
C ARG A 123 -20.11 -5.93 -35.46
N GLU A 124 -19.28 -6.28 -36.42
CA GLU A 124 -19.76 -6.89 -37.65
C GLU A 124 -19.16 -8.27 -37.92
N SER A 125 -17.86 -8.43 -37.71
CA SER A 125 -17.21 -9.71 -38.00
C SER A 125 -15.83 -9.72 -37.36
N ALA A 126 -15.32 -10.93 -37.11
CA ALA A 126 -13.99 -11.13 -36.55
C ALA A 126 -13.24 -12.14 -37.41
N THR A 127 -11.95 -11.87 -37.64
CA THR A 127 -11.11 -12.71 -38.48
C THR A 127 -9.98 -13.28 -37.63
N ILE A 128 -9.89 -14.61 -37.58
CA ILE A 128 -8.80 -15.30 -36.89
C ILE A 128 -7.87 -15.87 -37.94
N THR A 129 -6.57 -15.65 -37.78
CA THR A 129 -5.60 -16.02 -38.80
C THR A 129 -4.68 -17.12 -38.29
N CYS A 130 -4.64 -18.23 -39.02
CA CYS A 130 -3.71 -19.31 -38.74
C CYS A 130 -2.55 -19.21 -39.72
N LEU A 131 -1.37 -18.91 -39.20
CA LEU A 131 -0.17 -18.68 -40.01
C LEU A 131 0.81 -19.83 -39.79
N VAL A 132 1.15 -20.52 -40.87
CA VAL A 132 2.09 -21.63 -40.79
C VAL A 132 3.37 -21.19 -41.51
N THR A 133 4.48 -21.16 -40.77
CA THR A 133 5.75 -20.68 -41.28
C THR A 133 6.81 -21.76 -41.26
N GLY A 134 7.81 -21.62 -42.13
CA GLY A 134 8.98 -22.46 -42.11
C GLY A 134 8.83 -23.81 -42.77
N PHE A 135 7.63 -24.20 -43.15
CA PHE A 135 7.39 -25.54 -43.69
C PHE A 135 7.92 -25.65 -45.12
N SER A 136 8.48 -26.80 -45.43
CA SER A 136 8.96 -27.12 -46.77
C SER A 136 8.83 -28.62 -46.98
N PRO A 137 8.32 -29.06 -48.13
CA PRO A 137 7.86 -28.21 -49.24
C PRO A 137 6.44 -27.68 -49.06
N ALA A 138 5.82 -27.26 -50.16
CA ALA A 138 4.50 -26.66 -50.14
C ALA A 138 3.43 -27.75 -50.04
N ASP A 139 2.18 -27.38 -50.31
CA ASP A 139 1.04 -28.29 -50.30
C ASP A 139 0.80 -28.87 -48.90
N VAL A 140 0.52 -27.95 -47.97
CA VAL A 140 0.16 -28.34 -46.62
C VAL A 140 -1.36 -28.29 -46.45
N PHE A 141 -1.89 -29.14 -45.56
CA PHE A 141 -3.33 -29.23 -45.35
C PHE A 141 -3.72 -28.52 -44.06
N VAL A 142 -4.69 -27.62 -44.15
CA VAL A 142 -5.10 -26.82 -43.00
C VAL A 142 -6.62 -26.79 -42.95
N GLN A 143 -7.18 -26.85 -41.74
CA GLN A 143 -8.62 -26.69 -41.55
C GLN A 143 -8.90 -26.18 -40.14
N TRP A 144 -10.17 -25.84 -39.91
CA TRP A 144 -10.59 -25.20 -38.68
C TRP A 144 -11.66 -26.05 -38.00
N MET A 145 -11.69 -26.02 -36.68
CA MET A 145 -12.70 -26.72 -35.89
C MET A 145 -13.30 -25.75 -34.88
N GLN A 146 -14.62 -25.87 -34.66
CA GLN A 146 -15.38 -25.03 -33.76
C GLN A 146 -16.04 -25.91 -32.71
N ARG A 147 -15.52 -25.86 -31.49
CA ARG A 147 -16.00 -26.71 -30.39
C ARG A 147 -15.90 -28.19 -30.76
N GLY A 148 -14.74 -28.58 -31.28
CA GLY A 148 -14.46 -29.98 -31.53
C GLY A 148 -15.12 -30.58 -32.76
N GLN A 149 -15.72 -29.77 -33.63
CA GLN A 149 -16.28 -30.28 -34.87
C GLN A 149 -15.81 -29.42 -36.04
N PRO A 150 -15.52 -30.01 -37.19
CA PRO A 150 -14.95 -29.22 -38.30
C PRO A 150 -15.99 -28.34 -38.99
N LEU A 151 -15.52 -27.40 -39.80
CA LEU A 151 -16.39 -26.50 -40.54
C LEU A 151 -16.18 -26.69 -42.03
N SER A 152 -17.18 -26.28 -42.80
CA SER A 152 -17.11 -26.35 -44.25
C SER A 152 -16.12 -25.31 -44.78
N PRO A 153 -15.60 -25.53 -46.00
CA PRO A 153 -14.63 -24.56 -46.55
C PRO A 153 -15.29 -23.29 -47.05
N GLU A 154 -16.57 -23.09 -46.71
CA GLU A 154 -17.30 -21.90 -47.10
C GLU A 154 -17.15 -20.76 -46.12
N LYS A 155 -16.38 -20.93 -45.04
CA LYS A 155 -16.24 -19.90 -44.02
C LYS A 155 -14.78 -19.52 -43.78
N TYR A 156 -13.86 -20.39 -44.17
CA TYR A 156 -12.44 -20.12 -44.05
C TYR A 156 -11.76 -20.24 -45.41
N VAL A 157 -10.78 -19.37 -45.63
CA VAL A 157 -10.05 -19.32 -46.89
C VAL A 157 -8.56 -19.41 -46.59
N THR A 158 -7.88 -20.36 -47.23
CA THR A 158 -6.44 -20.51 -47.09
C THR A 158 -5.73 -19.86 -48.28
N SER A 159 -4.46 -19.57 -48.10
CA SER A 159 -3.65 -18.94 -49.14
C SER A 159 -2.62 -19.92 -49.68
N ALA A 160 -2.19 -19.67 -50.92
CA ALA A 160 -1.18 -20.50 -51.54
C ALA A 160 0.16 -20.33 -50.83
N PRO A 161 0.96 -21.40 -50.74
CA PRO A 161 2.25 -21.30 -50.06
C PRO A 161 3.23 -20.40 -50.80
N MET A 162 3.64 -19.30 -50.15
CA MET A 162 4.54 -18.32 -50.73
C MET A 162 5.91 -18.41 -50.07
N PRO A 163 6.96 -18.02 -50.78
CA PRO A 163 8.32 -18.09 -50.21
C PRO A 163 8.48 -17.13 -49.04
N GLU A 164 9.58 -17.35 -48.30
CA GLU A 164 9.90 -16.60 -47.10
C GLU A 164 11.09 -15.68 -47.36
N PRO A 165 11.06 -14.44 -46.82
CA PRO A 165 12.13 -13.47 -47.14
C PRO A 165 13.53 -13.94 -46.81
N GLN A 166 13.78 -14.29 -45.54
CA GLN A 166 15.12 -14.64 -45.10
C GLN A 166 15.42 -16.13 -45.25
N ALA A 167 14.47 -16.92 -45.71
CA ALA A 167 14.71 -18.36 -45.81
C ALA A 167 15.10 -18.75 -47.24
N PRO A 168 16.03 -19.69 -47.37
CA PRO A 168 16.42 -20.16 -48.71
C PRO A 168 15.28 -20.82 -49.45
N GLY A 169 14.60 -21.78 -48.81
CA GLY A 169 13.54 -22.51 -49.45
C GLY A 169 12.32 -22.75 -48.60
N ARG A 170 12.33 -22.26 -47.37
CA ARG A 170 11.15 -22.37 -46.51
C ARG A 170 10.05 -21.44 -47.00
N TYR A 171 8.81 -21.79 -46.66
CA TYR A 171 7.64 -21.08 -47.15
C TYR A 171 6.79 -20.60 -45.98
N PHE A 172 5.62 -20.06 -46.31
CA PHE A 172 4.64 -19.67 -45.30
C PHE A 172 3.27 -19.63 -45.96
N ALA A 173 2.24 -19.76 -45.13
CA ALA A 173 0.87 -19.77 -45.61
C ALA A 173 -0.04 -19.18 -44.55
N HIS A 174 -1.13 -18.58 -45.02
CA HIS A 174 -2.14 -17.94 -44.18
C HIS A 174 -3.49 -18.60 -44.40
N SER A 175 -4.25 -18.75 -43.33
CA SER A 175 -5.62 -19.23 -43.42
C SER A 175 -6.50 -18.35 -42.54
N ILE A 176 -7.39 -17.59 -43.16
CA ILE A 176 -8.25 -16.68 -42.41
C ILE A 176 -9.61 -17.35 -42.23
N LEU A 177 -10.18 -17.16 -41.04
CA LEU A 177 -11.53 -17.63 -40.76
C LEU A 177 -12.33 -16.45 -40.22
N THR A 178 -13.44 -16.16 -40.89
CA THR A 178 -14.31 -15.03 -40.54
C THR A 178 -15.55 -15.56 -39.85
N VAL A 179 -15.89 -14.97 -38.71
CA VAL A 179 -17.05 -15.38 -37.92
C VAL A 179 -17.78 -14.14 -37.46
N SER A 180 -19.02 -14.34 -37.00
CA SER A 180 -19.81 -13.23 -36.48
C SER A 180 -19.18 -12.70 -35.19
N GLU A 181 -19.35 -11.40 -34.97
CA GLU A 181 -18.69 -10.75 -33.84
C GLU A 181 -19.18 -11.30 -32.51
N GLU A 182 -20.50 -11.51 -32.38
CA GLU A 182 -21.03 -12.04 -31.13
C GLU A 182 -20.75 -13.53 -30.96
N GLU A 183 -20.34 -14.22 -32.02
CA GLU A 183 -19.96 -15.62 -31.94
C GLU A 183 -18.58 -15.82 -31.33
N TRP A 184 -17.80 -14.74 -31.18
CA TRP A 184 -16.46 -14.82 -30.63
C TRP A 184 -16.35 -14.26 -29.22
N ASN A 185 -17.26 -13.36 -28.83
CA ASN A 185 -17.20 -12.72 -27.53
C ASN A 185 -17.68 -13.62 -26.40
N THR A 186 -18.61 -14.52 -26.65
CA THR A 186 -19.19 -15.35 -25.60
C THR A 186 -18.35 -16.58 -25.26
N GLY A 187 -17.27 -16.81 -26.00
CA GLY A 187 -16.49 -18.01 -25.85
C GLY A 187 -16.28 -18.68 -27.19
N GLU A 188 -16.80 -19.90 -27.34
CA GLU A 188 -16.83 -20.59 -28.63
C GLU A 188 -15.41 -20.74 -29.19
N THR A 189 -14.61 -21.52 -28.46
CA THR A 189 -13.18 -21.67 -28.75
C THR A 189 -12.99 -22.21 -30.16
N TYR A 190 -12.10 -21.59 -30.92
CA TYR A 190 -11.73 -22.07 -32.25
C TYR A 190 -10.37 -22.73 -32.23
N THR A 191 -10.20 -23.73 -33.09
CA THR A 191 -8.92 -24.42 -33.23
C THR A 191 -8.54 -24.48 -34.70
N CYS A 192 -7.26 -24.30 -34.99
CA CYS A 192 -6.70 -24.50 -36.32
C CYS A 192 -5.83 -25.75 -36.29
N VAL A 193 -6.16 -26.72 -37.12
CA VAL A 193 -5.41 -27.98 -37.19
C VAL A 193 -4.77 -28.09 -38.56
N VAL A 194 -3.48 -28.43 -38.57
CA VAL A 194 -2.70 -28.47 -39.78
C VAL A 194 -1.98 -29.82 -39.85
N ALA A 195 -1.63 -30.20 -41.09
CA ALA A 195 -1.01 -31.48 -41.33
C ALA A 195 0.00 -31.46 -42.45
N HIS A 196 1.24 -31.24 -42.13
CA HIS A 196 2.27 -31.23 -43.14
C HIS A 196 3.13 -32.42 -42.90
N GLU A 197 3.74 -32.94 -43.94
CA GLU A 197 4.62 -34.07 -43.82
C GLU A 197 5.57 -34.02 -42.71
N ALA A 198 6.35 -32.98 -42.63
CA ALA A 198 7.39 -32.98 -41.63
C ALA A 198 6.99 -33.05 -40.21
N LEU A 199 5.73 -32.90 -39.89
CA LEU A 199 5.43 -32.94 -38.50
C LEU A 199 5.76 -34.34 -37.88
N PRO A 200 6.48 -34.45 -36.71
CA PRO A 200 6.73 -35.79 -36.15
C PRO A 200 5.46 -36.62 -36.03
N ASN A 201 4.34 -36.01 -35.65
CA ASN A 201 3.05 -36.69 -35.63
C ASN A 201 2.23 -36.42 -36.88
N ARG A 202 2.77 -35.65 -37.83
CA ARG A 202 2.18 -35.36 -39.13
C ARG A 202 0.93 -34.49 -38.99
N VAL A 203 0.51 -34.19 -37.76
CA VAL A 203 -0.67 -33.38 -37.50
C VAL A 203 -0.42 -32.61 -36.21
N THR A 204 -0.66 -31.29 -36.23
CA THR A 204 -0.62 -30.48 -35.02
C THR A 204 -1.78 -29.49 -35.06
N GLU A 205 -1.93 -28.74 -33.97
CA GLU A 205 -3.04 -27.80 -33.87
C GLU A 205 -2.71 -26.71 -32.86
N ARG A 206 -3.44 -25.59 -32.97
CA ARG A 206 -3.43 -24.51 -32.01
C ARG A 206 -4.87 -24.07 -31.76
N THR A 207 -5.06 -23.28 -30.71
CA THR A 207 -6.41 -22.94 -30.27
C THR A 207 -6.43 -21.54 -29.67
N VAL A 208 -7.54 -20.84 -29.89
CA VAL A 208 -7.76 -19.52 -29.32
C VAL A 208 -9.22 -19.37 -28.92
N ASP A 209 -9.46 -18.51 -27.93
CA ASP A 209 -10.80 -18.10 -27.52
C ASP A 209 -10.74 -16.64 -27.09
N LYS A 210 -11.88 -16.14 -26.59
CA LYS A 210 -11.95 -14.74 -26.17
C LYS A 210 -11.06 -14.47 -24.95
N SER A 211 -10.89 -15.47 -24.09
CA SER A 211 -10.11 -15.28 -22.86
C SER A 211 -8.63 -15.51 -23.04
N THR A 212 -8.18 -15.90 -24.25
CA THR A 212 -6.77 -16.21 -24.47
C THR A 212 -6.06 -15.25 -25.42
N GLY A 213 -6.70 -14.83 -26.51
CA GLY A 213 -6.02 -14.00 -27.49
C GLY A 213 -5.99 -12.53 -27.13
N LYS A 214 -4.82 -12.06 -26.70
CA LYS A 214 -4.61 -10.68 -26.26
C LYS A 214 -5.66 -10.26 -25.25
N PRO A 215 -5.65 -10.85 -24.06
CA PRO A 215 -6.71 -10.56 -23.08
C PRO A 215 -6.49 -9.22 -22.38
N THR A 216 -7.61 -8.66 -21.91
CA THR A 216 -7.60 -7.42 -21.14
C THR A 216 -7.97 -7.65 -19.69
N LEU A 217 -7.83 -8.89 -19.20
CA LEU A 217 -8.23 -9.20 -17.83
C LEU A 217 -7.50 -10.47 -17.40
N TYR A 218 -6.64 -10.35 -16.39
CA TYR A 218 -6.04 -11.51 -15.74
C TYR A 218 -6.77 -11.81 -14.43
N ASN A 219 -7.95 -12.41 -14.58
CA ASN A 219 -8.82 -12.71 -13.44
C ASN A 219 -8.27 -13.89 -12.66
N VAL A 220 -7.52 -13.61 -11.59
CA VAL A 220 -6.83 -14.64 -10.82
C VAL A 220 -7.47 -14.74 -9.44
N SER A 221 -7.67 -15.97 -8.98
CA SER A 221 -8.25 -16.25 -7.67
C SER A 221 -7.47 -17.36 -6.98
N LEU A 222 -6.14 -17.27 -7.01
CA LEU A 222 -5.29 -18.30 -6.45
C LEU A 222 -5.42 -18.34 -4.93
N VAL A 223 -5.55 -19.54 -4.38
CA VAL A 223 -5.69 -19.74 -2.94
C VAL A 223 -4.62 -20.73 -2.48
N MET A 224 -3.99 -20.44 -1.34
CA MET A 224 -2.96 -21.28 -0.77
C MET A 224 -3.33 -21.59 0.67
N SER A 225 -3.37 -22.88 1.00
CA SER A 225 -3.80 -23.33 2.32
C SER A 225 -2.80 -24.34 2.86
N ASP A 226 -2.84 -24.52 4.19
CA ASP A 226 -1.95 -25.46 4.88
C ASP A 226 -0.49 -25.13 4.61
N THR A 227 -0.10 -23.90 4.93
CA THR A 227 1.27 -23.45 4.68
C THR A 227 2.28 -24.25 5.50
N ALA A 228 1.99 -24.51 6.78
CA ALA A 228 2.92 -25.25 7.61
C ALA A 228 2.89 -26.74 7.27
N GLY A 229 1.74 -27.38 7.46
CA GLY A 229 1.52 -28.78 7.15
C GLY A 229 2.54 -29.73 7.76
N THR A 230 2.59 -30.93 7.17
CA THR A 230 3.54 -31.95 7.58
C THR A 230 4.15 -32.55 6.33
N ILE B 1 2.18 -13.27 -83.64
CA ILE B 1 2.24 -12.17 -84.60
C ILE B 1 1.37 -11.01 -84.15
N ARG B 2 1.20 -10.88 -82.83
CA ARG B 2 0.26 -9.92 -82.28
C ARG B 2 0.99 -8.80 -81.54
N VAL B 3 0.20 -7.82 -81.10
CA VAL B 3 0.68 -6.73 -80.26
C VAL B 3 -0.29 -6.59 -79.10
N PHE B 4 0.22 -6.69 -77.88
CA PHE B 4 -0.58 -6.58 -76.67
C PHE B 4 -0.28 -5.26 -75.97
N ALA B 5 -1.09 -4.92 -74.98
CA ALA B 5 -0.97 -3.67 -74.26
C ALA B 5 -0.87 -3.92 -72.77
N ILE B 6 0.04 -3.20 -72.12
CA ILE B 6 0.26 -3.29 -70.68
C ILE B 6 0.07 -1.89 -70.09
N PRO B 7 -0.94 -1.68 -69.26
CA PRO B 7 -1.12 -0.39 -68.60
C PRO B 7 -0.34 -0.34 -67.30
N PRO B 8 0.01 0.85 -66.82
CA PRO B 8 0.66 0.95 -65.50
C PRO B 8 -0.37 0.69 -64.40
N SER B 9 -0.10 -0.34 -63.60
CA SER B 9 -1.01 -0.70 -62.53
C SER B 9 -1.09 0.41 -61.48
N PHE B 10 -2.15 0.39 -60.68
CA PHE B 10 -2.32 1.40 -59.64
C PHE B 10 -1.17 1.36 -58.63
N ALA B 11 -0.56 0.20 -58.42
CA ALA B 11 0.64 0.12 -57.59
C ALA B 11 1.83 0.82 -58.23
N SER B 12 1.81 1.05 -59.54
CA SER B 12 2.81 1.85 -60.21
C SER B 12 2.39 3.30 -60.41
N ILE B 13 1.09 3.56 -60.56
CA ILE B 13 0.60 4.93 -60.58
C ILE B 13 0.90 5.60 -59.24
N PHE B 14 0.66 4.88 -58.15
CA PHE B 14 0.94 5.43 -56.82
C PHE B 14 2.43 5.55 -56.56
N LEU B 15 3.25 4.70 -57.17
CA LEU B 15 4.68 4.69 -56.93
C LEU B 15 5.46 5.58 -57.89
N THR B 16 5.32 5.37 -59.20
CA THR B 16 6.08 6.13 -60.17
C THR B 16 5.64 7.58 -60.29
N LYS B 17 4.34 7.85 -60.18
CA LYS B 17 3.77 9.19 -60.30
C LYS B 17 4.03 9.77 -61.69
N SER B 18 4.45 8.91 -62.63
CA SER B 18 4.82 9.31 -63.97
C SER B 18 4.18 8.35 -64.97
N THR B 19 2.86 8.17 -64.85
CA THR B 19 2.10 7.15 -65.57
C THR B 19 2.59 6.94 -66.99
N LYS B 20 2.81 5.67 -67.34
CA LYS B 20 3.40 5.30 -68.63
C LYS B 20 2.83 3.95 -69.03
N LEU B 21 2.05 3.92 -70.10
CA LEU B 21 1.45 2.70 -70.61
C LEU B 21 2.21 2.25 -71.85
N THR B 22 2.42 0.94 -71.97
CA THR B 22 3.27 0.41 -73.03
C THR B 22 2.49 -0.59 -73.89
N CYS B 23 3.02 -0.85 -75.07
CA CYS B 23 2.51 -1.90 -75.94
C CYS B 23 3.68 -2.78 -76.37
N LEU B 24 3.51 -4.08 -76.19
CA LEU B 24 4.54 -5.08 -76.45
C LEU B 24 4.20 -5.86 -77.71
N VAL B 25 5.24 -6.30 -78.40
CA VAL B 25 5.11 -6.98 -79.69
C VAL B 25 5.50 -8.44 -79.49
N THR B 26 4.56 -9.35 -79.81
CA THR B 26 4.75 -10.77 -79.60
C THR B 26 4.83 -11.47 -80.96
N ASP B 27 5.93 -12.19 -81.18
CA ASP B 27 6.12 -13.08 -82.33
C ASP B 27 6.12 -12.30 -83.66
N LEU B 28 6.98 -11.30 -83.73
CA LEU B 28 7.28 -10.61 -84.98
C LEU B 28 8.77 -10.71 -85.28
N THR B 29 9.09 -10.80 -86.57
CA THR B 29 10.46 -11.02 -86.99
C THR B 29 11.36 -9.88 -86.54
N THR B 30 12.61 -10.23 -86.20
CA THR B 30 13.58 -9.28 -85.67
C THR B 30 14.13 -8.43 -86.82
N TYR B 31 13.27 -7.54 -87.31
CA TYR B 31 13.61 -6.62 -88.40
C TYR B 31 13.37 -5.20 -87.94
N ASP B 32 13.95 -4.26 -88.68
CA ASP B 32 13.79 -2.83 -88.41
C ASP B 32 12.59 -2.32 -89.22
N SER B 33 12.45 -0.99 -89.30
CA SER B 33 11.37 -0.35 -90.04
C SER B 33 10.00 -0.74 -89.47
N VAL B 34 9.80 -0.40 -88.20
CA VAL B 34 8.57 -0.69 -87.49
C VAL B 34 7.88 0.62 -87.14
N THR B 35 6.55 0.61 -87.09
CA THR B 35 5.77 1.80 -86.77
C THR B 35 5.29 1.72 -85.34
N ILE B 36 5.50 2.81 -84.59
CA ILE B 36 5.11 2.87 -83.18
C ILE B 36 4.48 4.23 -82.92
N SER B 37 3.32 4.23 -82.25
CA SER B 37 2.62 5.46 -81.92
C SER B 37 1.61 5.19 -80.80
N TRP B 38 1.18 6.27 -80.16
CA TRP B 38 0.11 6.24 -79.15
C TRP B 38 -0.90 7.33 -79.51
N THR B 39 -2.03 6.93 -80.06
CA THR B 39 -3.09 7.86 -80.44
C THR B 39 -4.27 7.74 -79.49
N ARG B 40 -4.69 8.88 -78.93
CA ARG B 40 -5.89 8.92 -78.10
C ARG B 40 -7.12 9.15 -78.97
N GLN B 41 -8.24 9.50 -78.33
CA GLN B 41 -9.52 9.58 -79.01
C GLN B 41 -9.46 10.52 -80.21
N ASN B 42 -8.92 11.73 -80.02
CA ASN B 42 -8.79 12.65 -81.15
C ASN B 42 -7.63 12.29 -82.05
N GLY B 43 -6.68 11.49 -81.56
CA GLY B 43 -5.58 11.01 -82.37
C GLY B 43 -4.37 11.94 -82.45
N GLU B 44 -4.15 12.79 -81.45
CA GLU B 44 -3.01 13.69 -81.49
C GLU B 44 -1.77 13.02 -80.92
N ALA B 45 -0.60 13.49 -81.36
CA ALA B 45 0.67 12.87 -81.03
C ALA B 45 0.95 12.98 -79.53
N VAL B 46 1.90 12.16 -79.08
CA VAL B 46 2.29 12.06 -77.67
C VAL B 46 3.81 12.14 -77.57
N LYS B 47 4.31 11.94 -76.36
CA LYS B 47 5.75 11.95 -76.11
C LYS B 47 6.44 10.86 -76.92
N THR B 48 7.72 11.09 -77.24
CA THR B 48 8.49 10.19 -78.09
C THR B 48 8.64 8.82 -77.43
N HIS B 49 9.04 7.84 -78.24
CA HIS B 49 9.16 6.45 -77.83
C HIS B 49 10.62 6.02 -77.92
N THR B 50 11.13 5.41 -76.86
CA THR B 50 12.53 4.97 -76.78
C THR B 50 12.59 3.53 -76.25
N ASN B 51 13.80 3.09 -75.94
CA ASN B 51 14.08 1.79 -75.32
C ASN B 51 13.60 0.64 -76.22
N ILE B 52 14.23 0.55 -77.38
CA ILE B 52 14.01 -0.58 -78.29
C ILE B 52 14.79 -1.78 -77.79
N SER B 53 14.16 -2.94 -77.81
CA SER B 53 14.73 -4.16 -77.25
C SER B 53 15.79 -4.74 -78.19
N GLU B 54 16.31 -5.90 -77.82
CA GLU B 54 17.37 -6.60 -78.54
C GLU B 54 16.83 -7.86 -79.21
N SER B 55 17.73 -8.60 -79.83
CA SER B 55 17.37 -9.85 -80.49
C SER B 55 17.06 -10.93 -79.44
N HIS B 56 16.24 -11.89 -79.82
CA HIS B 56 15.81 -12.97 -78.95
C HIS B 56 16.02 -14.32 -79.63
N PRO B 57 16.25 -15.38 -78.86
CA PRO B 57 16.53 -16.68 -79.47
C PRO B 57 15.41 -17.21 -80.35
N ASN B 58 14.15 -16.95 -80.00
CA ASN B 58 13.01 -17.46 -80.75
C ASN B 58 12.63 -16.56 -81.91
N ALA B 59 13.53 -15.70 -82.37
CA ALA B 59 13.34 -14.87 -83.55
C ALA B 59 12.09 -14.00 -83.43
N THR B 60 11.94 -13.36 -82.29
CA THR B 60 10.85 -12.41 -82.05
C THR B 60 11.41 -11.02 -81.83
N PHE B 61 10.55 -10.01 -81.98
CA PHE B 61 10.91 -8.63 -81.77
C PHE B 61 9.83 -7.96 -80.92
N SER B 62 10.27 -7.17 -79.95
CA SER B 62 9.36 -6.47 -79.04
C SER B 62 9.68 -4.98 -79.11
N ALA B 63 9.02 -4.29 -80.05
CA ALA B 63 9.18 -2.85 -80.20
C ALA B 63 8.25 -2.14 -79.22
N VAL B 64 8.78 -1.82 -78.05
CA VAL B 64 8.01 -1.21 -76.99
C VAL B 64 8.24 0.30 -77.01
N GLY B 65 7.37 1.04 -76.34
CA GLY B 65 7.47 2.48 -76.29
C GLY B 65 7.04 3.08 -74.97
N GLU B 66 7.88 3.92 -74.38
CA GLU B 66 7.60 4.58 -73.12
C GLU B 66 7.25 6.04 -73.39
N ALA B 67 6.13 6.50 -72.83
CA ALA B 67 5.68 7.86 -73.05
C ALA B 67 5.22 8.46 -71.73
N SER B 68 5.27 9.79 -71.66
CA SER B 68 4.85 10.53 -70.48
C SER B 68 3.48 11.14 -70.72
N ILE B 69 2.50 10.79 -69.88
CA ILE B 69 1.18 11.38 -70.01
C ILE B 69 0.75 11.93 -68.67
N CYS B 70 -0.38 12.59 -68.62
CA CYS B 70 -0.90 13.07 -67.34
C CYS B 70 -1.58 11.92 -66.64
N GLU B 71 -1.58 11.95 -65.32
CA GLU B 71 -2.23 10.90 -64.57
C GLU B 71 -3.72 11.11 -64.66
N ASP B 72 -4.12 12.34 -64.90
CA ASP B 72 -5.53 12.63 -64.97
C ASP B 72 -6.08 12.57 -66.38
N ASP B 73 -5.22 12.36 -67.38
CA ASP B 73 -5.81 12.21 -68.72
C ASP B 73 -6.41 10.83 -68.84
N TRP B 74 -5.94 9.92 -68.00
CA TRP B 74 -6.49 8.60 -68.04
C TRP B 74 -7.79 8.70 -67.30
N ASN B 75 -7.87 9.58 -66.31
CA ASN B 75 -9.11 9.79 -65.59
C ASN B 75 -10.12 10.41 -66.51
N SER B 76 -9.64 11.19 -67.48
CA SER B 76 -10.54 11.74 -68.47
C SER B 76 -11.12 10.66 -69.38
N GLY B 77 -10.38 9.57 -69.57
CA GLY B 77 -10.90 8.46 -70.36
C GLY B 77 -10.42 8.51 -71.80
N GLU B 78 -9.11 8.41 -72.00
CA GLU B 78 -8.57 8.49 -73.34
C GLU B 78 -8.38 7.13 -73.98
N ARG B 79 -9.26 6.76 -74.89
CA ARG B 79 -9.12 5.49 -75.59
C ARG B 79 -7.78 5.52 -76.28
N PHE B 80 -6.88 4.62 -75.91
CA PHE B 80 -5.52 4.68 -76.44
C PHE B 80 -5.28 3.55 -77.43
N THR B 81 -4.55 3.88 -78.51
CA THR B 81 -4.26 2.95 -79.59
C THR B 81 -2.76 2.95 -79.87
N CYS B 82 -2.18 1.74 -79.93
CA CYS B 82 -0.78 1.56 -80.33
C CYS B 82 -0.76 0.92 -81.71
N THR B 83 -0.39 1.69 -82.73
CA THR B 83 -0.38 1.22 -84.11
C THR B 83 0.99 0.63 -84.45
N VAL B 84 0.99 -0.56 -85.03
CA VAL B 84 2.21 -1.27 -85.40
C VAL B 84 2.09 -1.69 -86.86
N THR B 85 3.11 -1.37 -87.65
CA THR B 85 3.18 -1.76 -89.06
C THR B 85 4.56 -2.35 -89.33
N HIS B 86 4.62 -3.67 -89.48
CA HIS B 86 5.86 -4.39 -89.71
C HIS B 86 5.87 -4.96 -91.12
N THR B 87 7.04 -5.42 -91.56
CA THR B 87 7.17 -6.01 -92.89
C THR B 87 6.38 -7.31 -93.01
N ASP B 88 6.42 -8.15 -91.97
CA ASP B 88 5.67 -9.40 -92.00
C ASP B 88 4.17 -9.18 -91.78
N LEU B 89 3.76 -7.96 -91.43
CA LEU B 89 2.35 -7.61 -91.22
C LEU B 89 2.05 -6.39 -92.08
N PRO B 90 1.86 -6.59 -93.39
CA PRO B 90 1.57 -5.44 -94.26
C PRO B 90 0.30 -4.69 -93.89
N SER B 91 -0.72 -5.38 -93.38
CA SER B 91 -1.93 -4.70 -92.93
C SER B 91 -1.75 -4.26 -91.48
N PRO B 92 -1.79 -2.96 -91.20
CA PRO B 92 -1.63 -2.50 -89.82
C PRO B 92 -2.76 -2.97 -88.92
N LEU B 93 -2.41 -3.22 -87.67
CA LEU B 93 -3.37 -3.66 -86.66
C LEU B 93 -3.53 -2.57 -85.60
N LYS B 94 -4.73 -2.45 -85.04
CA LYS B 94 -5.01 -1.45 -84.01
C LYS B 94 -5.14 -2.05 -82.62
N GLN B 95 -4.62 -1.35 -81.60
CA GLN B 95 -4.71 -1.84 -80.23
C GLN B 95 -5.74 -1.03 -79.42
N THR B 96 -6.08 -1.53 -78.24
CA THR B 96 -7.07 -0.85 -77.40
C THR B 96 -6.74 -0.97 -75.92
N ILE B 97 -6.67 0.16 -75.23
CA ILE B 97 -6.31 0.17 -73.80
C ILE B 97 -6.77 1.47 -73.17
N SER B 98 -7.35 1.42 -71.97
CA SER B 98 -7.75 2.65 -71.27
C SER B 98 -8.01 2.41 -69.80
N ARG B 99 -8.53 3.42 -69.11
CA ARG B 99 -8.92 3.24 -67.73
C ARG B 99 -10.31 2.67 -67.91
N PRO B 100 -10.58 1.48 -67.34
CA PRO B 100 -11.85 0.79 -67.60
C PRO B 100 -13.12 1.26 -66.90
N LYS B 101 -14.09 0.37 -66.80
CA LYS B 101 -15.39 0.72 -66.22
C LYS B 101 -15.38 1.00 -64.74
N GLY B 102 -16.41 1.68 -64.27
CA GLY B 102 -16.47 2.02 -62.86
C GLY B 102 -17.00 0.82 -62.12
N VAL B 103 -16.16 0.21 -61.30
CA VAL B 103 -16.59 -0.93 -60.50
C VAL B 103 -17.29 -0.42 -59.24
N ALA B 104 -17.92 -1.29 -58.47
CA ALA B 104 -18.47 -0.83 -57.21
C ALA B 104 -17.24 -0.72 -56.38
N LEU B 105 -16.90 0.47 -55.93
CA LEU B 105 -15.66 0.64 -55.21
C LEU B 105 -15.89 0.51 -53.71
N HIS B 106 -15.19 -0.37 -53.02
CA HIS B 106 -15.33 -0.42 -51.58
C HIS B 106 -14.03 -0.06 -50.91
N ARG B 107 -14.03 0.05 -49.60
CA ARG B 107 -12.86 0.54 -48.93
C ARG B 107 -12.06 -0.49 -48.17
N PRO B 108 -10.76 -0.45 -48.28
CA PRO B 108 -9.87 -1.41 -47.66
C PRO B 108 -9.72 -1.83 -46.23
N ASP B 109 -10.18 -1.20 -45.20
CA ASP B 109 -9.94 -1.71 -43.84
C ASP B 109 -8.67 -2.43 -43.40
N VAL B 110 -7.55 -1.76 -43.21
CA VAL B 110 -6.33 -2.37 -42.79
C VAL B 110 -6.24 -2.65 -41.34
N TYR B 111 -6.19 -3.90 -40.89
CA TYR B 111 -6.00 -4.23 -39.49
C TYR B 111 -4.58 -4.69 -39.39
N LEU B 112 -3.89 -4.58 -38.28
CA LEU B 112 -2.46 -4.84 -38.15
C LEU B 112 -2.24 -5.74 -36.94
N LEU B 113 -2.06 -7.03 -37.20
CA LEU B 113 -1.90 -8.03 -36.15
C LEU B 113 -0.44 -8.14 -35.74
N PRO B 114 -0.11 -7.96 -34.46
CA PRO B 114 1.26 -8.14 -34.00
C PRO B 114 1.61 -9.61 -33.87
N PRO B 115 2.89 -9.94 -33.69
CA PRO B 115 3.27 -11.35 -33.55
C PRO B 115 2.71 -11.96 -32.27
N ALA B 116 2.52 -13.27 -32.33
CA ALA B 116 1.94 -14.02 -31.22
C ALA B 116 2.88 -14.05 -30.02
N ARG B 117 2.28 -14.14 -28.83
CA ARG B 117 3.08 -14.20 -27.61
C ARG B 117 3.95 -15.45 -27.57
N GLU B 118 3.40 -16.60 -27.94
CA GLU B 118 4.19 -17.83 -27.94
C GLU B 118 5.21 -17.86 -29.06
N GLN B 119 5.05 -17.04 -30.11
CA GLN B 119 6.12 -16.82 -31.06
C GLN B 119 7.27 -16.02 -30.45
N LEU B 120 6.97 -15.16 -29.48
CA LEU B 120 7.96 -14.33 -28.80
C LEU B 120 8.53 -15.03 -27.58
N ASN B 121 8.93 -16.26 -27.78
CA ASN B 121 9.61 -17.06 -26.78
C ASN B 121 10.89 -17.67 -27.32
N LEU B 122 10.88 -18.08 -28.58
CA LEU B 122 12.05 -18.69 -29.19
C LEU B 122 13.03 -17.67 -29.75
N ARG B 123 12.66 -16.38 -29.72
CA ARG B 123 13.60 -15.27 -29.83
C ARG B 123 14.35 -15.26 -31.16
N GLU B 124 13.73 -15.73 -32.23
CA GLU B 124 14.38 -15.72 -33.56
C GLU B 124 13.99 -14.46 -34.32
N SER B 125 12.71 -14.30 -34.62
CA SER B 125 12.23 -13.18 -35.42
C SER B 125 10.72 -13.11 -35.31
N ALA B 126 10.20 -11.91 -35.04
CA ALA B 126 8.76 -11.68 -34.99
C ALA B 126 8.22 -11.43 -36.40
N THR B 127 6.91 -11.58 -36.54
CA THR B 127 6.24 -11.38 -37.82
C THR B 127 4.96 -10.59 -37.60
N ILE B 128 4.90 -9.39 -38.18
CA ILE B 128 3.74 -8.52 -38.08
C ILE B 128 2.96 -8.60 -39.38
N THR B 129 1.64 -8.79 -39.29
CA THR B 129 0.81 -9.01 -40.47
C THR B 129 -0.14 -7.84 -40.67
N CYS B 130 -0.05 -7.20 -41.82
CA CYS B 130 -0.96 -6.12 -42.20
C CYS B 130 -2.03 -6.71 -43.11
N LEU B 131 -3.24 -6.88 -42.56
CA LEU B 131 -4.34 -7.54 -43.26
C LEU B 131 -5.24 -6.47 -43.87
N VAL B 132 -5.35 -6.48 -45.19
CA VAL B 132 -6.18 -5.54 -45.92
C VAL B 132 -7.39 -6.29 -46.47
N THR B 133 -8.52 -6.24 -45.77
CA THR B 133 -9.68 -7.03 -46.12
C THR B 133 -10.79 -6.17 -46.70
N GLY B 134 -11.63 -6.79 -47.52
CA GLY B 134 -12.86 -6.19 -47.99
C GLY B 134 -12.72 -4.99 -48.90
N PHE B 135 -11.83 -5.05 -49.89
CA PHE B 135 -11.73 -3.99 -50.88
C PHE B 135 -12.24 -4.47 -52.23
N SER B 136 -12.46 -3.51 -53.13
CA SER B 136 -12.86 -3.77 -54.51
C SER B 136 -12.68 -2.50 -55.33
N PRO B 137 -12.08 -2.57 -56.52
CA PRO B 137 -11.54 -3.78 -57.15
C PRO B 137 -10.16 -4.16 -56.66
N ALA B 138 -9.44 -4.93 -57.48
CA ALA B 138 -8.11 -5.41 -57.13
C ALA B 138 -7.05 -4.34 -57.31
N ASP B 139 -5.78 -4.74 -57.31
CA ASP B 139 -4.65 -3.84 -57.47
C ASP B 139 -4.54 -2.88 -56.28
N VAL B 140 -4.36 -3.46 -55.10
CA VAL B 140 -4.06 -2.70 -53.89
C VAL B 140 -2.55 -2.65 -53.71
N PHE B 141 -2.05 -1.62 -53.03
CA PHE B 141 -0.62 -1.47 -52.82
C PHE B 141 -0.35 -1.36 -51.33
N VAL B 142 0.64 -2.09 -50.83
CA VAL B 142 0.96 -2.12 -49.41
C VAL B 142 2.47 -1.98 -49.25
N GLN B 143 2.90 -1.13 -48.30
CA GLN B 143 4.30 -1.04 -47.95
C GLN B 143 4.42 -0.70 -46.47
N TRP B 144 5.65 -0.74 -45.97
CA TRP B 144 5.91 -0.64 -44.54
C TRP B 144 6.85 0.53 -44.30
N MET B 145 6.80 1.06 -43.13
CA MET B 145 7.63 2.14 -42.85
C MET B 145 7.86 2.08 -41.41
N GLN B 146 9.04 1.78 -40.97
CA GLN B 146 9.27 1.83 -39.55
C GLN B 146 9.70 3.23 -39.30
N ARG B 147 9.16 3.86 -38.27
CA ARG B 147 9.40 5.28 -37.94
C ARG B 147 8.92 6.21 -39.09
N GLY B 148 9.71 6.36 -40.15
CA GLY B 148 9.23 7.18 -41.23
C GLY B 148 9.89 6.90 -42.54
N GLN B 149 10.65 5.84 -42.61
CA GLN B 149 11.44 5.54 -43.79
C GLN B 149 11.33 4.16 -44.37
N PRO B 150 10.42 3.98 -45.29
CA PRO B 150 9.97 2.83 -46.04
C PRO B 150 10.91 1.68 -46.05
N LEU B 151 10.60 0.54 -45.46
CA LEU B 151 11.52 -0.55 -45.44
C LEU B 151 11.85 -1.09 -46.77
N SER B 152 13.05 -1.61 -46.84
CA SER B 152 13.64 -2.17 -48.04
C SER B 152 12.84 -3.31 -48.40
N PRO B 153 12.30 -3.33 -49.60
CA PRO B 153 11.40 -4.25 -50.30
C PRO B 153 11.63 -5.75 -50.29
N GLU B 154 12.62 -6.26 -49.59
CA GLU B 154 12.91 -7.65 -49.52
C GLU B 154 12.88 -8.04 -48.08
N LYS B 155 12.11 -7.34 -47.26
CA LYS B 155 11.99 -7.73 -45.87
C LYS B 155 10.58 -8.09 -45.74
N TYR B 156 9.73 -7.42 -46.47
CA TYR B 156 8.32 -7.74 -46.37
C TYR B 156 7.82 -8.40 -47.64
N VAL B 157 6.79 -9.24 -47.49
CA VAL B 157 6.21 -9.99 -48.60
C VAL B 157 4.71 -9.74 -48.61
N THR B 158 4.17 -9.34 -49.75
CA THR B 158 2.75 -9.07 -49.92
C THR B 158 2.13 -10.14 -50.82
N SER B 159 0.98 -10.65 -50.39
CA SER B 159 0.28 -11.68 -51.13
C SER B 159 -0.54 -11.06 -52.26
N ALA B 160 -1.41 -11.85 -52.88
CA ALA B 160 -2.25 -11.40 -53.97
C ALA B 160 -3.71 -11.36 -53.55
N PRO B 161 -4.53 -10.50 -54.16
CA PRO B 161 -5.94 -10.45 -53.81
C PRO B 161 -6.64 -11.79 -54.04
N MET B 162 -7.53 -12.13 -53.12
CA MET B 162 -8.31 -13.36 -53.20
C MET B 162 -9.74 -13.04 -52.76
N PRO B 163 -10.75 -13.62 -53.40
CA PRO B 163 -12.14 -13.33 -53.03
C PRO B 163 -12.43 -13.77 -51.60
N GLU B 164 -13.30 -12.99 -50.90
CA GLU B 164 -13.77 -13.20 -49.54
C GLU B 164 -14.96 -14.15 -49.54
N PRO B 165 -14.97 -15.16 -48.65
CA PRO B 165 -16.01 -16.19 -48.73
C PRO B 165 -17.40 -15.73 -48.30
N GLN B 166 -17.48 -14.94 -47.24
CA GLN B 166 -18.76 -14.52 -46.66
C GLN B 166 -19.30 -13.25 -47.33
N ALA B 167 -18.68 -12.80 -48.40
CA ALA B 167 -19.00 -11.53 -49.03
C ALA B 167 -19.10 -11.74 -50.53
N PRO B 168 -19.69 -10.78 -51.26
CA PRO B 168 -19.64 -10.83 -52.72
C PRO B 168 -18.23 -10.54 -53.22
N GLY B 169 -18.06 -10.33 -54.52
CA GLY B 169 -16.72 -10.34 -55.09
C GLY B 169 -15.89 -9.15 -54.64
N ARG B 170 -15.57 -9.14 -53.34
CA ARG B 170 -14.69 -8.16 -52.73
C ARG B 170 -13.47 -8.90 -52.20
N TYR B 171 -12.30 -8.55 -52.60
CA TYR B 171 -11.17 -9.30 -52.17
C TYR B 171 -10.64 -9.14 -50.76
N PHE B 172 -9.50 -9.69 -50.46
CA PHE B 172 -8.86 -9.60 -49.15
C PHE B 172 -7.47 -10.03 -49.38
N ALA B 173 -6.46 -9.35 -48.90
CA ALA B 173 -5.11 -9.77 -49.19
C ALA B 173 -4.25 -9.23 -48.22
N HIS B 174 -3.32 -9.93 -47.62
CA HIS B 174 -2.50 -9.26 -46.64
C HIS B 174 -1.15 -9.71 -46.59
N SER B 175 -0.20 -8.84 -46.23
CA SER B 175 1.21 -9.19 -46.26
C SER B 175 1.92 -9.01 -45.01
N ILE B 176 3.02 -9.69 -44.75
CA ILE B 176 3.76 -9.62 -43.50
C ILE B 176 5.14 -9.13 -43.48
N LEU B 177 5.68 -8.67 -42.39
CA LEU B 177 7.03 -8.19 -42.33
C LEU B 177 7.66 -8.91 -41.27
N THR B 178 8.84 -9.49 -41.46
CA THR B 178 9.59 -10.34 -40.54
C THR B 178 10.67 -9.50 -39.88
N VAL B 179 10.35 -8.97 -38.69
CA VAL B 179 11.28 -8.11 -37.96
C VAL B 179 12.14 -8.97 -37.05
N SER B 180 13.28 -8.42 -36.62
CA SER B 180 14.11 -9.10 -35.64
C SER B 180 13.48 -9.02 -34.26
N GLU B 181 13.65 -10.09 -33.55
CA GLU B 181 13.07 -10.26 -32.28
C GLU B 181 13.69 -9.39 -31.27
N GLU B 182 14.82 -8.81 -31.57
CA GLU B 182 15.43 -7.93 -30.57
C GLU B 182 15.12 -6.49 -30.86
N GLU B 183 14.26 -6.26 -31.84
CA GLU B 183 13.83 -4.96 -32.29
C GLU B 183 12.41 -4.77 -31.98
N TRP B 184 11.66 -5.82 -31.71
CA TRP B 184 10.27 -5.64 -31.39
C TRP B 184 10.09 -5.63 -29.93
N ASN B 185 11.15 -5.54 -29.15
CA ASN B 185 11.10 -5.49 -27.73
C ASN B 185 11.89 -4.28 -27.36
N THR B 186 11.72 -3.22 -28.08
CA THR B 186 12.46 -2.03 -27.79
C THR B 186 11.43 -0.95 -27.69
N GLY B 187 10.52 -0.95 -28.62
CA GLY B 187 9.46 0.01 -28.69
C GLY B 187 9.16 -0.14 -30.14
N GLU B 188 10.16 0.23 -30.95
CA GLU B 188 10.22 0.21 -32.40
C GLU B 188 8.92 -0.04 -33.10
N THR B 189 8.29 1.04 -33.53
CA THR B 189 6.96 1.15 -34.13
C THR B 189 6.29 0.47 -35.34
N TYR B 190 6.94 0.24 -36.46
CA TYR B 190 6.30 -0.36 -37.61
C TYR B 190 5.01 0.13 -38.16
N THR B 191 4.92 1.32 -38.76
CA THR B 191 3.66 1.61 -39.41
C THR B 191 3.51 0.85 -40.73
N CYS B 192 2.27 0.52 -41.07
CA CYS B 192 1.92 -0.11 -42.35
C CYS B 192 1.04 0.86 -43.12
N VAL B 193 1.44 1.18 -44.36
CA VAL B 193 0.72 2.15 -45.18
C VAL B 193 0.23 1.47 -46.46
N VAL B 194 -1.04 1.69 -46.77
CA VAL B 194 -1.73 1.03 -47.88
C VAL B 194 -2.33 2.11 -48.77
N ALA B 195 -2.29 1.87 -50.08
CA ALA B 195 -2.90 2.74 -51.08
C ALA B 195 -3.86 1.91 -51.91
N HIS B 196 -5.13 2.35 -51.94
CA HIS B 196 -6.15 1.75 -52.78
C HIS B 196 -6.91 2.86 -53.49
N GLU B 197 -7.42 2.55 -54.69
CA GLU B 197 -8.05 3.55 -55.55
C GLU B 197 -9.47 3.90 -55.11
N ALA B 198 -9.92 3.39 -53.96
CA ALA B 198 -11.24 3.71 -53.44
C ALA B 198 -11.19 4.42 -52.09
N LEU B 199 -10.00 4.72 -51.59
CA LEU B 199 -9.85 5.41 -50.32
C LEU B 199 -10.14 6.90 -50.48
N PRO B 200 -10.52 7.58 -49.39
CA PRO B 200 -10.81 9.02 -49.48
C PRO B 200 -9.63 9.83 -50.01
N ASN B 201 -8.48 9.73 -49.34
CA ASN B 201 -7.27 10.39 -49.79
C ASN B 201 -6.27 9.43 -50.44
N ARG B 202 -6.73 8.24 -50.82
CA ARG B 202 -5.95 7.19 -51.49
C ARG B 202 -4.87 6.59 -50.59
N VAL B 203 -4.81 6.84 -49.31
CA VAL B 203 -3.79 6.19 -48.50
C VAL B 203 -4.30 6.00 -47.10
N THR B 204 -4.09 4.85 -46.51
CA THR B 204 -4.48 4.60 -45.14
C THR B 204 -3.30 4.03 -44.48
N GLU B 205 -3.14 4.24 -43.21
CA GLU B 205 -1.99 3.74 -42.56
C GLU B 205 -2.34 3.22 -41.21
N ARG B 206 -1.70 2.22 -40.69
CA ARG B 206 -1.98 1.74 -39.35
C ARG B 206 -0.73 1.52 -38.60
N THR B 207 -0.77 1.35 -37.30
CA THR B 207 0.43 1.13 -36.55
C THR B 207 0.24 0.42 -35.27
N VAL B 208 1.00 -0.65 -35.08
CA VAL B 208 1.05 -1.49 -33.89
C VAL B 208 2.40 -1.29 -33.22
N ASP B 209 2.39 -1.11 -31.91
CA ASP B 209 3.60 -0.94 -31.12
C ASP B 209 3.70 -2.08 -30.10
N LYS B 210 4.83 -2.17 -29.42
CA LYS B 210 5.00 -3.18 -28.39
C LYS B 210 3.99 -3.00 -27.27
N SER B 211 3.69 -1.76 -26.90
CA SER B 211 2.73 -1.47 -25.84
C SER B 211 1.31 -1.39 -26.39
N THR B 212 0.90 -2.43 -27.12
CA THR B 212 -0.46 -2.53 -27.62
C THR B 212 -1.17 -3.82 -27.23
N GLY B 213 -0.44 -4.91 -26.99
CA GLY B 213 -1.01 -6.16 -26.53
C GLY B 213 -0.99 -6.35 -25.03
N LYS B 214 -0.46 -5.39 -24.29
CA LYS B 214 -0.42 -5.51 -22.84
C LYS B 214 -1.85 -5.47 -22.27
N PRO B 215 -2.11 -6.24 -21.21
CA PRO B 215 -3.44 -6.24 -20.61
C PRO B 215 -3.73 -4.92 -19.91
N THR B 216 -5.01 -4.56 -19.92
CA THR B 216 -5.44 -3.30 -19.31
C THR B 216 -5.26 -3.32 -17.79
N LEU B 217 -5.53 -4.45 -17.15
CA LEU B 217 -5.40 -4.55 -15.70
C LEU B 217 -5.09 -5.98 -15.30
N TYR B 218 -4.49 -6.13 -14.12
CA TYR B 218 -4.33 -7.41 -13.44
C TYR B 218 -5.35 -7.49 -12.31
N ASN B 219 -5.73 -8.71 -11.92
CA ASN B 219 -6.74 -8.88 -10.87
C ASN B 219 -6.32 -10.02 -9.95
N VAL B 220 -5.06 -10.00 -9.51
CA VAL B 220 -4.53 -11.06 -8.66
C VAL B 220 -5.21 -11.02 -7.30
N SER B 221 -5.33 -12.19 -6.66
CA SER B 221 -5.97 -12.26 -5.35
C SER B 221 -5.33 -13.43 -4.57
N LEU B 222 -4.51 -13.09 -3.59
CA LEU B 222 -3.87 -14.08 -2.72
C LEU B 222 -4.76 -14.27 -1.50
N VAL B 223 -5.13 -15.52 -1.22
CA VAL B 223 -6.06 -15.85 -0.16
C VAL B 223 -5.38 -16.79 0.83
N MET B 224 -4.07 -16.58 1.03
CA MET B 224 -3.28 -17.38 1.97
C MET B 224 -4.05 -17.68 3.24
N SER B 225 -4.12 -18.96 3.60
CA SER B 225 -4.90 -19.41 4.73
C SER B 225 -4.20 -20.58 5.40
N ASP B 226 -4.93 -21.25 6.28
CA ASP B 226 -4.38 -22.41 6.96
C ASP B 226 -5.45 -23.39 7.42
N THR B 227 -6.08 -24.07 6.48
CA THR B 227 -7.10 -25.07 6.76
C THR B 227 -6.77 -26.26 5.87
N ALA B 228 -7.77 -26.82 5.18
CA ALA B 228 -7.58 -27.53 3.92
C ALA B 228 -8.86 -27.54 3.11
N ILE C 1 -6.99 48.01 -63.54
CA ILE C 1 -5.63 48.05 -64.06
C ILE C 1 -4.79 47.02 -63.32
N ARG C 2 -5.29 46.55 -62.18
CA ARG C 2 -4.55 45.61 -61.35
C ARG C 2 -4.96 44.19 -61.72
N VAL C 3 -4.01 43.26 -61.62
CA VAL C 3 -4.27 41.84 -61.87
C VAL C 3 -3.55 41.05 -60.79
N PHE C 4 -4.29 40.63 -59.76
CA PHE C 4 -3.76 39.69 -58.80
C PHE C 4 -3.80 38.27 -59.37
N ALA C 5 -2.85 37.45 -58.96
CA ALA C 5 -2.76 36.07 -59.41
C ALA C 5 -2.93 35.16 -58.20
N ILE C 6 -4.12 34.58 -58.06
CA ILE C 6 -4.40 33.68 -56.95
C ILE C 6 -3.88 32.30 -57.35
N PRO C 7 -2.86 31.79 -56.65
CA PRO C 7 -2.27 30.51 -57.03
C PRO C 7 -3.13 29.36 -56.52
N PRO C 8 -2.97 28.17 -57.10
CA PRO C 8 -3.68 27.00 -56.55
C PRO C 8 -3.13 26.66 -55.17
N SER C 9 -4.04 26.63 -54.19
CA SER C 9 -3.68 26.42 -52.80
C SER C 9 -3.63 24.94 -52.47
N PHE C 10 -2.64 24.54 -51.66
CA PHE C 10 -2.50 23.14 -51.29
C PHE C 10 -3.69 22.63 -50.49
N ALA C 11 -4.49 23.53 -49.92
CA ALA C 11 -5.74 23.15 -49.28
C ALA C 11 -6.86 22.95 -50.29
N SER C 12 -6.61 23.23 -51.56
CA SER C 12 -7.58 23.00 -52.62
C SER C 12 -7.06 21.95 -53.60
N ILE C 13 -5.74 21.85 -53.71
CA ILE C 13 -5.13 20.81 -54.53
C ILE C 13 -5.46 19.44 -53.97
N PHE C 14 -5.47 19.30 -52.64
CA PHE C 14 -5.77 18.04 -51.99
C PHE C 14 -7.26 17.82 -51.80
N LEU C 15 -8.02 18.90 -51.66
CA LEU C 15 -9.47 18.78 -51.46
C LEU C 15 -10.19 18.61 -52.80
N THR C 16 -10.06 19.59 -53.67
CA THR C 16 -10.74 19.55 -54.97
C THR C 16 -10.16 18.50 -55.91
N LYS C 17 -8.83 18.33 -55.91
CA LYS C 17 -8.12 17.41 -56.80
C LYS C 17 -8.31 17.74 -58.27
N SER C 18 -8.64 18.99 -58.58
CA SER C 18 -8.93 19.46 -59.93
C SER C 18 -8.19 20.77 -60.20
N THR C 19 -6.88 20.76 -59.93
CA THR C 19 -6.03 21.94 -59.84
C THR C 19 -6.37 23.01 -60.87
N LYS C 20 -6.62 24.23 -60.38
CA LYS C 20 -6.91 25.38 -61.19
C LYS C 20 -6.31 26.63 -60.55
N LEU C 21 -5.87 27.55 -61.40
CA LEU C 21 -5.23 28.79 -60.95
C LEU C 21 -6.07 29.98 -61.38
N THR C 22 -6.17 30.97 -60.50
CA THR C 22 -7.12 32.07 -60.67
C THR C 22 -6.40 33.35 -61.05
N CYS C 23 -6.99 34.10 -61.98
CA CYS C 23 -6.46 35.40 -62.43
C CYS C 23 -7.49 36.46 -62.04
N LEU C 24 -7.35 37.01 -60.84
CA LEU C 24 -8.31 37.96 -60.30
C LEU C 24 -7.96 39.35 -60.81
N VAL C 25 -8.67 39.81 -61.83
CA VAL C 25 -8.44 41.14 -62.39
C VAL C 25 -9.30 42.13 -61.62
N THR C 26 -8.68 43.20 -61.11
CA THR C 26 -9.31 44.12 -60.19
C THR C 26 -9.05 45.56 -60.62
N ASP C 27 -10.04 46.43 -60.39
CA ASP C 27 -9.91 47.87 -60.54
C ASP C 27 -9.71 48.28 -62.00
N LEU C 28 -10.68 47.90 -62.84
CA LEU C 28 -10.81 48.44 -64.18
C LEU C 28 -12.08 49.28 -64.30
N THR C 29 -12.03 50.27 -65.18
CA THR C 29 -13.20 51.08 -65.47
C THR C 29 -14.29 50.22 -66.13
N THR C 30 -15.53 50.51 -65.81
CA THR C 30 -16.67 49.70 -66.25
C THR C 30 -16.82 49.80 -67.77
N TYR C 31 -16.54 48.69 -68.45
CA TYR C 31 -16.62 48.61 -69.91
C TYR C 31 -17.02 47.19 -70.27
N ASP C 32 -16.83 46.82 -71.53
CA ASP C 32 -17.20 45.48 -72.01
C ASP C 32 -16.08 44.97 -72.90
N SER C 33 -16.35 43.88 -73.62
CA SER C 33 -15.39 43.27 -74.56
C SER C 33 -14.11 42.81 -73.85
N VAL C 34 -14.27 41.87 -72.94
CA VAL C 34 -13.14 41.30 -72.19
C VAL C 34 -12.99 39.83 -72.60
N THR C 35 -11.77 39.45 -72.98
CA THR C 35 -11.41 38.07 -73.31
C THR C 35 -10.08 37.77 -72.61
N ILE C 36 -10.17 37.23 -71.40
CA ILE C 36 -9.00 36.93 -70.58
C ILE C 36 -8.69 35.45 -70.71
N SER C 37 -7.41 35.11 -70.74
CA SER C 37 -7.00 33.71 -70.92
C SER C 37 -5.70 33.46 -70.17
N TRP C 38 -5.08 32.31 -70.42
CA TRP C 38 -3.84 31.94 -69.78
C TRP C 38 -2.88 31.37 -70.82
N THR C 39 -1.59 31.42 -70.51
CA THR C 39 -0.55 30.84 -71.34
C THR C 39 0.47 30.15 -70.46
N ARG C 40 1.06 29.07 -70.98
CA ARG C 40 2.10 28.32 -70.29
C ARG C 40 3.47 28.84 -70.71
N GLN C 41 4.52 28.16 -70.25
CA GLN C 41 5.86 28.61 -70.58
C GLN C 41 5.98 28.49 -72.09
N ASN C 42 5.07 27.73 -72.67
CA ASN C 42 5.11 27.50 -74.11
C ASN C 42 4.05 28.39 -74.72
N GLY C 43 3.66 29.44 -74.00
CA GLY C 43 2.56 30.26 -74.47
C GLY C 43 1.41 29.29 -74.47
N GLU C 44 1.38 28.42 -73.47
CA GLU C 44 0.37 27.39 -73.45
C GLU C 44 -1.02 27.97 -73.35
N ALA C 45 -1.91 27.48 -74.20
CA ALA C 45 -3.30 27.92 -74.17
C ALA C 45 -4.04 27.27 -73.03
N VAL C 46 -5.10 27.89 -72.56
CA VAL C 46 -5.91 27.24 -71.54
C VAL C 46 -7.39 27.28 -71.83
N LYS C 47 -8.12 26.31 -71.30
CA LYS C 47 -9.56 26.28 -71.49
C LYS C 47 -10.15 27.49 -70.82
N THR C 48 -11.15 28.09 -71.42
CA THR C 48 -11.72 29.30 -70.89
C THR C 48 -12.36 29.08 -69.54
N HIS C 49 -12.26 30.08 -68.68
CA HIS C 49 -12.90 29.99 -67.38
C HIS C 49 -14.40 29.91 -67.56
N THR C 50 -15.03 28.99 -66.86
CA THR C 50 -16.48 28.86 -66.93
C THR C 50 -17.12 29.93 -66.07
N ASN C 51 -18.32 30.37 -66.44
CA ASN C 51 -19.05 31.33 -65.61
C ASN C 51 -18.23 32.56 -65.26
N ILE C 52 -17.58 33.17 -66.26
CA ILE C 52 -16.72 34.32 -65.99
C ILE C 52 -17.53 35.49 -65.43
N SER C 53 -16.98 36.18 -64.44
CA SER C 53 -17.70 37.29 -63.81
C SER C 53 -17.85 38.53 -64.68
N GLU C 54 -18.97 39.24 -64.52
CA GLU C 54 -19.22 40.47 -65.29
C GLU C 54 -18.66 41.71 -64.58
N SER C 55 -19.05 42.90 -65.03
CA SER C 55 -18.60 44.12 -64.35
C SER C 55 -19.04 44.13 -62.90
N HIS C 56 -18.16 44.54 -62.00
CA HIS C 56 -18.46 44.51 -60.56
C HIS C 56 -19.46 45.52 -60.01
N PRO C 57 -20.13 45.18 -58.89
CA PRO C 57 -21.03 46.14 -58.24
C PRO C 57 -20.26 47.35 -57.78
N ASN C 58 -19.02 47.17 -57.35
CA ASN C 58 -18.18 48.27 -56.86
C ASN C 58 -17.76 49.19 -57.98
N ALA C 59 -18.05 48.82 -59.24
CA ALA C 59 -17.71 49.60 -60.45
C ALA C 59 -16.33 49.21 -60.87
N THR C 60 -15.70 48.39 -60.05
CA THR C 60 -14.40 47.88 -60.42
C THR C 60 -14.84 46.86 -61.44
N PHE C 61 -14.21 46.85 -62.60
CA PHE C 61 -14.57 45.80 -63.52
C PHE C 61 -13.67 44.70 -63.02
N SER C 62 -14.26 43.71 -62.37
CA SER C 62 -13.47 42.63 -61.84
C SER C 62 -13.79 41.40 -62.66
N ALA C 63 -12.76 40.84 -63.28
CA ALA C 63 -12.96 39.65 -64.07
C ALA C 63 -12.18 38.55 -63.39
N VAL C 64 -12.85 37.46 -63.09
CA VAL C 64 -12.18 36.34 -62.44
C VAL C 64 -12.08 35.21 -63.45
N GLY C 65 -10.86 34.78 -63.73
CA GLY C 65 -10.67 33.68 -64.64
C GLY C 65 -9.96 32.54 -63.97
N GLU C 66 -10.57 31.36 -63.98
CA GLU C 66 -9.93 30.20 -63.39
C GLU C 66 -9.64 29.21 -64.50
N ALA C 67 -8.38 28.79 -64.63
CA ALA C 67 -8.03 27.89 -65.71
C ALA C 67 -7.55 26.56 -65.19
N SER C 68 -8.11 25.47 -65.69
CA SER C 68 -7.63 24.16 -65.28
C SER C 68 -6.25 23.89 -65.87
N ILE C 69 -5.39 23.26 -65.08
CA ILE C 69 -4.07 22.95 -65.56
C ILE C 69 -3.73 21.57 -65.08
N CYS C 70 -2.75 20.92 -65.69
CA CYS C 70 -2.31 19.64 -65.16
C CYS C 70 -1.50 19.90 -63.90
N GLU C 71 -1.57 19.00 -62.91
CA GLU C 71 -0.86 19.22 -61.64
C GLU C 71 0.61 19.27 -61.83
N ASP C 72 1.12 18.43 -62.73
CA ASP C 72 2.55 18.35 -62.88
C ASP C 72 3.05 19.72 -63.22
N ASP C 73 2.26 20.45 -63.99
CA ASP C 73 2.65 21.79 -64.36
C ASP C 73 2.98 22.60 -63.13
N TRP C 74 2.06 22.66 -62.19
CA TRP C 74 2.27 23.49 -61.02
C TRP C 74 3.44 23.05 -60.16
N ASN C 75 3.57 21.75 -59.93
CA ASN C 75 4.71 21.26 -59.15
C ASN C 75 6.05 21.47 -59.84
N SER C 76 6.06 21.33 -61.16
CA SER C 76 7.28 21.55 -61.91
C SER C 76 7.70 22.99 -61.69
N GLY C 77 6.73 23.89 -61.58
CA GLY C 77 7.05 25.29 -61.41
C GLY C 77 7.00 25.98 -62.73
N GLU C 78 6.55 25.27 -63.77
CA GLU C 78 6.39 25.88 -65.06
C GLU C 78 5.54 27.15 -64.92
N ARG C 79 6.03 28.28 -65.41
CA ARG C 79 5.29 29.54 -65.23
C ARG C 79 4.09 29.69 -66.12
N PHE C 80 3.11 30.45 -65.66
CA PHE C 80 1.91 30.69 -66.46
C PHE C 80 1.61 32.17 -66.52
N THR C 81 1.18 32.65 -67.69
CA THR C 81 0.83 34.06 -67.84
C THR C 81 -0.64 34.22 -68.16
N CYS C 82 -1.35 35.06 -67.42
CA CYS C 82 -2.78 35.29 -67.68
C CYS C 82 -2.94 36.46 -68.60
N THR C 83 -3.29 36.20 -69.85
CA THR C 83 -3.56 37.31 -70.76
C THR C 83 -4.82 38.00 -70.26
N VAL C 84 -4.81 39.32 -70.18
CA VAL C 84 -5.97 40.04 -69.73
C VAL C 84 -6.38 41.05 -70.79
N THR C 85 -7.62 40.98 -71.24
CA THR C 85 -8.06 41.90 -72.28
C THR C 85 -9.19 42.78 -71.78
N HIS C 86 -9.07 44.09 -71.98
CA HIS C 86 -10.14 45.00 -71.60
C HIS C 86 -10.26 46.00 -72.73
N THR C 87 -11.40 46.67 -72.83
CA THR C 87 -11.55 47.71 -73.84
C THR C 87 -10.50 48.75 -73.51
N ASP C 88 -10.32 49.02 -72.22
CA ASP C 88 -9.34 50.00 -71.80
C ASP C 88 -7.94 49.55 -72.18
N LEU C 89 -7.66 48.25 -72.12
CA LEU C 89 -6.30 47.77 -72.37
C LEU C 89 -5.91 47.65 -73.84
N PRO C 90 -4.91 48.43 -74.27
CA PRO C 90 -4.42 48.32 -75.65
C PRO C 90 -3.72 46.99 -75.90
N SER C 91 -2.96 46.52 -74.91
CA SER C 91 -2.21 45.28 -75.06
C SER C 91 -2.69 44.31 -74.00
N PRO C 92 -2.79 43.02 -74.34
CA PRO C 92 -3.29 42.16 -73.28
C PRO C 92 -2.34 42.17 -72.09
N LEU C 93 -2.88 42.40 -70.89
CA LEU C 93 -2.07 42.45 -69.69
C LEU C 93 -1.65 41.04 -69.34
N LYS C 94 -0.50 40.88 -68.72
CA LYS C 94 -0.02 39.55 -68.42
C LYS C 94 0.22 39.32 -66.94
N GLN C 95 -0.30 38.21 -66.41
CA GLN C 95 -0.04 37.86 -65.02
C GLN C 95 0.80 36.59 -64.92
N THR C 96 2.11 36.75 -64.73
CA THR C 96 2.99 35.58 -64.70
C THR C 96 3.15 35.03 -63.30
N ILE C 97 2.65 33.82 -63.08
CA ILE C 97 2.72 33.21 -61.76
C ILE C 97 3.27 31.81 -61.82
N SER C 98 4.20 31.50 -60.93
CA SER C 98 4.77 30.16 -60.90
C SER C 98 4.93 29.72 -59.47
N ARG C 99 4.82 28.43 -59.21
CA ARG C 99 5.06 27.94 -57.87
C ARG C 99 6.53 28.23 -57.60
N PRO C 100 6.86 28.69 -56.39
CA PRO C 100 8.27 29.05 -56.22
C PRO C 100 9.07 27.97 -55.54
N LYS C 101 10.14 27.52 -56.19
CA LYS C 101 11.03 26.54 -55.58
C LYS C 101 11.98 27.27 -54.66
N GLY C 102 12.79 26.52 -53.92
CA GLY C 102 13.75 27.14 -53.04
C GLY C 102 13.42 27.21 -51.57
N VAL C 103 12.35 26.57 -51.14
CA VAL C 103 12.08 26.53 -49.71
C VAL C 103 12.28 25.12 -49.18
N ALA C 104 13.03 24.97 -48.10
CA ALA C 104 13.32 23.65 -47.58
C ALA C 104 12.07 23.00 -47.14
N LEU C 105 11.94 21.72 -47.43
CA LEU C 105 10.76 21.00 -47.02
C LEU C 105 11.10 20.17 -45.81
N HIS C 106 10.48 20.45 -44.67
CA HIS C 106 10.72 19.66 -43.50
C HIS C 106 9.46 18.96 -43.18
N ARG C 107 9.55 17.70 -42.85
CA ARG C 107 8.36 16.91 -42.59
C ARG C 107 7.58 17.34 -41.35
N PRO C 108 6.27 17.35 -41.43
CA PRO C 108 5.48 17.69 -40.27
C PRO C 108 5.60 16.64 -39.24
N ASP C 109 5.26 16.91 -38.00
CA ASP C 109 5.25 15.91 -36.97
C ASP C 109 3.97 15.89 -36.15
N VAL C 110 2.89 15.35 -36.67
CA VAL C 110 1.66 15.38 -35.98
C VAL C 110 1.72 14.66 -34.70
N TYR C 111 1.30 15.25 -33.60
CA TYR C 111 1.21 14.57 -32.33
C TYR C 111 -0.18 14.86 -31.86
N LEU C 112 -0.99 13.90 -31.49
CA LEU C 112 -2.36 14.16 -31.11
C LEU C 112 -2.33 14.17 -29.63
N LEU C 113 -2.90 15.17 -28.99
CA LEU C 113 -2.88 15.28 -27.57
C LEU C 113 -4.32 15.04 -27.16
N PRO C 114 -4.58 14.16 -26.19
CA PRO C 114 -5.93 13.78 -25.77
C PRO C 114 -6.65 14.73 -24.87
N PRO C 115 -7.96 14.61 -24.73
CA PRO C 115 -8.71 15.57 -23.95
C PRO C 115 -8.28 15.62 -22.53
N ALA C 116 -8.17 16.80 -21.93
CA ALA C 116 -7.65 16.92 -20.57
C ALA C 116 -8.61 16.40 -19.57
N ARG C 117 -8.10 15.91 -18.45
CA ARG C 117 -8.98 15.28 -17.49
C ARG C 117 -10.00 16.25 -17.01
N GLU C 118 -9.60 17.49 -16.79
CA GLU C 118 -10.54 18.42 -16.23
C GLU C 118 -11.71 18.60 -17.14
N GLN C 119 -11.52 18.64 -18.44
CA GLN C 119 -12.64 18.88 -19.32
C GLN C 119 -13.56 17.76 -19.17
N LEU C 120 -12.99 16.58 -19.07
CA LEU C 120 -13.79 15.39 -18.97
C LEU C 120 -14.63 15.36 -17.70
N ASN C 121 -14.09 15.83 -16.58
CA ASN C 121 -14.82 15.78 -15.33
C ASN C 121 -16.10 16.58 -15.37
N LEU C 122 -16.07 17.73 -16.00
CA LEU C 122 -17.28 18.56 -16.15
C LEU C 122 -18.30 17.88 -17.02
N ARG C 123 -17.86 16.90 -17.80
CA ARG C 123 -18.76 16.13 -18.66
C ARG C 123 -19.56 16.88 -19.69
N GLU C 124 -18.98 17.86 -20.36
CA GLU C 124 -19.73 18.50 -21.45
C GLU C 124 -19.18 18.37 -22.87
N SER C 125 -17.89 18.62 -23.08
CA SER C 125 -17.28 18.48 -24.40
C SER C 125 -15.81 18.22 -24.26
N ALA C 126 -15.18 17.70 -25.28
CA ALA C 126 -13.76 17.46 -25.23
C ALA C 126 -13.08 18.08 -26.44
N THR C 127 -11.83 18.51 -26.30
CA THR C 127 -11.12 19.01 -27.41
C THR C 127 -9.94 18.11 -27.58
N ILE C 128 -9.81 17.45 -28.72
CA ILE C 128 -8.67 16.62 -28.97
C ILE C 128 -7.89 17.49 -29.92
N THR C 129 -6.59 17.71 -29.75
CA THR C 129 -5.86 18.64 -30.58
C THR C 129 -4.71 18.11 -31.38
N CYS C 130 -4.71 18.12 -32.69
CA CYS C 130 -3.57 17.68 -33.47
C CYS C 130 -2.66 18.78 -33.28
N LEU C 131 -1.38 18.59 -33.39
CA LEU C 131 -0.48 19.69 -33.33
C LEU C 131 0.52 19.56 -34.43
N VAL C 132 0.16 19.76 -35.65
CA VAL C 132 1.12 19.53 -36.65
C VAL C 132 2.19 20.48 -36.42
N THR C 133 3.42 20.05 -36.22
CA THR C 133 4.50 20.96 -35.88
C THR C 133 5.81 20.68 -36.57
N GLY C 134 6.60 21.68 -36.85
CA GLY C 134 7.83 21.47 -37.56
C GLY C 134 7.69 21.58 -39.04
N PHE C 135 6.49 21.84 -39.51
CA PHE C 135 6.32 21.86 -40.93
C PHE C 135 6.92 22.98 -41.63
N SER C 136 7.52 22.72 -42.76
CA SER C 136 8.06 23.79 -43.55
C SER C 136 8.00 23.43 -45.01
N PRO C 137 7.46 24.31 -45.91
CA PRO C 137 6.86 25.62 -45.63
C PRO C 137 5.44 25.53 -45.10
N ALA C 138 4.70 26.63 -45.23
CA ALA C 138 3.33 26.71 -44.74
C ALA C 138 2.35 26.04 -45.69
N ASP C 139 1.05 26.30 -45.51
CA ASP C 139 -0.03 25.72 -46.31
C ASP C 139 -0.09 24.21 -46.12
N VAL C 140 -0.33 23.83 -44.87
CA VAL C 140 -0.59 22.44 -44.50
C VAL C 140 -2.10 22.23 -44.46
N PHE C 141 -2.53 21.00 -44.71
CA PHE C 141 -3.94 20.65 -44.68
C PHE C 141 -4.18 19.61 -43.59
N VAL C 142 -5.23 19.84 -42.79
CA VAL C 142 -5.54 18.96 -41.68
C VAL C 142 -7.03 18.66 -41.70
N GLN C 143 -7.39 17.39 -41.54
CA GLN C 143 -8.79 17.02 -41.37
C GLN C 143 -8.89 15.79 -40.49
N TRP C 144 -10.12 15.48 -40.10
CA TRP C 144 -10.40 14.45 -39.11
C TRP C 144 -11.31 13.40 -39.73
N MET C 145 -10.98 12.13 -39.53
CA MET C 145 -11.87 11.04 -39.89
C MET C 145 -12.22 10.19 -38.68
N GLN C 146 -13.45 9.68 -38.70
CA GLN C 146 -13.96 8.77 -37.67
C GLN C 146 -14.63 7.60 -38.37
N ARG C 147 -14.18 6.38 -38.06
CA ARG C 147 -14.61 5.18 -38.77
C ARG C 147 -14.33 5.28 -40.26
N GLY C 148 -13.24 5.98 -40.61
CA GLY C 148 -12.84 6.16 -42.00
C GLY C 148 -13.62 7.19 -42.77
N GLN C 149 -14.63 7.82 -42.16
CA GLN C 149 -15.43 8.82 -42.85
C GLN C 149 -15.01 10.20 -42.40
N PRO C 150 -14.56 11.08 -43.28
CA PRO C 150 -14.17 12.44 -42.87
C PRO C 150 -15.35 13.19 -42.26
N LEU C 151 -15.04 13.98 -41.23
CA LEU C 151 -16.04 14.77 -40.54
C LEU C 151 -16.27 16.09 -41.26
N SER C 152 -17.41 16.72 -40.95
CA SER C 152 -17.74 18.00 -41.56
C SER C 152 -16.77 19.08 -41.08
N PRO C 153 -16.43 20.03 -41.96
CA PRO C 153 -15.50 21.10 -41.57
C PRO C 153 -16.04 22.01 -40.47
N GLU C 154 -17.35 21.98 -40.20
CA GLU C 154 -17.95 22.84 -39.19
C GLU C 154 -17.82 22.28 -37.78
N LYS C 155 -17.23 21.09 -37.62
CA LYS C 155 -17.05 20.49 -36.31
C LYS C 155 -15.66 20.73 -35.72
N TYR C 156 -14.62 20.70 -36.55
CA TYR C 156 -13.26 20.97 -36.11
C TYR C 156 -12.81 22.34 -36.63
N VAL C 157 -11.82 22.90 -35.94
CA VAL C 157 -11.29 24.22 -36.28
C VAL C 157 -9.78 24.11 -36.41
N THR C 158 -9.23 24.57 -37.53
CA THR C 158 -7.81 24.52 -37.80
C THR C 158 -7.24 25.93 -37.79
N SER C 159 -6.16 26.13 -37.02
CA SER C 159 -5.52 27.43 -36.96
C SER C 159 -4.58 27.63 -38.15
N ALA C 160 -4.14 28.88 -38.32
CA ALA C 160 -3.19 29.23 -39.36
C ALA C 160 -1.76 28.96 -38.89
N PRO C 161 -0.83 28.68 -39.81
CA PRO C 161 0.55 28.38 -39.39
C PRO C 161 1.31 29.59 -38.88
N MET C 162 1.60 29.62 -37.56
CA MET C 162 2.47 30.64 -37.02
C MET C 162 3.91 30.16 -37.03
N PRO C 163 4.88 31.07 -37.11
CA PRO C 163 6.29 30.66 -37.06
C PRO C 163 6.65 30.04 -35.72
N GLU C 164 7.59 29.10 -35.77
CA GLU C 164 8.03 28.42 -34.57
C GLU C 164 8.80 29.39 -33.67
N PRO C 165 8.55 29.38 -32.36
CA PRO C 165 9.20 30.36 -31.47
C PRO C 165 10.71 30.25 -31.39
N GLN C 166 11.23 29.08 -31.01
CA GLN C 166 12.65 28.94 -30.73
C GLN C 166 13.44 28.34 -31.88
N ALA C 167 12.84 27.48 -32.68
CA ALA C 167 13.53 26.88 -33.81
C ALA C 167 13.73 27.91 -34.93
N PRO C 168 14.63 27.63 -35.87
CA PRO C 168 14.78 28.51 -37.04
C PRO C 168 13.57 28.41 -37.94
N GLY C 169 13.68 29.03 -39.11
CA GLY C 169 12.55 29.16 -40.02
C GLY C 169 11.77 27.89 -40.24
N ARG C 170 10.55 27.91 -39.71
CA ARG C 170 9.67 26.74 -39.67
C ARG C 170 8.33 27.21 -39.11
N TYR C 171 7.31 26.37 -39.25
CA TYR C 171 5.96 26.73 -38.86
C TYR C 171 5.36 25.65 -37.98
N PHE C 172 4.21 25.98 -37.38
CA PHE C 172 3.43 25.04 -36.60
C PHE C 172 1.97 25.46 -36.70
N ALA C 173 1.08 24.50 -36.45
CA ALA C 173 -0.35 24.77 -36.59
C ALA C 173 -1.09 24.05 -35.46
N HIS C 174 -2.41 24.07 -35.53
CA HIS C 174 -3.26 23.44 -34.53
C HIS C 174 -4.57 23.03 -35.19
N SER C 175 -5.28 22.10 -34.54
CA SER C 175 -6.56 21.64 -35.03
C SER C 175 -7.32 21.06 -33.85
N ILE C 176 -8.36 21.74 -33.42
CA ILE C 176 -9.17 21.28 -32.29
C ILE C 176 -10.44 20.64 -32.81
N LEU C 177 -10.76 19.46 -32.27
CA LEU C 177 -12.02 18.79 -32.54
C LEU C 177 -12.82 18.68 -31.26
N THR C 178 -14.05 19.16 -31.29
CA THR C 178 -14.95 19.18 -30.15
C THR C 178 -15.93 18.02 -30.27
N VAL C 179 -15.94 17.15 -29.26
CA VAL C 179 -16.76 15.96 -29.27
C VAL C 179 -17.60 15.93 -27.98
N SER C 180 -18.68 15.16 -28.01
CA SER C 180 -19.51 14.99 -26.84
C SER C 180 -18.81 14.08 -25.82
N GLU C 181 -19.19 14.22 -24.56
CA GLU C 181 -18.54 13.44 -23.50
C GLU C 181 -18.75 11.95 -23.69
N GLU C 182 -19.98 11.54 -24.02
CA GLU C 182 -20.28 10.13 -24.17
C GLU C 182 -19.64 9.54 -25.43
N GLU C 183 -19.47 10.34 -26.47
CA GLU C 183 -18.92 9.82 -27.72
C GLU C 183 -17.46 9.42 -27.56
N TRP C 184 -16.71 10.15 -26.74
CA TRP C 184 -15.30 9.83 -26.53
C TRP C 184 -15.10 8.73 -25.50
N ASN C 185 -16.16 8.31 -24.80
CA ASN C 185 -16.05 7.31 -23.76
C ASN C 185 -16.43 5.91 -24.24
N THR C 186 -16.74 5.74 -25.53
CA THR C 186 -17.18 4.46 -26.06
C THR C 186 -16.34 3.93 -27.22
N GLY C 187 -15.28 4.62 -27.60
CA GLY C 187 -14.47 4.21 -28.74
C GLY C 187 -14.14 5.38 -29.63
N GLU C 188 -14.43 5.28 -30.93
CA GLU C 188 -14.35 6.42 -31.85
C GLU C 188 -12.93 6.99 -31.89
N THR C 189 -12.05 6.25 -32.58
CA THR C 189 -10.63 6.55 -32.62
C THR C 189 -10.29 7.99 -33.01
N TYR C 190 -11.11 8.63 -33.85
CA TYR C 190 -10.86 9.99 -34.36
C TYR C 190 -9.43 10.14 -34.90
N THR C 191 -9.17 9.44 -36.00
CA THR C 191 -7.91 9.61 -36.71
C THR C 191 -7.78 11.04 -37.22
N CYS C 192 -6.58 11.61 -37.07
CA CYS C 192 -6.31 12.98 -37.51
C CYS C 192 -5.34 12.92 -38.68
N VAL C 193 -5.83 13.12 -39.90
CA VAL C 193 -5.00 13.01 -41.09
C VAL C 193 -4.47 14.39 -41.47
N VAL C 194 -3.15 14.46 -41.68
CA VAL C 194 -2.46 15.67 -42.09
C VAL C 194 -1.85 15.41 -43.46
N ALA C 195 -2.17 16.29 -44.41
CA ALA C 195 -1.62 16.26 -45.76
C ALA C 195 -0.70 17.46 -45.92
N HIS C 196 0.54 17.21 -46.32
CA HIS C 196 1.53 18.26 -46.55
C HIS C 196 2.52 17.76 -47.59
N GLU C 197 3.06 18.69 -48.39
CA GLU C 197 3.88 18.31 -49.53
C GLU C 197 5.25 17.79 -49.14
N ALA C 198 5.68 17.95 -47.89
CA ALA C 198 6.97 17.46 -47.45
C ALA C 198 6.92 16.04 -46.89
N LEU C 199 5.72 15.49 -46.69
CA LEU C 199 5.60 14.13 -46.19
C LEU C 199 6.04 13.14 -47.27
N PRO C 200 6.58 11.99 -46.86
CA PRO C 200 7.04 11.00 -47.85
C PRO C 200 5.93 10.53 -48.77
N ASN C 201 4.74 10.32 -48.22
CA ASN C 201 3.57 9.92 -48.99
C ASN C 201 2.55 11.06 -49.08
N ARG C 202 2.93 12.27 -48.66
CA ARG C 202 2.07 13.44 -48.61
C ARG C 202 0.89 13.27 -47.66
N VAL C 203 0.81 12.15 -46.95
CA VAL C 203 -0.30 11.87 -46.05
C VAL C 203 0.23 11.16 -44.83
N THR C 204 -0.11 11.66 -43.64
CA THR C 204 0.12 10.95 -42.40
C THR C 204 -1.14 11.06 -41.55
N GLU C 205 -1.22 10.22 -40.52
CA GLU C 205 -2.33 10.32 -39.58
C GLU C 205 -1.98 9.60 -38.29
N ARG C 206 -2.52 10.10 -37.19
CA ARG C 206 -2.33 9.51 -35.88
C ARG C 206 -3.69 9.27 -35.22
N THR C 207 -3.68 8.37 -34.24
CA THR C 207 -4.89 7.92 -33.58
C THR C 207 -4.75 8.11 -32.07
N VAL C 208 -5.80 8.64 -31.46
CA VAL C 208 -5.90 8.74 -30.00
C VAL C 208 -7.31 8.36 -29.59
N ASP C 209 -7.42 7.45 -28.64
CA ASP C 209 -8.69 6.85 -28.29
C ASP C 209 -8.85 6.93 -26.76
N LYS C 210 -10.03 6.53 -26.27
CA LYS C 210 -10.27 6.51 -24.83
C LYS C 210 -9.26 5.62 -24.12
N SER C 211 -8.76 4.58 -24.80
CA SER C 211 -7.71 3.72 -24.28
C SER C 211 -6.48 3.88 -25.18
N THR C 212 -5.69 4.90 -24.89
CA THR C 212 -4.41 5.15 -25.55
C THR C 212 -3.37 5.53 -24.49
N GLY C 213 -3.35 4.77 -23.40
CA GLY C 213 -2.54 5.05 -22.25
C GLY C 213 -2.95 4.16 -21.10
N LYS C 214 -3.21 4.75 -19.93
CA LYS C 214 -3.71 4.09 -18.72
C LYS C 214 -3.07 2.72 -18.53
N PRO C 215 -1.79 2.66 -18.15
CA PRO C 215 -1.09 1.37 -18.11
C PRO C 215 -1.67 0.40 -17.08
N THR C 216 -1.07 -0.78 -16.98
CA THR C 216 -1.58 -1.89 -16.19
C THR C 216 -2.03 -1.46 -14.80
N LEU C 217 -3.32 -1.66 -14.51
CA LEU C 217 -3.94 -1.24 -13.25
C LEU C 217 -4.11 -2.48 -12.38
N TYR C 218 -3.11 -2.74 -11.54
CA TYR C 218 -3.11 -3.96 -10.74
C TYR C 218 -4.21 -3.95 -9.69
N ASN C 219 -4.37 -5.03 -9.00
CA ASN C 219 -5.36 -5.05 -7.98
C ASN C 219 -5.05 -6.14 -7.03
N VAL C 220 -3.81 -6.20 -6.54
CA VAL C 220 -3.37 -7.21 -5.61
C VAL C 220 -4.27 -7.12 -4.50
N SER C 221 -4.95 -8.18 -4.14
CA SER C 221 -5.87 -8.11 -3.03
C SER C 221 -5.63 -9.14 -1.95
N LEU C 222 -4.44 -9.23 -1.40
CA LEU C 222 -4.13 -10.29 -0.45
C LEU C 222 -4.96 -10.34 0.74
N VAL C 223 -5.37 -11.54 1.14
CA VAL C 223 -6.25 -11.84 2.26
C VAL C 223 -5.52 -12.70 3.24
N MET C 224 -4.23 -12.49 3.37
CA MET C 224 -3.47 -13.33 4.26
C MET C 224 -3.95 -13.22 5.66
N SER C 225 -4.25 -14.38 6.22
CA SER C 225 -4.79 -14.55 7.56
C SER C 225 -4.92 -16.04 7.83
N ILE D 1 -4.82 60.55 -47.80
CA ILE D 1 -5.24 60.96 -46.47
C ILE D 1 -5.90 59.80 -45.72
N ARG D 2 -5.23 59.35 -44.66
CA ARG D 2 -5.72 58.25 -43.84
C ARG D 2 -5.57 58.63 -42.37
N VAL D 3 -6.65 58.48 -41.61
CA VAL D 3 -6.63 58.72 -40.16
C VAL D 3 -7.28 57.52 -39.49
N PHE D 4 -6.46 56.67 -38.86
CA PHE D 4 -6.97 55.53 -38.11
C PHE D 4 -6.72 55.74 -36.63
N ALA D 5 -7.14 54.80 -35.79
CA ALA D 5 -6.90 54.94 -34.36
C ALA D 5 -6.81 53.55 -33.72
N ILE D 6 -6.02 53.48 -32.66
CA ILE D 6 -5.83 52.27 -31.88
C ILE D 6 -6.24 52.56 -30.43
N PRO D 7 -7.38 52.07 -29.98
CA PRO D 7 -7.73 52.17 -28.57
C PRO D 7 -6.96 51.13 -27.76
N PRO D 8 -6.85 51.31 -26.45
CA PRO D 8 -6.12 50.33 -25.64
C PRO D 8 -6.87 49.00 -25.57
N SER D 9 -6.16 47.93 -25.94
CA SER D 9 -6.71 46.58 -25.85
C SER D 9 -6.34 46.00 -24.49
N PHE D 10 -6.83 44.81 -24.17
CA PHE D 10 -6.59 44.23 -22.85
C PHE D 10 -5.13 43.87 -22.61
N ALA D 11 -4.34 43.68 -23.67
CA ALA D 11 -2.92 43.39 -23.48
C ALA D 11 -2.16 44.63 -23.05
N SER D 12 -2.41 45.77 -23.71
CA SER D 12 -1.76 47.01 -23.30
C SER D 12 -2.25 47.48 -21.93
N ILE D 13 -3.50 47.18 -21.58
CA ILE D 13 -4.03 47.54 -20.28
C ILE D 13 -3.27 46.80 -19.17
N PHE D 14 -3.00 45.51 -19.39
CA PHE D 14 -2.53 44.64 -18.32
C PHE D 14 -1.02 44.53 -18.25
N LEU D 15 -0.34 44.43 -19.40
CA LEU D 15 1.08 44.10 -19.41
C LEU D 15 1.94 45.14 -18.70
N THR D 16 1.69 46.43 -18.91
CA THR D 16 2.56 47.47 -18.38
C THR D 16 1.89 48.38 -17.37
N LYS D 17 0.58 48.26 -17.18
CA LYS D 17 -0.18 49.15 -16.28
C LYS D 17 0.02 50.61 -16.67
N SER D 18 0.15 50.85 -17.98
CA SER D 18 0.41 52.17 -18.53
C SER D 18 -0.51 52.40 -19.74
N THR D 19 -1.80 52.16 -19.52
CA THR D 19 -2.79 52.23 -20.60
C THR D 19 -2.72 53.56 -21.34
N LYS D 20 -2.66 53.47 -22.68
CA LYS D 20 -2.58 54.63 -23.55
C LYS D 20 -3.41 54.36 -24.79
N LEU D 21 -4.05 55.40 -25.31
CA LEU D 21 -4.76 55.32 -26.58
C LEU D 21 -4.02 56.14 -27.62
N THR D 22 -4.23 55.82 -28.90
CA THR D 22 -3.43 56.46 -29.94
C THR D 22 -4.28 56.65 -31.19
N CYS D 23 -3.93 57.63 -32.01
CA CYS D 23 -4.48 57.75 -33.35
C CYS D 23 -3.35 58.03 -34.34
N LEU D 24 -3.44 57.39 -35.51
CA LEU D 24 -2.37 57.34 -36.49
C LEU D 24 -2.78 58.08 -37.76
N VAL D 25 -1.83 58.79 -38.35
CA VAL D 25 -2.01 59.48 -39.62
C VAL D 25 -1.09 58.81 -40.65
N THR D 26 -1.65 58.54 -41.83
CA THR D 26 -0.95 57.81 -42.86
C THR D 26 -1.31 58.43 -44.21
N ASP D 27 -0.40 58.26 -45.18
CA ASP D 27 -0.53 58.78 -46.53
C ASP D 27 -0.52 60.32 -46.54
N LEU D 28 0.32 60.92 -45.71
CA LEU D 28 0.52 62.36 -45.73
C LEU D 28 1.87 62.69 -46.36
N THR D 29 2.01 63.94 -46.81
CA THR D 29 3.25 64.38 -47.42
C THR D 29 4.36 64.43 -46.37
N THR D 30 5.59 64.22 -46.82
CA THR D 30 6.76 64.22 -45.94
C THR D 30 7.12 65.65 -45.62
N TYR D 31 6.37 66.23 -44.68
CA TYR D 31 6.59 67.61 -44.24
C TYR D 31 6.60 67.66 -42.73
N ASP D 32 7.40 68.56 -42.18
CA ASP D 32 7.56 68.70 -40.74
C ASP D 32 6.47 69.61 -40.17
N SER D 33 6.51 69.77 -38.85
CA SER D 33 5.57 70.62 -38.11
C SER D 33 4.11 70.23 -38.36
N VAL D 34 3.87 68.92 -38.44
CA VAL D 34 2.49 68.43 -38.47
C VAL D 34 1.86 68.62 -37.10
N THR D 35 0.53 68.62 -37.07
CA THR D 35 -0.19 68.77 -35.81
C THR D 35 -1.09 67.57 -35.58
N ILE D 36 -0.72 66.72 -34.63
CA ILE D 36 -1.55 65.62 -34.19
C ILE D 36 -1.55 65.61 -32.66
N SER D 37 -2.74 65.66 -32.06
CA SER D 37 -2.85 65.65 -30.61
C SER D 37 -4.18 64.99 -30.24
N TRP D 38 -4.40 64.81 -28.94
CA TRP D 38 -5.60 64.18 -28.44
C TRP D 38 -6.40 65.19 -27.61
N THR D 39 -7.65 64.85 -27.32
CA THR D 39 -8.44 65.67 -26.42
C THR D 39 -9.49 64.78 -25.75
N ARG D 40 -10.04 65.28 -24.65
CA ARG D 40 -11.01 64.54 -23.85
C ARG D 40 -12.39 64.68 -24.49
N GLN D 41 -13.42 64.07 -23.88
CA GLN D 41 -14.77 64.21 -24.39
C GLN D 41 -15.24 65.66 -24.33
N ASN D 42 -14.97 66.34 -23.22
CA ASN D 42 -15.37 67.73 -23.08
C ASN D 42 -14.45 68.69 -23.83
N GLY D 43 -13.25 68.26 -24.18
CA GLY D 43 -12.35 69.08 -24.96
C GLY D 43 -11.13 69.58 -24.22
N GLU D 44 -10.92 69.10 -22.99
CA GLU D 44 -9.75 69.49 -22.21
C GLU D 44 -8.47 68.90 -22.81
N ALA D 45 -7.36 69.59 -22.61
CA ALA D 45 -6.08 69.14 -23.12
C ALA D 45 -5.59 67.91 -22.35
N VAL D 46 -4.69 67.17 -22.99
CA VAL D 46 -4.15 65.95 -22.40
C VAL D 46 -2.62 66.05 -22.33
N LYS D 47 -1.98 64.99 -21.86
CA LYS D 47 -0.52 64.98 -21.76
C LYS D 47 0.12 65.07 -23.15
N THR D 48 1.29 65.68 -23.20
CA THR D 48 1.98 65.91 -24.48
C THR D 48 2.33 64.58 -25.15
N HIS D 49 2.23 64.58 -26.48
CA HIS D 49 2.53 63.40 -27.29
C HIS D 49 4.02 63.37 -27.63
N THR D 50 4.82 62.99 -26.64
CA THR D 50 6.25 62.94 -26.80
C THR D 50 6.67 61.69 -27.58
N ASN D 51 7.96 61.61 -27.89
CA ASN D 51 8.57 60.49 -28.59
C ASN D 51 7.89 60.27 -29.96
N ILE D 52 8.05 61.29 -30.81
CA ILE D 52 7.54 61.23 -32.17
C ILE D 52 8.52 60.45 -33.05
N SER D 53 8.08 60.05 -34.24
CA SER D 53 8.91 59.26 -35.13
C SER D 53 9.15 59.96 -36.46
N GLU D 54 9.86 59.30 -37.36
CA GLU D 54 10.18 59.86 -38.67
C GLU D 54 9.19 59.38 -39.72
N SER D 55 9.25 59.99 -40.89
CA SER D 55 8.35 59.66 -41.99
C SER D 55 8.69 58.28 -42.56
N HIS D 56 7.73 57.72 -43.29
CA HIS D 56 7.94 56.43 -43.93
C HIS D 56 8.97 56.54 -45.04
N PRO D 57 9.74 55.48 -45.29
CA PRO D 57 10.68 55.50 -46.42
C PRO D 57 10.00 55.30 -47.76
N ASN D 58 8.67 55.17 -47.76
CA ASN D 58 7.90 54.89 -48.96
C ASN D 58 6.97 56.05 -49.30
N ALA D 59 7.47 57.28 -49.14
CA ALA D 59 6.79 58.51 -49.52
C ALA D 59 5.48 58.72 -48.77
N THR D 60 5.28 58.03 -47.65
CA THR D 60 4.09 58.23 -46.82
C THR D 60 4.52 58.70 -45.44
N PHE D 61 3.56 58.80 -44.52
CA PHE D 61 3.78 59.38 -43.20
C PHE D 61 3.63 58.32 -42.13
N SER D 62 4.55 58.31 -41.16
CA SER D 62 4.53 57.38 -40.04
C SER D 62 4.70 58.20 -38.76
N ALA D 63 3.58 58.66 -38.21
CA ALA D 63 3.58 59.44 -36.97
C ALA D 63 2.30 59.16 -36.22
N VAL D 64 2.41 58.89 -34.92
CA VAL D 64 1.28 58.56 -34.07
C VAL D 64 1.12 59.64 -33.01
N GLY D 65 -0.12 59.90 -32.65
CA GLY D 65 -0.42 60.80 -31.54
C GLY D 65 -1.11 60.05 -30.43
N GLU D 66 -0.48 59.97 -29.26
CA GLU D 66 -1.01 59.17 -28.17
C GLU D 66 -1.49 60.05 -27.02
N ALA D 67 -2.16 59.40 -26.07
CA ALA D 67 -2.66 60.06 -24.87
C ALA D 67 -2.74 59.04 -23.76
N SER D 68 -2.49 59.49 -22.53
CA SER D 68 -2.43 58.62 -21.35
C SER D 68 -3.53 59.02 -20.37
N ILE D 69 -4.68 58.36 -20.46
CA ILE D 69 -5.78 58.53 -19.53
C ILE D 69 -6.09 57.17 -18.93
N CYS D 70 -6.03 57.07 -17.60
CA CYS D 70 -6.22 55.77 -16.98
C CYS D 70 -7.69 55.36 -16.98
N GLU D 71 -7.96 54.19 -16.39
CA GLU D 71 -9.19 53.45 -16.63
C GLU D 71 -10.45 54.15 -16.16
N ASP D 72 -10.35 55.19 -15.34
CA ASP D 72 -11.56 55.85 -14.83
C ASP D 72 -12.38 56.54 -15.91
N ASP D 73 -11.79 56.84 -17.07
CA ASP D 73 -12.50 57.47 -18.17
C ASP D 73 -12.52 56.60 -19.42
N TRP D 74 -12.43 55.29 -19.26
CA TRP D 74 -12.55 54.37 -20.39
C TRP D 74 -13.72 53.42 -20.26
N ASN D 75 -13.90 52.79 -19.09
CA ASN D 75 -15.01 51.87 -18.87
C ASN D 75 -16.31 52.58 -18.50
N SER D 76 -16.26 53.88 -18.22
CA SER D 76 -17.46 54.64 -17.91
C SER D 76 -18.27 55.00 -19.15
N GLY D 77 -17.65 54.93 -20.34
CA GLY D 77 -18.36 55.24 -21.56
C GLY D 77 -17.95 56.57 -22.16
N GLU D 78 -16.68 56.94 -22.00
CA GLU D 78 -16.17 58.23 -22.48
C GLU D 78 -15.57 58.03 -23.87
N ARG D 79 -16.20 58.67 -24.86
CA ARG D 79 -15.69 58.63 -26.23
C ARG D 79 -14.64 59.71 -26.43
N PHE D 80 -13.51 59.32 -27.03
CA PHE D 80 -12.37 60.20 -27.20
C PHE D 80 -12.20 60.61 -28.65
N THR D 81 -11.55 61.76 -28.85
CA THR D 81 -11.28 62.29 -30.18
C THR D 81 -9.88 62.88 -30.20
N CYS D 82 -9.20 62.74 -31.34
CA CYS D 82 -7.89 63.35 -31.53
C CYS D 82 -7.98 64.38 -32.65
N THR D 83 -7.33 65.52 -32.43
CA THR D 83 -7.32 66.64 -33.37
C THR D 83 -6.10 66.51 -34.28
N VAL D 84 -6.34 66.44 -35.58
CA VAL D 84 -5.29 66.34 -36.58
C VAL D 84 -5.46 67.48 -37.58
N THR D 85 -4.41 68.28 -37.74
CA THR D 85 -4.37 69.30 -38.77
C THR D 85 -2.94 69.42 -39.30
N HIS D 86 -2.85 69.73 -40.60
CA HIS D 86 -1.60 69.75 -41.34
C HIS D 86 -1.77 70.70 -42.52
N THR D 87 -0.65 71.08 -43.13
CA THR D 87 -0.71 71.95 -44.30
C THR D 87 -1.48 71.31 -45.44
N ASP D 88 -1.47 69.97 -45.52
CA ASP D 88 -2.25 69.28 -46.56
C ASP D 88 -3.74 69.41 -46.29
N LEU D 89 -4.19 68.93 -45.12
CA LEU D 89 -5.59 69.04 -44.75
C LEU D 89 -5.73 70.08 -43.65
N PRO D 90 -6.27 71.27 -43.94
CA PRO D 90 -6.34 72.33 -42.93
C PRO D 90 -7.50 72.20 -41.96
N SER D 91 -8.49 71.34 -42.24
CA SER D 91 -9.60 71.24 -41.31
C SER D 91 -9.23 70.36 -40.12
N PRO D 92 -9.72 70.69 -38.93
CA PRO D 92 -9.46 69.83 -37.76
C PRO D 92 -10.23 68.52 -37.85
N LEU D 93 -9.52 67.43 -38.11
CA LEU D 93 -10.14 66.12 -38.27
C LEU D 93 -10.15 65.38 -36.95
N LYS D 94 -11.21 64.59 -36.74
CA LYS D 94 -11.40 63.83 -35.52
C LYS D 94 -11.50 62.35 -35.86
N GLN D 95 -10.97 61.52 -34.96
CA GLN D 95 -11.04 60.06 -35.08
C GLN D 95 -11.76 59.55 -33.83
N THR D 96 -13.04 59.24 -33.98
CA THR D 96 -13.91 58.90 -32.87
C THR D 96 -13.83 57.41 -32.57
N ILE D 97 -13.36 57.06 -31.37
CA ILE D 97 -13.27 55.68 -30.93
C ILE D 97 -13.87 55.58 -29.53
N SER D 98 -14.41 54.40 -29.22
CA SER D 98 -14.99 54.13 -27.90
C SER D 98 -14.95 52.63 -27.66
N ARG D 99 -15.14 52.25 -26.40
CA ARG D 99 -15.13 50.84 -26.03
C ARG D 99 -16.33 50.13 -26.65
N PRO D 100 -16.17 48.94 -27.24
CA PRO D 100 -17.31 48.28 -27.88
C PRO D 100 -18.33 47.75 -26.88
N LYS D 101 -19.18 48.60 -26.34
CA LYS D 101 -20.17 48.14 -25.37
C LYS D 101 -21.22 47.12 -25.92
N GLY D 102 -21.90 46.41 -25.01
CA GLY D 102 -22.89 45.42 -25.41
C GLY D 102 -22.55 43.94 -25.58
N VAL D 103 -21.37 43.50 -25.18
CA VAL D 103 -21.02 42.08 -25.34
C VAL D 103 -21.12 41.31 -24.02
N ALA D 104 -22.02 40.32 -23.95
CA ALA D 104 -22.24 39.56 -22.72
C ALA D 104 -20.97 38.88 -22.37
N LEU D 105 -20.56 38.87 -21.11
CA LEU D 105 -19.26 38.29 -20.74
C LEU D 105 -19.24 36.90 -20.12
N HIS D 106 -18.32 36.05 -20.61
CA HIS D 106 -18.11 34.69 -20.08
C HIS D 106 -16.67 34.43 -19.62
N ARG D 107 -16.55 33.45 -18.75
CA ARG D 107 -15.29 33.09 -18.10
C ARG D 107 -14.45 32.19 -19.00
N PRO D 108 -13.19 32.53 -19.23
CA PRO D 108 -12.31 31.64 -20.02
C PRO D 108 -11.91 30.38 -19.28
N ASP D 109 -12.44 29.24 -19.71
CA ASP D 109 -12.01 27.96 -19.18
C ASP D 109 -10.60 27.64 -19.67
N VAL D 110 -9.72 27.25 -18.73
CA VAL D 110 -8.31 27.05 -19.02
C VAL D 110 -7.94 25.61 -18.71
N TYR D 111 -7.25 24.97 -19.65
CA TYR D 111 -6.77 23.61 -19.47
C TYR D 111 -5.32 23.51 -19.92
N LEU D 112 -4.50 22.84 -19.12
CA LEU D 112 -3.12 22.59 -19.52
C LEU D 112 -2.96 21.17 -20.06
N LEU D 113 -2.44 21.07 -21.27
CA LEU D 113 -2.17 19.79 -21.92
C LEU D 113 -0.67 19.55 -21.93
N PRO D 114 -0.19 18.50 -21.27
CA PRO D 114 1.24 18.19 -21.28
C PRO D 114 1.66 17.60 -22.61
N PRO D 115 2.96 17.56 -22.90
CA PRO D 115 3.41 16.99 -24.18
C PRO D 115 3.08 15.51 -24.29
N ALA D 116 2.79 15.09 -25.51
CA ALA D 116 2.50 13.70 -25.78
C ALA D 116 3.75 12.85 -25.63
N ARG D 117 3.52 11.64 -25.14
CA ARG D 117 4.54 10.65 -24.89
C ARG D 117 5.32 10.52 -26.12
N GLU D 118 4.64 10.54 -27.25
CA GLU D 118 5.26 10.36 -28.54
C GLU D 118 6.29 11.42 -28.79
N GLN D 119 6.07 12.66 -28.40
CA GLN D 119 7.07 13.70 -28.53
C GLN D 119 8.14 13.56 -27.58
N LEU D 120 7.80 13.06 -26.42
CA LEU D 120 8.78 12.92 -25.38
C LEU D 120 9.90 11.94 -25.69
N ASN D 121 9.59 10.82 -26.34
CA ASN D 121 10.59 9.86 -26.69
C ASN D 121 11.65 10.44 -27.52
N LEU D 122 11.28 11.06 -28.63
CA LEU D 122 12.22 11.69 -29.56
C LEU D 122 13.29 12.49 -28.82
N ARG D 123 12.93 13.10 -27.70
CA ARG D 123 13.88 13.76 -26.79
C ARG D 123 14.64 14.89 -27.50
N GLU D 124 13.90 15.87 -27.99
CA GLU D 124 14.48 17.14 -28.43
C GLU D 124 13.91 18.31 -27.63
N SER D 125 12.58 18.45 -27.57
CA SER D 125 11.93 19.54 -26.86
C SER D 125 10.44 19.27 -26.72
N ALA D 126 9.91 19.49 -25.52
CA ALA D 126 8.49 19.28 -25.25
C ALA D 126 7.70 20.55 -25.56
N THR D 127 6.39 20.39 -25.69
CA THR D 127 5.48 21.50 -25.95
C THR D 127 4.27 21.37 -25.04
N ILE D 128 4.18 22.25 -24.04
CA ILE D 128 3.03 22.29 -23.14
C ILE D 128 2.05 23.33 -23.66
N THR D 129 0.78 22.95 -23.80
CA THR D 129 -0.20 23.81 -24.44
C THR D 129 -1.24 24.27 -23.43
N CYS D 130 -1.38 25.59 -23.28
CA CYS D 130 -2.43 26.18 -22.47
C CYS D 130 -3.60 26.53 -23.37
N LEU D 131 -4.72 25.86 -23.17
CA LEU D 131 -5.92 26.00 -24.01
C LEU D 131 -6.91 26.86 -23.24
N VAL D 132 -7.27 28.01 -23.82
CA VAL D 132 -8.18 28.95 -23.19
C VAL D 132 -9.41 29.04 -24.08
N THR D 133 -10.50 28.41 -23.68
CA THR D 133 -11.69 28.33 -24.51
C THR D 133 -12.92 28.84 -23.77
N GLY D 134 -13.95 29.18 -24.54
CA GLY D 134 -15.23 29.55 -23.97
C GLY D 134 -15.36 30.97 -23.48
N PHE D 135 -14.45 31.86 -23.87
CA PHE D 135 -14.47 33.25 -23.40
C PHE D 135 -14.99 34.16 -24.49
N SER D 136 -15.84 35.11 -24.10
CA SER D 136 -16.28 36.19 -24.96
C SER D 136 -16.33 37.48 -24.16
N PRO D 137 -15.91 38.62 -24.73
CA PRO D 137 -15.38 38.77 -26.09
C PRO D 137 -13.92 38.38 -26.24
N ALA D 138 -13.29 38.90 -27.29
CA ALA D 138 -11.90 38.61 -27.62
C ALA D 138 -10.94 39.42 -26.77
N ASP D 139 -9.67 39.48 -27.19
CA ASP D 139 -8.61 40.21 -26.50
C ASP D 139 -8.34 39.63 -25.12
N VAL D 140 -7.91 38.36 -25.14
CA VAL D 140 -7.47 37.66 -23.95
C VAL D 140 -5.96 37.78 -23.86
N PHE D 141 -5.43 37.68 -22.64
CA PHE D 141 -3.99 37.76 -22.43
C PHE D 141 -3.52 36.48 -21.73
N VAL D 142 -2.42 35.91 -22.23
CA VAL D 142 -1.87 34.67 -21.68
C VAL D 142 -0.37 34.84 -21.53
N GLN D 143 0.18 34.44 -20.38
CA GLN D 143 1.62 34.46 -20.19
C GLN D 143 2.06 33.33 -19.27
N TRP D 144 3.31 32.92 -19.43
CA TRP D 144 3.86 31.76 -18.74
C TRP D 144 4.86 32.20 -17.68
N MET D 145 4.77 31.60 -16.49
CA MET D 145 5.70 31.85 -15.41
C MET D 145 6.25 30.55 -14.87
N GLN D 146 7.56 30.51 -14.66
CA GLN D 146 8.26 29.38 -14.06
C GLN D 146 8.89 29.84 -12.75
N ARG D 147 8.66 29.08 -11.68
CA ARG D 147 9.13 29.43 -10.34
C ARG D 147 8.67 30.83 -9.95
N GLY D 148 7.44 31.16 -10.35
CA GLY D 148 6.86 32.45 -10.04
C GLY D 148 7.53 33.62 -10.73
N GLN D 149 8.31 33.34 -11.78
CA GLN D 149 9.01 34.38 -12.52
C GLN D 149 8.64 34.27 -14.00
N PRO D 150 8.14 35.34 -14.62
CA PRO D 150 7.74 35.24 -16.02
C PRO D 150 8.92 34.98 -16.95
N LEU D 151 8.64 34.28 -18.04
CA LEU D 151 9.62 34.00 -19.08
C LEU D 151 9.54 35.07 -20.15
N SER D 152 10.60 35.12 -20.96
CA SER D 152 10.62 36.05 -22.09
C SER D 152 9.57 35.62 -23.12
N PRO D 153 8.96 36.57 -23.82
CA PRO D 153 7.95 36.21 -24.83
C PRO D 153 8.49 35.42 -26.01
N GLU D 154 9.79 35.12 -26.05
CA GLU D 154 10.37 34.39 -27.16
C GLU D 154 10.27 32.88 -26.98
N LYS D 155 9.84 32.39 -25.83
CA LYS D 155 9.74 30.96 -25.57
C LYS D 155 8.33 30.41 -25.69
N TYR D 156 7.31 31.26 -25.73
CA TYR D 156 5.94 30.81 -25.89
C TYR D 156 5.25 31.61 -27.00
N VAL D 157 4.34 30.94 -27.69
CA VAL D 157 3.58 31.55 -28.79
C VAL D 157 2.10 31.43 -28.47
N THR D 158 1.38 32.55 -28.49
CA THR D 158 -0.06 32.58 -28.31
C THR D 158 -0.74 32.99 -29.61
N SER D 159 -1.73 32.20 -30.02
CA SER D 159 -2.43 32.43 -31.28
C SER D 159 -3.45 33.55 -31.09
N ALA D 160 -4.30 33.74 -32.09
CA ALA D 160 -5.33 34.77 -32.06
C ALA D 160 -6.68 34.16 -31.75
N PRO D 161 -7.55 34.91 -31.06
CA PRO D 161 -8.89 34.39 -30.73
C PRO D 161 -9.71 34.11 -31.98
N MET D 162 -10.00 32.83 -32.21
CA MET D 162 -10.83 32.36 -33.31
C MET D 162 -12.16 31.82 -32.78
N PRO D 163 -13.27 32.11 -33.46
CA PRO D 163 -14.57 31.66 -32.97
C PRO D 163 -14.65 30.14 -32.88
N GLU D 164 -15.34 29.69 -31.84
CA GLU D 164 -15.63 28.32 -31.44
C GLU D 164 -16.58 27.67 -32.45
N PRO D 165 -16.33 26.41 -32.83
CA PRO D 165 -17.22 25.73 -33.78
C PRO D 165 -18.63 25.53 -33.24
N GLN D 166 -18.73 25.03 -32.01
CA GLN D 166 -20.04 24.75 -31.42
C GLN D 166 -20.66 26.00 -30.82
N ALA D 167 -19.96 26.62 -29.87
CA ALA D 167 -20.48 27.83 -29.23
C ALA D 167 -20.48 28.98 -30.23
N PRO D 168 -21.62 29.64 -30.43
CA PRO D 168 -21.70 30.71 -31.43
C PRO D 168 -20.84 31.92 -31.11
N GLY D 169 -21.00 32.48 -29.91
CA GLY D 169 -20.34 33.72 -29.57
C GLY D 169 -19.04 33.61 -28.80
N ARG D 170 -18.69 32.43 -28.32
CA ARG D 170 -17.47 32.25 -27.54
C ARG D 170 -16.31 31.89 -28.47
N TYR D 171 -15.10 32.17 -27.99
CA TYR D 171 -13.88 32.01 -28.78
C TYR D 171 -12.97 30.97 -28.13
N PHE D 172 -11.76 30.85 -28.66
CA PHE D 172 -10.74 29.98 -28.07
C PHE D 172 -9.37 30.47 -28.50
N ALA D 173 -8.36 30.03 -27.77
CA ALA D 173 -6.99 30.42 -28.04
C ALA D 173 -6.04 29.37 -27.48
N HIS D 174 -4.84 29.32 -28.05
CA HIS D 174 -3.80 28.37 -27.68
C HIS D 174 -2.52 29.12 -27.36
N SER D 175 -1.82 28.67 -26.32
CA SER D 175 -0.50 29.19 -26.00
C SER D 175 0.45 28.02 -25.80
N ILE D 176 1.39 27.85 -26.72
CA ILE D 176 2.34 26.74 -26.66
C ILE D 176 3.65 27.24 -26.08
N LEU D 177 4.16 26.49 -25.11
CA LEU D 177 5.48 26.74 -24.53
C LEU D 177 6.38 25.57 -24.92
N THR D 178 7.48 25.88 -25.60
CA THR D 178 8.36 24.87 -26.19
C THR D 178 9.56 24.65 -25.27
N VAL D 179 9.33 23.93 -24.17
CA VAL D 179 10.41 23.60 -23.26
C VAL D 179 11.24 22.45 -23.83
N SER D 180 12.52 22.45 -23.49
CA SER D 180 13.38 21.33 -23.85
C SER D 180 13.10 20.14 -22.95
N GLU D 181 13.39 18.95 -23.47
CA GLU D 181 12.88 17.72 -22.86
C GLU D 181 13.43 17.53 -21.45
N GLU D 182 14.72 17.81 -21.24
CA GLU D 182 15.39 17.46 -20.00
C GLU D 182 14.87 18.23 -18.79
N GLU D 183 14.19 19.35 -18.97
CA GLU D 183 13.65 20.09 -17.84
C GLU D 183 12.24 19.68 -17.44
N TRP D 184 11.48 19.05 -18.34
CA TRP D 184 10.16 18.58 -17.94
C TRP D 184 10.25 17.36 -17.04
N ASN D 185 11.35 16.61 -17.11
CA ASN D 185 11.55 15.49 -16.19
C ASN D 185 11.65 15.96 -14.75
N THR D 186 12.06 17.21 -14.53
CA THR D 186 11.89 17.85 -13.23
C THR D 186 10.53 18.52 -13.12
N GLY D 187 10.17 19.36 -14.09
CA GLY D 187 8.85 19.96 -14.16
C GLY D 187 8.47 20.72 -12.91
N GLU D 188 9.13 21.85 -12.66
CA GLU D 188 9.00 22.49 -11.35
C GLU D 188 7.64 23.18 -11.19
N THR D 189 7.38 24.23 -11.95
CA THR D 189 6.08 24.90 -11.90
C THR D 189 5.36 24.89 -13.24
N TYR D 190 5.97 25.46 -14.28
CA TYR D 190 5.38 25.60 -15.62
C TYR D 190 3.92 26.06 -15.52
N THR D 191 3.75 27.28 -15.03
CA THR D 191 2.44 27.85 -14.76
C THR D 191 1.99 28.73 -15.92
N CYS D 192 0.71 28.58 -16.29
CA CYS D 192 0.07 29.42 -17.31
C CYS D 192 -0.93 30.32 -16.60
N VAL D 193 -0.79 31.63 -16.78
CA VAL D 193 -1.69 32.60 -16.17
C VAL D 193 -2.40 33.37 -17.28
N VAL D 194 -3.71 33.55 -17.11
CA VAL D 194 -4.56 34.15 -18.14
C VAL D 194 -5.30 35.33 -17.52
N ALA D 195 -5.33 36.45 -18.26
CA ALA D 195 -6.07 37.64 -17.87
C ALA D 195 -7.17 37.88 -18.89
N HIS D 196 -8.41 37.98 -18.40
CA HIS D 196 -9.57 38.33 -19.20
C HIS D 196 -10.50 39.16 -18.36
N GLU D 197 -11.28 40.02 -19.01
CA GLU D 197 -12.10 41.00 -18.30
C GLU D 197 -13.36 40.40 -17.68
N ALA D 198 -13.68 39.14 -17.96
CA ALA D 198 -14.87 38.50 -17.41
C ALA D 198 -14.56 37.60 -16.21
N LEU D 199 -13.29 37.46 -15.84
CA LEU D 199 -12.92 36.65 -14.70
C LEU D 199 -13.27 37.36 -13.39
N PRO D 200 -13.43 36.61 -12.30
CA PRO D 200 -13.74 37.23 -11.01
C PRO D 200 -12.73 38.30 -10.60
N ASN D 201 -11.46 37.93 -10.52
CA ASN D 201 -10.38 38.87 -10.23
C ASN D 201 -9.47 39.10 -11.45
N ARG D 202 -9.94 38.74 -12.64
CA ARG D 202 -9.27 39.02 -13.91
C ARG D 202 -7.94 38.31 -14.05
N VAL D 203 -7.65 37.33 -13.19
CA VAL D 203 -6.45 36.51 -13.30
C VAL D 203 -6.82 35.08 -12.92
N THR D 204 -6.43 34.13 -13.77
CA THR D 204 -6.64 32.71 -13.49
C THR D 204 -5.36 31.96 -13.77
N GLU D 205 -4.96 31.11 -12.83
CA GLU D 205 -3.70 30.39 -12.90
C GLU D 205 -3.93 28.89 -13.02
N ARG D 206 -3.08 28.24 -13.80
CA ARG D 206 -3.06 26.79 -13.90
C ARG D 206 -1.62 26.30 -13.86
N THR D 207 -1.42 25.12 -13.29
CA THR D 207 -0.10 24.56 -13.06
C THR D 207 -0.05 23.11 -13.53
N VAL D 208 1.03 22.77 -14.22
CA VAL D 208 1.27 21.40 -14.69
C VAL D 208 2.72 21.05 -14.43
N ASP D 209 2.95 19.78 -14.05
CA ASP D 209 4.29 19.28 -13.78
C ASP D 209 4.43 17.90 -14.40
N LYS D 210 5.57 17.25 -14.13
CA LYS D 210 5.80 15.92 -14.68
C LYS D 210 4.78 14.91 -14.17
N SER D 211 4.49 14.93 -12.88
CA SER D 211 3.54 13.99 -12.28
C SER D 211 2.26 14.76 -11.96
N THR D 212 1.43 14.93 -12.99
CA THR D 212 0.10 15.51 -12.85
C THR D 212 -0.98 14.59 -13.38
N GLY D 213 -0.78 14.02 -14.56
CA GLY D 213 -1.77 13.15 -15.16
C GLY D 213 -1.47 11.69 -14.90
N LYS D 214 -0.61 11.41 -13.93
CA LYS D 214 -0.34 10.03 -13.55
C LYS D 214 -1.48 9.48 -12.71
N PRO D 215 -2.16 8.43 -13.17
CA PRO D 215 -3.23 7.83 -12.39
C PRO D 215 -2.68 6.95 -11.28
N THR D 216 -3.58 6.54 -10.39
CA THR D 216 -3.26 5.52 -9.40
C THR D 216 -3.28 4.16 -10.07
N LEU D 217 -2.27 3.33 -9.75
CA LEU D 217 -2.08 2.08 -10.46
C LEU D 217 -2.21 0.83 -9.59
N TYR D 218 -2.17 0.97 -8.26
CA TYR D 218 -1.98 -0.20 -7.40
C TYR D 218 -3.03 -0.17 -6.29
N ASN D 219 -4.17 -0.81 -6.56
CA ASN D 219 -5.29 -0.87 -5.63
C ASN D 219 -5.08 -2.06 -4.71
N VAL D 220 -4.09 -1.95 -3.83
CA VAL D 220 -3.71 -3.04 -2.92
C VAL D 220 -4.74 -3.06 -1.80
N SER D 221 -5.70 -3.97 -1.91
CA SER D 221 -6.78 -4.09 -0.92
C SER D 221 -6.48 -5.28 -0.01
N LEU D 222 -5.67 -5.02 1.02
CA LEU D 222 -5.38 -6.05 2.01
C LEU D 222 -6.48 -6.09 3.07
N VAL D 223 -6.85 -7.30 3.47
CA VAL D 223 -7.91 -7.50 4.45
C VAL D 223 -7.41 -8.44 5.53
N MET D 224 -8.09 -8.40 6.68
CA MET D 224 -7.75 -9.27 7.80
C MET D 224 -9.00 -9.69 8.56
N ILE E 1 -11.82 71.26 17.10
CA ILE E 1 -12.07 70.57 15.84
C ILE E 1 -10.86 69.73 15.45
N ARG E 2 -11.10 68.45 15.22
CA ARG E 2 -10.06 67.50 14.84
C ARG E 2 -10.38 66.93 13.46
N VAL E 3 -9.33 66.62 12.70
CA VAL E 3 -9.46 66.06 11.37
C VAL E 3 -8.86 64.65 11.36
N PHE E 4 -9.33 63.82 10.43
CA PHE E 4 -8.92 62.40 10.37
C PHE E 4 -9.01 61.99 8.90
N ALA E 5 -7.85 61.88 8.26
CA ALA E 5 -7.77 61.58 6.83
C ALA E 5 -7.29 60.14 6.64
N ILE E 6 -8.12 59.32 6.00
CA ILE E 6 -7.79 57.93 5.68
C ILE E 6 -7.60 57.83 4.16
N PRO E 7 -6.41 57.49 3.70
CA PRO E 7 -6.22 57.12 2.29
C PRO E 7 -6.77 55.73 2.03
N PRO E 8 -7.04 55.37 0.78
CA PRO E 8 -7.54 54.03 0.50
C PRO E 8 -6.43 52.99 0.59
N SER E 9 -6.74 51.89 1.29
CA SER E 9 -5.81 50.79 1.43
C SER E 9 -5.85 49.92 0.18
N PHE E 10 -4.83 49.08 0.01
CA PHE E 10 -4.80 48.17 -1.13
C PHE E 10 -5.97 47.20 -1.07
N ALA E 11 -6.29 46.71 0.13
CA ALA E 11 -7.47 45.89 0.33
C ALA E 11 -8.76 46.63 0.00
N SER E 12 -8.73 47.95 -0.05
CA SER E 12 -9.91 48.75 -0.42
C SER E 12 -9.92 49.11 -1.89
N ILE E 13 -8.75 49.19 -2.53
CA ILE E 13 -8.70 49.57 -3.95
C ILE E 13 -8.66 48.35 -4.87
N PHE E 14 -8.44 47.16 -4.33
CA PHE E 14 -8.30 45.98 -5.17
C PHE E 14 -9.66 45.41 -5.57
N LEU E 15 -10.56 45.25 -4.60
CA LEU E 15 -11.84 44.59 -4.87
C LEU E 15 -12.76 45.41 -5.76
N THR E 16 -12.55 46.72 -5.85
CA THR E 16 -13.43 47.59 -6.63
C THR E 16 -12.73 48.32 -7.76
N LYS E 17 -11.40 48.40 -7.75
CA LYS E 17 -10.63 49.13 -8.76
C LYS E 17 -11.04 50.59 -8.86
N SER E 18 -11.53 51.16 -7.75
CA SER E 18 -12.16 52.48 -7.74
C SER E 18 -11.59 53.32 -6.59
N THR E 19 -10.26 53.40 -6.52
CA THR E 19 -9.54 54.07 -5.44
C THR E 19 -10.17 55.39 -5.03
N LYS E 20 -10.20 55.66 -3.72
CA LYS E 20 -10.89 56.82 -3.19
C LYS E 20 -10.34 57.14 -1.81
N LEU E 21 -9.78 58.35 -1.66
CA LEU E 21 -9.25 58.81 -0.38
C LEU E 21 -10.26 59.74 0.28
N THR E 22 -10.42 59.60 1.60
CA THR E 22 -11.48 60.31 2.29
C THR E 22 -10.96 60.90 3.59
N CYS E 23 -11.36 62.14 3.89
CA CYS E 23 -11.02 62.76 5.17
C CYS E 23 -12.31 63.23 5.85
N LEU E 24 -12.47 62.82 7.10
CA LEU E 24 -13.60 63.17 7.94
C LEU E 24 -13.13 64.10 9.06
N VAL E 25 -14.09 64.70 9.76
CA VAL E 25 -13.77 65.56 10.89
C VAL E 25 -14.62 65.16 12.08
N THR E 26 -14.05 65.32 13.27
CA THR E 26 -14.71 65.11 14.54
C THR E 26 -14.49 66.32 15.43
N ASP E 27 -15.15 66.34 16.58
CA ASP E 27 -15.07 67.43 17.55
C ASP E 27 -15.49 68.77 16.98
N LEU E 28 -16.22 68.76 15.87
CA LEU E 28 -16.68 69.99 15.22
C LEU E 28 -18.13 70.26 15.64
N THR E 29 -18.43 71.53 15.89
CA THR E 29 -19.70 71.91 16.49
C THR E 29 -20.86 71.58 15.56
N THR E 30 -22.03 71.36 16.16
CA THR E 30 -23.22 70.94 15.42
C THR E 30 -23.76 72.08 14.57
N TYR E 31 -23.33 72.13 13.31
CA TYR E 31 -23.79 73.15 12.39
C TYR E 31 -23.65 72.64 10.97
N ASP E 32 -24.52 73.12 10.08
CA ASP E 32 -24.54 72.70 8.69
C ASP E 32 -23.66 73.64 7.86
N SER E 33 -23.76 73.56 6.54
CA SER E 33 -22.98 74.39 5.61
C SER E 33 -21.47 74.19 5.83
N VAL E 34 -21.06 72.93 5.68
CA VAL E 34 -19.66 72.55 5.78
C VAL E 34 -18.96 72.85 4.47
N THR E 35 -17.63 72.99 4.50
CA THR E 35 -16.86 73.29 3.29
C THR E 35 -15.65 72.35 3.23
N ILE E 36 -15.83 71.20 2.57
CA ILE E 36 -14.74 70.26 2.36
C ILE E 36 -14.25 70.44 0.93
N SER E 37 -13.00 70.86 0.76
CA SER E 37 -12.41 71.11 -0.54
C SER E 37 -11.18 70.23 -0.71
N TRP E 38 -11.27 69.28 -1.64
CA TRP E 38 -10.12 68.46 -1.99
C TRP E 38 -9.30 69.13 -3.09
N THR E 39 -7.99 69.12 -2.92
CA THR E 39 -7.06 69.64 -3.93
C THR E 39 -5.95 68.62 -4.15
N ARG E 40 -5.45 68.59 -5.38
CA ARG E 40 -4.33 67.75 -5.74
C ARG E 40 -3.04 68.42 -5.27
N GLN E 41 -1.89 67.84 -5.62
CA GLN E 41 -0.63 68.52 -5.36
C GLN E 41 -0.54 69.82 -6.16
N ASN E 42 -1.00 69.80 -7.42
CA ASN E 42 -1.12 71.03 -8.20
C ASN E 42 -2.41 71.78 -7.90
N GLY E 43 -3.42 71.13 -7.34
CA GLY E 43 -4.64 71.79 -6.93
C GLY E 43 -5.65 72.07 -8.01
N GLU E 44 -6.25 71.02 -8.58
CA GLU E 44 -7.32 71.17 -9.55
C GLU E 44 -8.67 70.86 -8.90
N ALA E 45 -9.72 70.84 -9.71
CA ALA E 45 -11.05 70.50 -9.22
C ALA E 45 -11.15 69.01 -8.93
N VAL E 46 -12.10 68.66 -8.08
CA VAL E 46 -12.28 67.29 -7.59
C VAL E 46 -13.76 66.93 -7.62
N LYS E 47 -14.04 65.71 -7.18
CA LYS E 47 -15.42 65.27 -6.98
C LYS E 47 -16.00 65.90 -5.72
N THR E 48 -17.32 65.99 -5.68
CA THR E 48 -18.01 66.57 -4.54
C THR E 48 -18.09 65.56 -3.41
N HIS E 49 -18.80 65.90 -2.33
CA HIS E 49 -18.96 65.03 -1.18
C HIS E 49 -20.44 64.71 -1.02
N THR E 50 -20.76 63.43 -0.92
CA THR E 50 -22.14 62.95 -0.84
C THR E 50 -22.29 62.06 0.38
N ASN E 51 -23.48 62.10 0.98
CA ASN E 51 -23.82 61.29 2.16
C ASN E 51 -22.90 61.65 3.34
N ILE E 52 -22.98 62.90 3.75
CA ILE E 52 -22.21 63.41 4.87
C ILE E 52 -22.88 62.95 6.17
N SER E 53 -22.08 62.48 7.12
CA SER E 53 -22.61 61.97 8.37
C SER E 53 -23.24 63.10 9.17
N GLU E 54 -24.22 62.74 10.01
CA GLU E 54 -24.96 63.70 10.82
C GLU E 54 -24.25 63.88 12.16
N SER E 55 -24.91 64.54 13.11
CA SER E 55 -24.30 64.82 14.40
C SER E 55 -24.04 63.54 15.19
N HIS E 56 -22.96 63.56 15.96
CA HIS E 56 -22.56 62.47 16.82
C HIS E 56 -23.34 62.49 18.12
N PRO E 57 -23.42 61.36 18.84
CA PRO E 57 -24.17 61.33 20.11
C PRO E 57 -23.59 62.23 21.18
N ASN E 58 -22.35 62.68 21.07
CA ASN E 58 -21.71 63.53 22.07
C ASN E 58 -21.76 64.99 21.68
N ALA E 59 -22.86 65.40 21.01
CA ALA E 59 -23.14 66.80 20.67
C ALA E 59 -22.05 67.41 19.80
N THR E 60 -21.60 66.68 18.78
CA THR E 60 -20.67 67.22 17.79
C THR E 60 -21.06 66.72 16.41
N PHE E 61 -20.63 67.45 15.39
CA PHE E 61 -20.93 67.14 14.00
C PHE E 61 -19.72 66.48 13.36
N SER E 62 -19.99 65.73 12.28
CA SER E 62 -18.95 64.97 11.58
C SER E 62 -19.08 65.21 10.08
N ALA E 63 -18.38 66.22 9.59
CA ALA E 63 -18.31 66.45 8.15
C ALA E 63 -17.28 65.51 7.53
N VAL E 64 -17.58 65.01 6.33
CA VAL E 64 -16.74 64.03 5.65
C VAL E 64 -16.67 64.40 4.18
N GLY E 65 -15.50 64.18 3.57
CA GLY E 65 -15.32 64.42 2.16
C GLY E 65 -14.40 63.43 1.50
N GLU E 66 -14.86 62.81 0.42
CA GLU E 66 -14.12 61.84 -0.36
C GLU E 66 -13.77 62.42 -1.73
N ALA E 67 -12.96 61.67 -2.48
CA ALA E 67 -12.55 62.08 -3.81
C ALA E 67 -12.14 60.84 -4.59
N SER E 68 -12.13 60.97 -5.93
CA SER E 68 -11.70 59.89 -6.80
C SER E 68 -10.50 60.34 -7.61
N ILE E 69 -9.50 59.47 -7.71
CA ILE E 69 -8.21 59.81 -8.29
C ILE E 69 -7.77 58.68 -9.23
N CYS E 70 -6.69 58.92 -9.98
CA CYS E 70 -6.09 57.90 -10.83
C CYS E 70 -5.28 56.92 -9.98
N GLU E 71 -5.30 55.64 -10.40
CA GLU E 71 -4.56 54.61 -9.68
C GLU E 71 -3.06 54.83 -9.78
N ASP E 72 -2.58 55.25 -10.96
CA ASP E 72 -1.17 55.55 -11.17
C ASP E 72 -0.74 56.83 -10.47
N ASP E 73 -1.57 57.88 -10.51
CA ASP E 73 -1.23 59.11 -9.80
C ASP E 73 -1.17 58.88 -8.31
N TRP E 74 -1.95 57.92 -7.79
CA TRP E 74 -1.82 57.54 -6.39
C TRP E 74 -0.47 56.88 -6.12
N ASN E 75 0.05 56.14 -7.09
CA ASN E 75 1.35 55.49 -6.98
C ASN E 75 2.50 56.37 -7.46
N SER E 76 2.20 57.62 -7.85
CA SER E 76 3.21 58.54 -8.36
C SER E 76 3.83 59.40 -7.26
N GLY E 77 3.52 59.13 -5.98
CA GLY E 77 4.05 59.92 -4.91
C GLY E 77 3.35 61.25 -4.71
N GLU E 78 2.19 61.45 -5.33
CA GLU E 78 1.44 62.69 -5.18
C GLU E 78 0.81 62.76 -3.81
N ARG E 79 0.78 63.98 -3.26
CA ARG E 79 0.35 64.23 -1.88
C ARG E 79 -0.87 65.14 -1.93
N PHE E 80 -2.05 64.58 -1.63
CA PHE E 80 -3.30 65.30 -1.84
C PHE E 80 -3.77 65.98 -0.56
N THR E 81 -4.27 67.20 -0.69
CA THR E 81 -4.72 67.99 0.45
C THR E 81 -6.25 68.03 0.49
N CYS E 82 -6.80 68.09 1.70
CA CYS E 82 -8.21 68.42 1.86
C CYS E 82 -8.34 69.47 2.96
N THR E 83 -9.05 70.55 2.65
CA THR E 83 -9.24 71.66 3.56
C THR E 83 -10.68 71.67 4.04
N VAL E 84 -10.88 71.75 5.35
CA VAL E 84 -12.19 71.76 5.97
C VAL E 84 -12.41 73.14 6.58
N THR E 85 -13.37 73.88 6.02
CA THR E 85 -13.74 75.21 6.50
C THR E 85 -15.16 75.18 7.03
N HIS E 86 -15.35 75.75 8.22
CA HIS E 86 -16.65 75.79 8.87
C HIS E 86 -16.76 77.12 9.61
N THR E 87 -17.75 77.23 10.49
CA THR E 87 -18.01 78.45 11.23
C THR E 87 -17.64 78.32 12.71
N ASP E 88 -16.66 77.46 13.03
CA ASP E 88 -16.23 77.29 14.40
C ASP E 88 -14.72 77.21 14.55
N LEU E 89 -13.97 77.46 13.49
CA LEU E 89 -12.50 77.37 13.48
C LEU E 89 -11.85 78.74 13.50
N PRO E 90 -10.74 78.89 14.22
CA PRO E 90 -10.01 80.16 14.20
C PRO E 90 -9.05 80.25 13.01
N SER E 91 -8.57 79.10 12.54
CA SER E 91 -7.68 79.01 11.39
C SER E 91 -8.13 77.84 10.54
N PRO E 92 -8.05 77.95 9.21
CA PRO E 92 -8.52 76.87 8.34
C PRO E 92 -7.73 75.58 8.56
N LEU E 93 -8.45 74.50 8.83
CA LEU E 93 -7.83 73.19 9.01
C LEU E 93 -7.64 72.50 7.66
N LYS E 94 -6.51 71.81 7.52
CA LYS E 94 -6.21 71.11 6.28
C LYS E 94 -5.32 69.92 6.59
N GLN E 95 -5.63 68.78 5.96
CA GLN E 95 -4.84 67.56 6.11
C GLN E 95 -4.37 67.10 4.75
N THR E 96 -3.08 66.79 4.66
CA THR E 96 -2.48 66.33 3.41
C THR E 96 -1.97 64.91 3.58
N ILE E 97 -2.22 64.09 2.56
CA ILE E 97 -1.97 62.65 2.62
C ILE E 97 -0.94 62.28 1.56
N SER E 98 -0.01 61.39 1.86
CA SER E 98 0.86 60.94 0.79
C SER E 98 1.09 59.45 0.98
N ARG E 99 0.71 58.62 0.01
CA ARG E 99 0.96 57.20 0.17
C ARG E 99 2.47 57.13 0.15
N PRO E 100 3.08 56.43 1.12
CA PRO E 100 4.54 56.49 1.14
C PRO E 100 5.18 55.80 -0.03
N LYS E 101 6.26 56.39 -0.49
CA LYS E 101 7.05 55.81 -1.55
C LYS E 101 8.37 55.53 -0.86
N GLY E 102 8.82 54.30 -1.01
CA GLY E 102 10.02 53.86 -0.35
C GLY E 102 9.48 52.94 0.71
N VAL E 103 9.64 51.66 0.42
CA VAL E 103 9.23 50.56 1.27
C VAL E 103 9.92 49.30 0.76
N ALA E 104 10.00 48.26 1.56
CA ALA E 104 10.58 47.02 1.10
C ALA E 104 9.52 46.24 0.32
N LEU E 105 9.89 45.19 -0.39
CA LEU E 105 8.85 44.46 -1.10
C LEU E 105 9.06 42.96 -1.20
N HIS E 106 8.17 42.18 -0.62
CA HIS E 106 8.26 40.73 -0.68
C HIS E 106 6.99 40.11 -1.27
N ARG E 107 7.05 38.87 -1.69
CA ARG E 107 5.89 38.26 -2.24
C ARG E 107 5.53 37.24 -1.27
N PRO E 108 4.34 37.31 -0.73
CA PRO E 108 4.00 36.39 0.30
C PRO E 108 3.95 35.00 -0.10
N ASP E 109 4.61 34.08 0.54
CA ASP E 109 4.48 32.69 0.17
C ASP E 109 3.14 32.22 0.62
N VAL E 110 2.40 31.45 -0.14
CA VAL E 110 1.13 30.95 0.41
C VAL E 110 1.23 29.45 0.63
N TYR E 111 0.82 29.01 1.81
CA TYR E 111 0.66 27.59 2.10
C TYR E 111 -0.76 27.38 2.61
N LEU E 112 -1.45 26.39 2.05
CA LEU E 112 -2.83 26.12 2.38
C LEU E 112 -2.92 24.80 3.14
N LEU E 113 -3.17 24.88 4.45
CA LEU E 113 -3.13 23.72 5.34
C LEU E 113 -4.51 23.09 5.45
N PRO E 114 -4.65 21.81 5.17
CA PRO E 114 -5.95 21.15 5.31
C PRO E 114 -6.30 20.95 6.78
N PRO E 115 -7.58 20.76 7.09
CA PRO E 115 -7.97 20.57 8.49
C PRO E 115 -7.37 19.31 9.09
N ALA E 116 -7.12 19.35 10.39
CA ALA E 116 -6.51 18.22 11.09
C ALA E 116 -7.45 17.02 11.10
N ARG E 117 -6.85 15.82 11.14
CA ARG E 117 -7.65 14.60 11.17
C ARG E 117 -8.51 14.52 12.42
N GLU E 118 -7.96 14.90 13.58
CA GLU E 118 -8.73 14.88 14.81
C GLU E 118 -9.90 15.87 14.78
N GLN E 119 -9.86 16.87 13.90
CA GLN E 119 -11.01 17.72 13.66
C GLN E 119 -12.05 17.02 12.79
N LEU E 120 -11.60 16.15 11.89
CA LEU E 120 -12.51 15.38 11.05
C LEU E 120 -12.95 14.09 11.74
N ASN E 121 -13.38 14.23 13.00
CA ASN E 121 -14.00 13.15 13.74
C ASN E 121 -15.27 13.57 14.47
N LEU E 122 -15.43 14.84 14.84
CA LEU E 122 -16.66 15.33 15.44
C LEU E 122 -17.79 15.50 14.42
N ARG E 123 -17.45 15.50 13.13
CA ARG E 123 -18.45 15.58 12.05
C ARG E 123 -19.33 16.82 12.20
N GLU E 124 -18.72 17.94 12.55
CA GLU E 124 -19.48 19.19 12.69
C GLU E 124 -19.06 20.23 11.66
N SER E 125 -17.78 20.58 11.62
CA SER E 125 -17.29 21.63 10.73
C SER E 125 -15.78 21.59 10.67
N ALA E 126 -15.22 21.67 9.47
CA ALA E 126 -13.77 21.80 9.31
C ALA E 126 -13.41 23.27 9.07
N THR E 127 -12.13 23.57 9.26
CA THR E 127 -11.61 24.93 9.10
C THR E 127 -10.31 24.86 8.33
N ILE E 128 -10.33 25.36 7.09
CA ILE E 128 -9.13 25.39 6.26
C ILE E 128 -8.46 26.75 6.43
N THR E 129 -7.17 26.74 6.73
CA THR E 129 -6.42 27.96 6.97
C THR E 129 -5.49 28.25 5.81
N CYS E 130 -5.57 29.47 5.29
CA CYS E 130 -4.67 29.96 4.26
C CYS E 130 -3.65 30.86 4.94
N LEU E 131 -2.40 30.44 4.93
CA LEU E 131 -1.34 31.02 5.78
C LEU E 131 -0.44 31.89 4.91
N VAL E 132 -0.75 33.17 4.86
CA VAL E 132 0.04 34.13 4.10
C VAL E 132 1.15 34.67 4.99
N THR E 133 2.39 34.27 4.71
CA THR E 133 3.53 34.66 5.53
C THR E 133 4.64 35.21 4.62
N GLY E 134 5.56 35.95 5.24
CA GLY E 134 6.76 36.40 4.58
C GLY E 134 6.59 37.56 3.61
N PHE E 135 5.57 38.39 3.79
CA PHE E 135 5.35 39.53 2.92
C PHE E 135 5.66 40.83 3.64
N SER E 136 5.88 41.88 2.84
CA SER E 136 6.13 43.24 3.33
C SER E 136 5.97 44.21 2.17
N PRO E 137 5.24 45.33 2.35
CA PRO E 137 4.59 45.74 3.60
C PRO E 137 3.26 45.04 3.87
N ALA E 138 2.45 45.65 4.74
CA ALA E 138 1.17 45.09 5.15
C ALA E 138 0.09 45.33 4.11
N ASP E 139 -1.17 45.18 4.51
CA ASP E 139 -2.34 45.36 3.66
C ASP E 139 -2.37 44.32 2.53
N VAL E 140 -2.41 43.06 2.96
CA VAL E 140 -2.65 41.95 2.06
C VAL E 140 -4.15 41.69 1.99
N PHE E 141 -4.60 41.11 0.88
CA PHE E 141 -6.02 40.86 0.67
C PHE E 141 -6.25 39.41 0.29
N VAL E 142 -6.91 38.65 1.17
CA VAL E 142 -7.11 37.23 0.98
C VAL E 142 -8.59 36.97 0.73
N GLN E 143 -8.89 36.18 -0.31
CA GLN E 143 -10.28 35.90 -0.66
C GLN E 143 -10.41 34.44 -1.07
N TRP E 144 -11.55 33.82 -0.75
CA TRP E 144 -11.77 32.43 -1.05
C TRP E 144 -12.77 32.27 -2.19
N MET E 145 -12.47 31.38 -3.13
CA MET E 145 -13.44 30.98 -4.14
C MET E 145 -13.56 29.46 -4.15
N GLN E 146 -14.80 28.98 -4.18
CA GLN E 146 -15.09 27.55 -4.20
C GLN E 146 -15.48 27.19 -5.62
N ARG E 147 -14.51 26.66 -6.38
CA ARG E 147 -14.68 26.29 -7.78
C ARG E 147 -15.17 27.48 -8.60
N GLY E 148 -14.36 28.53 -8.57
CA GLY E 148 -14.61 29.73 -9.36
C GLY E 148 -15.39 30.85 -8.71
N GLN E 149 -16.53 30.54 -8.10
CA GLN E 149 -17.39 31.57 -7.53
C GLN E 149 -16.89 31.99 -6.16
N PRO E 150 -16.66 33.28 -5.94
CA PRO E 150 -16.20 33.74 -4.63
C PRO E 150 -17.27 33.56 -3.56
N LEU E 151 -16.81 33.44 -2.32
CA LEU E 151 -17.68 33.24 -1.17
C LEU E 151 -18.00 34.57 -0.49
N SER E 152 -19.02 34.53 0.36
CA SER E 152 -19.38 35.70 1.14
C SER E 152 -18.30 35.99 2.19
N PRO E 153 -18.07 37.27 2.50
CA PRO E 153 -17.05 37.63 3.49
C PRO E 153 -17.37 37.22 4.92
N GLU E 154 -18.59 36.76 5.18
CA GLU E 154 -19.00 36.33 6.52
C GLU E 154 -18.79 34.84 6.73
N LYS E 155 -18.23 34.14 5.74
CA LYS E 155 -17.92 32.72 5.86
C LYS E 155 -16.45 32.48 6.15
N TYR E 156 -15.59 33.46 5.93
CA TYR E 156 -14.17 33.36 6.24
C TYR E 156 -13.75 34.59 7.02
N VAL E 157 -12.72 34.42 7.86
CA VAL E 157 -12.20 35.49 8.69
C VAL E 157 -10.70 35.59 8.44
N THR E 158 -10.24 36.78 8.04
CA THR E 158 -8.83 37.03 7.84
C THR E 158 -8.27 37.83 9.01
N SER E 159 -7.13 37.40 9.52
CA SER E 159 -6.50 38.07 10.66
C SER E 159 -5.78 39.32 10.19
N ALA E 160 -5.23 40.08 11.11
CA ALA E 160 -4.49 41.26 10.74
C ALA E 160 -3.01 40.92 10.56
N PRO E 161 -2.32 41.62 9.65
CA PRO E 161 -0.89 41.31 9.41
C PRO E 161 -0.06 41.59 10.66
N MET E 162 0.48 40.52 11.24
CA MET E 162 1.33 40.60 12.42
C MET E 162 2.79 40.41 12.03
N PRO E 163 3.72 41.05 12.75
CA PRO E 163 5.15 40.86 12.44
C PRO E 163 5.57 39.41 12.60
N GLU E 164 6.50 39.00 11.74
CA GLU E 164 7.03 37.64 11.77
C GLU E 164 7.84 37.45 13.05
N PRO E 165 7.76 36.27 13.68
CA PRO E 165 8.53 36.05 14.92
C PRO E 165 10.03 36.22 14.75
N GLN E 166 10.62 35.59 13.74
CA GLN E 166 12.07 35.65 13.54
C GLN E 166 12.50 36.59 12.43
N ALA E 167 11.69 36.77 11.40
CA ALA E 167 12.11 37.69 10.35
C ALA E 167 12.04 39.13 10.85
N PRO E 168 13.04 39.96 10.52
CA PRO E 168 13.07 41.33 11.06
C PRO E 168 11.93 42.22 10.57
N GLY E 169 11.79 42.36 9.25
CA GLY E 169 10.88 43.32 8.67
C GLY E 169 9.73 42.79 7.85
N ARG E 170 9.47 41.49 7.86
CA ARG E 170 8.36 40.95 7.10
C ARG E 170 7.11 40.90 7.98
N TYR E 171 6.04 40.29 7.47
CA TYR E 171 4.80 40.14 8.20
C TYR E 171 4.20 38.77 7.85
N PHE E 172 3.06 38.46 8.47
CA PHE E 172 2.33 37.25 8.16
C PHE E 172 0.88 37.44 8.59
N ALA E 173 0.01 36.63 8.02
CA ALA E 173 -1.42 36.72 8.31
C ALA E 173 -2.06 35.35 8.09
N HIS E 174 -3.24 35.19 8.65
CA HIS E 174 -4.01 33.96 8.53
C HIS E 174 -5.38 34.28 7.94
N SER E 175 -5.95 33.28 7.27
CA SER E 175 -7.33 33.40 6.80
C SER E 175 -8.01 32.05 6.99
N ILE E 176 -8.93 31.98 7.95
CA ILE E 176 -9.63 30.72 8.25
C ILE E 176 -10.97 30.73 7.53
N LEU E 177 -11.23 29.65 6.80
CA LEU E 177 -12.52 29.41 6.16
C LEU E 177 -13.17 28.24 6.86
N THR E 178 -14.36 28.44 7.43
CA THR E 178 -15.10 27.33 8.05
C THR E 178 -16.09 26.67 7.11
N VAL E 179 -15.83 25.44 6.72
CA VAL E 179 -16.68 24.76 5.80
C VAL E 179 -17.13 23.47 6.44
N SER E 180 -18.28 22.93 6.09
CA SER E 180 -18.83 21.70 6.69
C SER E 180 -18.03 20.44 6.46
N GLU E 181 -18.04 19.53 7.42
CA GLU E 181 -17.18 18.35 7.33
C GLU E 181 -17.42 17.44 6.17
N GLU E 182 -18.68 17.17 5.87
CA GLU E 182 -19.00 16.32 4.74
C GLU E 182 -18.52 16.99 3.46
N GLU E 183 -18.64 18.31 3.40
CA GLU E 183 -18.26 19.02 2.20
C GLU E 183 -16.82 18.79 1.91
N TRP E 184 -16.02 18.80 2.94
CA TRP E 184 -14.61 18.61 2.72
C TRP E 184 -14.38 17.24 2.12
N ASN E 185 -15.06 16.23 2.64
CA ASN E 185 -14.84 14.87 2.18
C ASN E 185 -15.24 14.70 0.75
N THR E 186 -16.32 15.35 0.34
CA THR E 186 -16.75 15.29 -1.05
C THR E 186 -15.64 15.87 -1.90
N GLY E 187 -14.99 16.92 -1.42
CA GLY E 187 -13.85 17.48 -2.13
C GLY E 187 -14.22 18.59 -3.07
N GLU E 188 -14.32 19.81 -2.56
CA GLU E 188 -14.76 20.89 -3.41
C GLU E 188 -13.65 21.78 -3.93
N THR E 189 -12.41 21.38 -3.74
CA THR E 189 -11.27 22.18 -4.19
C THR E 189 -11.30 23.63 -3.77
N TYR E 190 -11.46 23.90 -2.47
CA TYR E 190 -11.55 25.27 -2.04
C TYR E 190 -10.24 25.85 -2.36
N THR E 191 -10.26 27.03 -2.93
CA THR E 191 -9.04 27.69 -3.34
C THR E 191 -8.97 28.95 -2.59
N CYS E 192 -7.81 29.52 -2.51
CA CYS E 192 -7.49 30.73 -1.74
C CYS E 192 -6.64 31.62 -2.63
N VAL E 193 -7.04 32.89 -2.78
CA VAL E 193 -6.32 33.87 -3.59
C VAL E 193 -5.79 34.95 -2.68
N VAL E 194 -4.56 35.38 -2.97
CA VAL E 194 -3.85 36.38 -2.19
C VAL E 194 -3.44 37.51 -3.12
N ALA E 195 -3.79 38.74 -2.75
CA ALA E 195 -3.46 39.94 -3.50
C ALA E 195 -2.55 40.83 -2.67
N HIS E 196 -1.45 41.28 -3.27
CA HIS E 196 -0.48 42.12 -2.59
C HIS E 196 0.27 42.93 -3.63
N GLU E 197 0.96 43.98 -3.16
CA GLU E 197 1.68 44.89 -4.04
C GLU E 197 2.96 44.28 -4.60
N ALA E 198 3.40 43.12 -4.13
CA ALA E 198 4.67 42.54 -4.53
C ALA E 198 4.54 41.36 -5.48
N LEU E 199 3.36 40.78 -5.62
CA LEU E 199 3.19 39.65 -6.52
C LEU E 199 3.32 40.11 -7.98
N PRO E 200 3.69 39.21 -8.90
CA PRO E 200 3.82 39.59 -10.31
C PRO E 200 2.54 40.17 -10.89
N ASN E 201 1.45 39.40 -10.82
CA ASN E 201 0.14 39.86 -11.26
C ASN E 201 -0.69 40.44 -10.12
N ARG E 202 -0.09 40.60 -8.94
CA ARG E 202 -0.78 41.01 -7.73
C ARG E 202 -1.85 40.03 -7.30
N VAL E 203 -1.82 38.81 -7.85
CA VAL E 203 -2.76 37.75 -7.53
C VAL E 203 -2.02 36.41 -7.56
N THR E 204 -2.20 35.62 -6.51
CA THR E 204 -1.70 34.25 -6.49
C THR E 204 -2.79 33.34 -5.93
N GLU E 205 -2.75 32.07 -6.32
CA GLU E 205 -3.82 31.14 -5.98
C GLU E 205 -3.24 29.81 -5.50
N ARG E 206 -3.83 29.19 -4.50
CA ARG E 206 -3.37 27.88 -4.12
C ARG E 206 -4.65 27.11 -3.93
N THR E 207 -4.65 25.81 -4.20
CA THR E 207 -5.87 25.01 -4.12
C THR E 207 -5.70 23.79 -3.24
N VAL E 208 -6.66 23.51 -2.36
CA VAL E 208 -6.56 22.33 -1.52
C VAL E 208 -7.82 21.56 -1.60
N ASP E 209 -7.70 20.25 -1.59
CA ASP E 209 -8.86 19.37 -1.72
C ASP E 209 -8.72 18.21 -0.81
N LYS E 210 -9.72 17.36 -0.75
CA LYS E 210 -9.69 16.25 0.18
C LYS E 210 -8.49 15.40 -0.06
N SER E 211 -8.12 15.26 -1.31
CA SER E 211 -7.04 14.38 -1.66
C SER E 211 -5.68 14.94 -1.85
N THR E 212 -5.47 16.20 -1.59
CA THR E 212 -4.17 16.75 -1.91
C THR E 212 -3.13 16.06 -1.14
N GLY E 213 -3.41 15.82 0.12
CA GLY E 213 -2.48 15.08 0.96
C GLY E 213 -2.63 13.58 0.97
N LYS E 214 -2.27 12.89 -0.11
CA LYS E 214 -2.49 11.46 -0.20
C LYS E 214 -1.46 10.96 -1.19
N PRO E 215 -1.21 9.65 -1.23
CA PRO E 215 -0.15 9.22 -2.14
C PRO E 215 -0.67 9.00 -3.52
N THR E 216 0.21 9.04 -4.50
CA THR E 216 -0.24 8.97 -5.89
C THR E 216 -0.44 7.61 -6.47
N LEU E 217 0.62 6.83 -6.55
CA LEU E 217 0.52 5.52 -7.10
C LEU E 217 -0.44 4.58 -6.38
N TYR E 218 -0.43 4.42 -5.06
CA TYR E 218 -1.29 3.45 -4.38
C TYR E 218 -2.72 3.75 -4.00
N ASN E 219 -3.37 2.88 -3.27
CA ASN E 219 -4.74 3.09 -2.77
C ASN E 219 -4.96 1.95 -1.83
N VAL E 220 -4.12 1.79 -0.84
CA VAL E 220 -4.08 0.71 0.14
C VAL E 220 -5.30 0.84 1.05
N SER E 221 -6.25 -0.07 0.90
CA SER E 221 -7.49 -0.03 1.67
C SER E 221 -7.40 -0.96 2.88
N LEU E 222 -8.49 -1.02 3.64
CA LEU E 222 -8.56 -1.85 4.84
C LEU E 222 -9.98 -2.34 5.06
N VAL E 223 -10.17 -3.65 5.07
CA VAL E 223 -11.46 -4.27 5.36
C VAL E 223 -11.27 -5.28 6.49
N MET E 224 -12.08 -5.17 7.52
CA MET E 224 -11.99 -6.07 8.68
C MET E 224 -12.81 -7.33 8.46
N ILE F 1 -10.35 64.18 33.02
CA ILE F 1 -9.87 63.89 34.36
C ILE F 1 -10.13 62.42 34.69
N ARG F 2 -9.97 61.55 33.69
CA ARG F 2 -10.26 60.13 33.83
C ARG F 2 -9.01 59.37 34.22
N VAL F 3 -9.10 58.61 35.31
CA VAL F 3 -8.04 57.72 35.76
C VAL F 3 -8.48 56.30 35.42
N PHE F 4 -7.93 55.75 34.36
CA PHE F 4 -8.36 54.43 33.90
C PHE F 4 -7.51 53.36 34.56
N ALA F 5 -7.98 52.11 34.49
CA ALA F 5 -7.32 51.02 35.18
C ALA F 5 -6.82 49.96 34.20
N ILE F 6 -5.61 49.48 34.46
CA ILE F 6 -5.04 48.32 33.78
C ILE F 6 -5.15 47.15 34.74
N PRO F 7 -6.19 46.32 34.62
CA PRO F 7 -6.31 45.15 35.47
C PRO F 7 -5.38 44.05 34.98
N PRO F 8 -5.06 43.08 35.84
CA PRO F 8 -4.22 41.97 35.39
C PRO F 8 -4.90 41.14 34.31
N SER F 9 -4.07 40.60 33.43
CA SER F 9 -4.57 39.77 32.35
C SER F 9 -4.44 38.29 32.69
N PHE F 10 -5.21 37.47 31.99
CA PHE F 10 -5.24 36.04 32.26
C PHE F 10 -3.88 35.40 31.95
N ALA F 11 -3.30 35.77 30.82
CA ALA F 11 -1.94 35.36 30.52
C ALA F 11 -0.95 35.84 31.56
N SER F 12 -1.20 36.99 32.19
CA SER F 12 -0.37 37.46 33.29
C SER F 12 -0.65 36.75 34.60
N ILE F 13 -1.89 36.33 34.84
CA ILE F 13 -2.18 35.65 36.10
C ILE F 13 -1.62 34.23 36.07
N PHE F 14 -1.39 33.67 34.87
CA PHE F 14 -0.71 32.38 34.85
C PHE F 14 0.81 32.50 34.64
N LEU F 15 1.29 33.61 34.06
CA LEU F 15 2.74 33.74 33.90
C LEU F 15 3.46 33.82 35.24
N THR F 16 2.91 34.58 36.19
CA THR F 16 3.59 34.82 37.47
C THR F 16 2.87 34.23 38.67
N LYS F 17 1.57 33.93 38.56
CA LYS F 17 0.75 33.44 39.67
C LYS F 17 0.79 34.39 40.87
N SER F 18 1.14 35.65 40.64
CA SER F 18 1.24 36.68 41.67
C SER F 18 0.54 37.94 41.19
N THR F 19 -0.71 37.77 40.75
CA THR F 19 -1.47 38.80 40.04
C THR F 19 -1.34 40.16 40.68
N LYS F 20 -1.24 41.19 39.83
CA LYS F 20 -1.02 42.56 40.25
C LYS F 20 -2.00 43.48 39.57
N LEU F 21 -2.40 44.56 40.25
CA LEU F 21 -3.29 45.56 39.72
C LEU F 21 -2.50 46.78 39.26
N THR F 22 -3.04 47.51 38.29
CA THR F 22 -2.42 48.76 37.84
C THR F 22 -3.52 49.74 37.45
N CYS F 23 -3.19 51.02 37.47
CA CYS F 23 -4.06 52.03 36.88
C CYS F 23 -3.25 53.28 36.56
N LEU F 24 -3.64 53.96 35.49
CA LEU F 24 -2.92 55.10 34.97
C LEU F 24 -3.83 56.32 34.91
N VAL F 25 -3.25 57.47 35.25
CA VAL F 25 -3.97 58.73 35.35
C VAL F 25 -3.88 59.46 34.02
N THR F 26 -5.02 59.94 33.53
CA THR F 26 -5.09 60.59 32.22
C THR F 26 -5.87 61.90 32.36
N ASP F 27 -5.48 62.89 31.57
CA ASP F 27 -6.14 64.18 31.34
C ASP F 27 -5.87 65.19 32.46
N LEU F 28 -5.13 64.85 33.50
CA LEU F 28 -4.71 65.86 34.46
C LEU F 28 -3.45 66.57 33.97
N THR F 29 -3.45 67.89 34.08
CA THR F 29 -2.34 68.70 33.59
C THR F 29 -1.08 68.44 34.41
N THR F 30 0.02 69.06 33.97
CA THR F 30 1.30 68.88 34.64
C THR F 30 1.22 69.42 36.07
N TYR F 31 1.64 68.58 37.02
CA TYR F 31 1.58 68.92 38.44
C TYR F 31 2.56 68.02 39.18
N ASP F 32 2.52 68.08 40.51
CA ASP F 32 3.34 67.21 41.34
C ASP F 32 2.56 66.82 42.60
N SER F 33 3.15 65.93 43.41
CA SER F 33 2.53 65.46 44.66
C SER F 33 1.16 64.84 44.38
N VAL F 34 1.17 63.77 43.59
CA VAL F 34 -0.03 63.00 43.26
C VAL F 34 -0.12 61.84 44.23
N THR F 35 -1.27 61.71 44.90
CA THR F 35 -1.42 60.68 45.93
C THR F 35 -2.40 59.63 45.44
N ILE F 36 -1.88 58.45 45.12
CA ILE F 36 -2.69 57.31 44.68
C ILE F 36 -2.66 56.26 45.77
N SER F 37 -3.80 55.61 46.00
CA SER F 37 -3.89 54.55 47.00
C SER F 37 -4.93 53.53 46.58
N TRP F 38 -4.53 52.26 46.51
CA TRP F 38 -5.46 51.21 46.15
C TRP F 38 -6.41 50.92 47.32
N THR F 39 -7.58 50.38 46.98
CA THR F 39 -8.64 50.19 47.96
C THR F 39 -9.60 49.14 47.43
N ARG F 40 -10.02 48.22 48.30
CA ARG F 40 -10.94 47.17 47.90
C ARG F 40 -12.38 47.64 48.13
N GLN F 41 -13.33 46.72 48.05
CA GLN F 41 -14.74 47.07 48.21
C GLN F 41 -15.02 47.60 49.61
N ASN F 42 -14.42 46.98 50.63
CA ASN F 42 -14.65 47.35 52.01
C ASN F 42 -13.75 48.48 52.50
N GLY F 43 -12.88 48.99 51.64
CA GLY F 43 -12.06 50.12 52.01
C GLY F 43 -10.93 49.83 52.97
N GLU F 44 -10.41 48.61 52.98
CA GLU F 44 -9.33 48.26 53.89
C GLU F 44 -7.97 48.59 53.27
N ALA F 45 -6.90 48.32 54.00
CA ALA F 45 -5.54 48.65 53.55
C ALA F 45 -5.07 47.70 52.46
N VAL F 46 -4.12 48.17 51.66
CA VAL F 46 -3.55 47.39 50.57
C VAL F 46 -2.03 47.35 50.71
N LYS F 47 -1.38 46.56 49.86
CA LYS F 47 0.07 46.46 49.87
C LYS F 47 0.70 47.76 49.38
N THR F 48 1.89 48.06 49.87
CA THR F 48 2.58 49.29 49.51
C THR F 48 3.00 49.24 48.05
N HIS F 49 2.33 50.04 47.21
CA HIS F 49 2.63 50.12 45.79
C HIS F 49 3.81 51.05 45.54
N THR F 50 4.70 50.64 44.66
CA THR F 50 5.94 51.37 44.38
C THR F 50 6.03 51.61 42.87
N ASN F 51 7.23 52.02 42.42
CA ASN F 51 7.55 52.21 41.00
C ASN F 51 6.67 53.29 40.37
N ILE F 52 6.89 54.52 40.87
CA ILE F 52 6.26 55.71 40.30
C ILE F 52 6.77 55.91 38.88
N SER F 53 6.07 56.73 38.10
CA SER F 53 6.39 56.96 36.69
C SER F 53 6.81 58.42 36.49
N GLU F 54 7.05 58.78 35.24
CA GLU F 54 7.50 60.10 34.84
C GLU F 54 6.37 60.87 34.15
N SER F 55 6.69 62.07 33.70
CA SER F 55 5.70 62.92 33.06
C SER F 55 5.39 62.44 31.64
N HIS F 56 4.15 62.61 31.23
CA HIS F 56 3.73 62.22 29.89
C HIS F 56 4.20 63.25 28.87
N PRO F 57 4.46 62.84 27.62
CA PRO F 57 4.92 63.81 26.61
C PRO F 57 3.81 64.66 26.01
N ASN F 58 2.57 64.47 26.45
CA ASN F 58 1.42 65.16 25.88
C ASN F 58 0.72 66.02 26.92
N ALA F 59 1.50 66.76 27.71
CA ALA F 59 0.97 67.74 28.67
C ALA F 59 0.05 67.09 29.70
N THR F 60 0.32 65.83 30.03
CA THR F 60 -0.41 65.14 31.10
C THR F 60 0.58 64.47 32.04
N PHE F 61 0.06 63.78 33.05
CA PHE F 61 0.91 63.12 34.04
C PHE F 61 0.32 61.77 34.41
N SER F 62 1.19 60.84 34.80
CA SER F 62 0.80 59.50 35.18
C SER F 62 1.32 59.17 36.57
N ALA F 63 0.51 58.47 37.34
CA ALA F 63 0.89 58.01 38.67
C ALA F 63 0.30 56.61 38.86
N VAL F 64 1.10 55.58 38.60
CA VAL F 64 0.65 54.21 38.67
C VAL F 64 1.10 53.58 39.98
N GLY F 65 0.47 52.46 40.33
CA GLY F 65 0.82 51.75 41.54
C GLY F 65 0.71 50.25 41.38
N GLU F 66 1.78 49.53 41.73
CA GLU F 66 1.84 48.07 41.59
C GLU F 66 1.42 47.44 42.90
N ALA F 67 0.17 46.96 42.95
CA ALA F 67 -0.36 46.27 44.11
C ALA F 67 -0.27 44.76 43.91
N SER F 68 -0.68 44.01 44.93
CA SER F 68 -0.69 42.56 44.85
C SER F 68 -1.76 42.03 45.80
N ILE F 69 -2.91 41.64 45.26
CA ILE F 69 -3.99 41.06 46.02
C ILE F 69 -4.30 39.69 45.47
N CYS F 70 -4.53 38.73 46.37
CA CYS F 70 -4.70 37.34 45.98
C CYS F 70 -5.96 37.14 45.15
N GLU F 71 -6.04 35.97 44.52
CA GLU F 71 -7.13 35.61 43.62
C GLU F 71 -8.33 35.03 44.36
N ASP F 72 -8.32 35.08 45.68
CA ASP F 72 -9.41 34.50 46.47
C ASP F 72 -10.73 35.21 46.23
N ASP F 73 -10.69 36.54 46.14
CA ASP F 73 -11.90 37.35 46.00
C ASP F 73 -11.91 38.10 44.67
N TRP F 74 -10.77 38.19 43.99
CA TRP F 74 -10.72 38.85 42.69
C TRP F 74 -11.58 38.13 41.67
N ASN F 75 -11.57 36.79 41.70
CA ASN F 75 -12.42 36.01 40.81
C ASN F 75 -13.90 36.14 41.16
N SER F 76 -14.21 36.69 42.33
CA SER F 76 -15.59 36.88 42.77
C SER F 76 -16.12 38.27 42.41
N GLY F 77 -15.42 38.99 41.53
CA GLY F 77 -15.84 40.30 41.11
C GLY F 77 -15.78 41.37 42.19
N GLU F 78 -14.69 41.39 42.95
CA GLU F 78 -14.47 42.46 43.92
C GLU F 78 -14.14 43.76 43.22
N ARG F 79 -14.79 44.85 43.65
CA ARG F 79 -14.66 46.15 43.00
C ARG F 79 -13.44 46.89 43.56
N PHE F 80 -12.29 46.62 42.95
CA PHE F 80 -11.06 47.31 43.33
C PHE F 80 -11.02 48.69 42.70
N THR F 81 -10.43 49.64 43.43
CA THR F 81 -10.40 51.04 43.01
C THR F 81 -9.11 51.69 43.49
N CYS F 82 -8.44 52.42 42.60
CA CYS F 82 -7.26 53.19 42.97
C CYS F 82 -7.70 54.63 43.20
N THR F 83 -8.02 54.96 44.46
CA THR F 83 -8.46 56.31 44.79
C THR F 83 -7.30 57.28 44.61
N VAL F 84 -7.55 58.37 43.90
CA VAL F 84 -6.53 59.35 43.55
C VAL F 84 -6.92 60.71 44.08
N THR F 85 -5.97 61.38 44.74
CA THR F 85 -6.10 62.76 45.17
C THR F 85 -5.00 63.56 44.51
N HIS F 86 -5.38 64.61 43.79
CA HIS F 86 -4.48 65.42 43.00
C HIS F 86 -4.62 66.89 43.42
N THR F 87 -3.75 67.74 42.86
CA THR F 87 -3.79 69.16 43.13
C THR F 87 -4.74 69.92 42.22
N ASP F 88 -5.33 69.25 41.22
CA ASP F 88 -6.27 69.87 40.32
C ASP F 88 -7.66 69.94 40.94
N LEU F 89 -8.23 68.79 41.26
CA LEU F 89 -9.54 68.71 41.88
C LEU F 89 -9.41 68.19 43.31
N PRO F 90 -9.78 69.00 44.31
CA PRO F 90 -9.65 68.53 45.70
C PRO F 90 -10.57 67.36 46.03
N SER F 91 -11.63 67.14 45.27
CA SER F 91 -12.52 66.02 45.53
C SER F 91 -11.80 64.70 45.24
N PRO F 92 -11.86 63.73 46.14
CA PRO F 92 -11.21 62.43 45.87
C PRO F 92 -11.92 61.70 44.74
N LEU F 93 -11.13 61.14 43.83
CA LEU F 93 -11.67 60.47 42.65
C LEU F 93 -11.48 58.96 42.77
N LYS F 94 -12.56 58.21 42.56
CA LYS F 94 -12.55 56.76 42.63
C LYS F 94 -13.15 56.20 41.34
N GLN F 95 -12.38 55.36 40.64
CA GLN F 95 -12.84 54.69 39.43
C GLN F 95 -12.74 53.19 39.67
N THR F 96 -13.88 52.52 39.79
CA THR F 96 -13.94 51.12 40.16
C THR F 96 -13.97 50.22 38.92
N ILE F 97 -13.42 49.01 39.07
CA ILE F 97 -13.40 48.03 38.00
C ILE F 97 -13.75 46.65 38.54
N SER F 98 -14.18 45.76 37.65
CA SER F 98 -14.45 44.37 37.98
C SER F 98 -14.55 43.59 36.68
N ARG F 99 -14.41 42.26 36.78
CA ARG F 99 -14.48 41.41 35.60
C ARG F 99 -15.95 41.16 35.26
N PRO F 100 -16.28 41.24 33.98
CA PRO F 100 -17.64 41.05 33.46
C PRO F 100 -18.25 39.71 33.88
N LYS F 101 -19.55 39.74 34.06
CA LYS F 101 -20.23 38.52 34.46
C LYS F 101 -21.34 38.26 33.48
N GLY F 102 -21.98 37.11 33.66
CA GLY F 102 -23.08 36.72 32.81
C GLY F 102 -22.67 36.12 31.48
N VAL F 103 -21.36 35.90 31.32
CA VAL F 103 -20.85 35.40 30.06
C VAL F 103 -20.51 33.93 30.06
N ALA F 104 -21.33 33.16 29.36
CA ALA F 104 -21.15 31.73 29.27
C ALA F 104 -19.82 31.51 28.63
N LEU F 105 -19.02 30.60 29.17
CA LEU F 105 -17.74 30.39 28.59
C LEU F 105 -17.61 29.00 28.09
N HIS F 106 -17.18 28.79 26.86
CA HIS F 106 -16.99 27.41 26.45
C HIS F 106 -15.56 26.99 26.66
N ARG F 107 -15.19 25.92 26.01
CA ARG F 107 -13.88 25.43 26.18
C ARG F 107 -13.05 25.53 24.95
N PRO F 108 -11.90 26.16 25.04
CA PRO F 108 -11.03 26.33 23.91
C PRO F 108 -10.46 25.06 23.59
N ASP F 109 -10.57 24.58 22.38
CA ASP F 109 -10.02 23.28 22.06
C ASP F 109 -9.02 23.29 20.98
N VAL F 110 -7.83 22.96 21.35
CA VAL F 110 -6.70 23.04 20.56
C VAL F 110 -6.33 21.99 19.58
N TYR F 111 -6.42 22.22 18.29
CA TYR F 111 -5.93 21.33 17.24
C TYR F 111 -4.55 21.77 16.81
N LEU F 112 -3.82 20.88 16.13
CA LEU F 112 -2.52 21.22 15.58
C LEU F 112 -2.47 20.89 14.08
N LEU F 113 -1.85 21.79 13.33
CA LEU F 113 -1.68 21.63 11.89
C LEU F 113 -0.19 21.67 11.58
N PRO F 114 0.37 20.60 11.04
CA PRO F 114 1.80 20.60 10.68
C PRO F 114 2.03 21.34 9.38
N PRO F 115 3.26 21.73 9.08
CA PRO F 115 3.55 22.44 7.83
C PRO F 115 3.27 21.58 6.61
N ALA F 116 2.85 22.23 5.54
CA ALA F 116 2.59 21.56 4.27
C ALA F 116 3.90 21.18 3.59
N ARG F 117 3.79 20.33 2.58
CA ARG F 117 4.98 19.88 1.85
C ARG F 117 5.65 21.04 1.12
N GLU F 118 4.87 21.97 0.57
CA GLU F 118 5.48 23.11 -0.12
C GLU F 118 6.29 23.99 0.81
N GLN F 119 6.13 23.84 2.12
CA GLN F 119 7.08 24.44 3.05
C GLN F 119 8.19 23.46 3.42
N LEU F 120 7.90 22.16 3.44
CA LEU F 120 8.92 21.14 3.64
C LEU F 120 9.52 20.67 2.32
N ASN F 121 9.90 21.64 1.48
CA ASN F 121 10.63 21.38 0.26
C ASN F 121 11.77 22.35 0.06
N LEU F 122 11.78 23.48 0.76
CA LEU F 122 12.93 24.39 0.78
C LEU F 122 13.93 24.02 1.85
N ARG F 123 13.49 23.26 2.87
CA ARG F 123 14.35 22.81 3.96
C ARG F 123 15.05 23.99 4.64
N GLU F 124 14.27 25.06 4.83
CA GLU F 124 14.74 26.28 5.47
C GLU F 124 14.07 26.53 6.80
N SER F 125 12.73 26.56 6.84
CA SER F 125 12.01 26.82 8.08
C SER F 125 10.57 26.35 7.91
N ALA F 126 10.10 25.53 8.84
CA ALA F 126 8.74 25.02 8.86
C ALA F 126 7.93 25.74 9.93
N THR F 127 6.61 25.68 9.78
CA THR F 127 5.70 26.36 10.70
C THR F 127 4.61 25.40 11.15
N ILE F 128 4.48 25.24 12.47
CA ILE F 128 3.43 24.41 13.07
C ILE F 128 2.43 25.33 13.74
N THR F 129 1.14 25.10 13.49
CA THR F 129 0.10 26.00 13.99
C THR F 129 -0.76 25.28 15.02
N CYS F 130 -0.76 25.81 16.25
CA CYS F 130 -1.67 25.38 17.30
C CYS F 130 -2.89 26.29 17.22
N LEU F 131 -3.99 25.71 16.74
CA LEU F 131 -5.24 26.44 16.49
C LEU F 131 -6.19 26.27 17.67
N VAL F 132 -6.69 27.40 18.17
CA VAL F 132 -7.56 27.43 19.34
C VAL F 132 -8.89 28.09 18.98
N THR F 133 -9.91 27.28 18.69
CA THR F 133 -11.21 27.80 18.32
C THR F 133 -12.27 27.42 19.36
N GLY F 134 -13.33 28.24 19.43
CA GLY F 134 -14.50 27.93 20.22
C GLY F 134 -14.50 28.46 21.64
N PHE F 135 -13.39 28.99 22.13
CA PHE F 135 -13.32 29.45 23.50
C PHE F 135 -14.11 30.74 23.70
N SER F 136 -14.52 30.97 24.94
CA SER F 136 -15.22 32.18 25.34
C SER F 136 -15.18 32.32 26.86
N PRO F 137 -14.79 33.48 27.39
CA PRO F 137 -14.42 34.69 26.65
C PRO F 137 -12.99 34.65 26.10
N ALA F 138 -12.46 35.82 25.77
CA ALA F 138 -11.14 35.95 25.17
C ALA F 138 -10.06 35.82 26.23
N ASP F 139 -8.84 36.25 25.90
CA ASP F 139 -7.68 36.21 26.78
C ASP F 139 -7.29 34.77 27.14
N VAL F 140 -6.97 34.02 26.08
CA VAL F 140 -6.36 32.70 26.24
C VAL F 140 -4.86 32.89 26.44
N PHE F 141 -4.17 31.82 26.88
CA PHE F 141 -2.74 31.87 27.05
C PHE F 141 -2.14 30.59 26.49
N VAL F 142 -1.57 30.68 25.30
CA VAL F 142 -1.02 29.53 24.58
C VAL F 142 0.50 29.62 24.62
N GLN F 143 1.14 28.51 24.99
CA GLN F 143 2.60 28.46 24.94
C GLN F 143 3.01 27.08 24.46
N TRP F 144 4.32 26.91 24.25
CA TRP F 144 4.86 25.72 23.59
C TRP F 144 5.85 25.03 24.50
N MET F 145 5.71 23.71 24.61
CA MET F 145 6.61 22.86 25.38
C MET F 145 7.36 21.93 24.43
N GLN F 146 8.68 21.88 24.57
CA GLN F 146 9.52 20.96 23.80
C GLN F 146 10.32 20.12 24.79
N ARG F 147 10.14 18.79 24.72
CA ARG F 147 10.80 17.84 25.62
C ARG F 147 10.56 18.19 27.08
N GLY F 148 9.37 18.73 27.38
CA GLY F 148 9.03 19.14 28.73
C GLY F 148 9.57 20.50 29.13
N GLN F 149 10.31 21.18 28.26
CA GLN F 149 10.88 22.49 28.56
C GLN F 149 10.29 23.55 27.67
N PRO F 150 9.72 24.62 28.22
CA PRO F 150 9.12 25.66 27.38
C PRO F 150 10.16 26.35 26.51
N LEU F 151 9.73 26.79 25.33
CA LEU F 151 10.58 27.51 24.40
C LEU F 151 10.58 29.00 24.73
N SER F 152 11.55 29.71 24.16
CA SER F 152 11.63 31.14 24.33
C SER F 152 10.44 31.84 23.65
N PRO F 153 9.91 32.90 24.25
CA PRO F 153 8.77 33.60 23.66
C PRO F 153 9.06 34.26 22.32
N GLU F 154 10.31 34.28 21.87
CA GLU F 154 10.69 34.90 20.61
C GLU F 154 10.79 33.89 19.47
N LYS F 155 10.16 32.73 19.65
CA LYS F 155 10.13 31.69 18.62
C LYS F 155 8.73 31.38 18.13
N TYR F 156 7.69 31.75 18.89
CA TYR F 156 6.32 31.51 18.49
C TYR F 156 5.54 32.79 18.71
N VAL F 157 4.49 32.99 17.90
CA VAL F 157 3.63 34.16 18.07
C VAL F 157 2.17 33.73 18.05
N THR F 158 1.36 34.45 18.82
CA THR F 158 -0.05 34.15 19.02
C THR F 158 -0.88 35.36 18.64
N SER F 159 -1.85 35.15 17.74
CA SER F 159 -2.72 36.23 17.31
C SER F 159 -3.73 36.58 18.40
N ALA F 160 -4.23 37.80 18.35
CA ALA F 160 -5.22 38.24 19.31
C ALA F 160 -6.55 37.50 19.09
N PRO F 161 -7.33 37.28 20.15
CA PRO F 161 -8.60 36.58 19.99
C PRO F 161 -9.60 37.37 19.15
N MET F 162 -10.01 36.78 18.01
CA MET F 162 -10.96 37.39 17.12
C MET F 162 -12.28 36.60 17.10
N PRO F 163 -13.41 37.28 16.92
CA PRO F 163 -14.69 36.58 16.95
C PRO F 163 -14.81 35.55 15.84
N GLU F 164 -15.44 34.42 16.16
CA GLU F 164 -15.69 33.39 15.17
C GLU F 164 -16.83 33.82 14.25
N PRO F 165 -16.71 33.61 12.94
CA PRO F 165 -17.72 34.12 12.00
C PRO F 165 -19.10 33.51 12.21
N GLN F 166 -19.18 32.18 12.25
CA GLN F 166 -20.45 31.48 12.39
C GLN F 166 -20.85 31.24 13.83
N ALA F 167 -20.05 31.72 14.79
CA ALA F 167 -20.34 31.53 16.21
C ALA F 167 -20.44 32.91 16.85
N PRO F 168 -21.62 33.33 17.29
CA PRO F 168 -21.77 34.69 17.85
C PRO F 168 -21.01 34.90 19.15
N GLY F 169 -21.22 34.03 20.13
CA GLY F 169 -20.66 34.24 21.44
C GLY F 169 -19.39 33.45 21.71
N ARG F 170 -18.61 33.21 20.67
CA ARG F 170 -17.35 32.48 20.79
C ARG F 170 -16.22 33.32 20.20
N TYR F 171 -15.02 32.74 20.18
CA TYR F 171 -13.84 33.40 19.64
C TYR F 171 -12.92 32.33 19.05
N PHE F 172 -11.79 32.77 18.51
CA PHE F 172 -10.78 31.86 17.99
C PHE F 172 -9.45 32.58 17.96
N ALA F 173 -8.36 31.81 17.88
CA ALA F 173 -7.03 32.36 17.92
C ALA F 173 -6.09 31.45 17.13
N HIS F 174 -4.80 31.75 17.19
CA HIS F 174 -3.78 30.99 16.48
C HIS F 174 -2.50 31.05 17.29
N SER F 175 -1.60 30.10 17.04
CA SER F 175 -0.27 30.14 17.65
C SER F 175 0.70 29.45 16.72
N ILE F 176 1.53 30.21 16.02
CA ILE F 176 2.45 29.64 15.05
C ILE F 176 3.84 29.56 15.67
N LEU F 177 4.48 28.42 15.44
CA LEU F 177 5.86 28.18 15.88
C LEU F 177 6.70 27.88 14.65
N THR F 178 7.81 28.60 14.51
CA THR F 178 8.69 28.46 13.36
C THR F 178 9.93 27.69 13.79
N VAL F 179 10.05 26.46 13.31
CA VAL F 179 11.19 25.60 13.60
C VAL F 179 11.68 25.00 12.30
N SER F 180 13.01 24.94 12.13
CA SER F 180 13.61 24.55 10.87
C SER F 180 13.30 23.09 10.56
N GLU F 181 13.46 22.73 9.28
CA GLU F 181 13.12 21.39 8.81
C GLU F 181 13.96 20.30 9.47
N GLU F 182 15.22 20.60 9.80
CA GLU F 182 16.09 19.58 10.39
C GLU F 182 15.57 19.08 11.73
N GLU F 183 14.71 19.86 12.40
CA GLU F 183 14.15 19.45 13.68
C GLU F 183 12.90 18.60 13.51
N TRP F 184 11.95 19.06 12.70
CA TRP F 184 10.65 18.40 12.61
C TRP F 184 10.74 16.98 12.07
N ASN F 185 11.75 16.67 11.27
CA ASN F 185 11.87 15.37 10.64
C ASN F 185 12.60 14.34 11.49
N THR F 186 12.99 14.67 12.72
CA THR F 186 13.62 13.73 13.63
C THR F 186 12.76 13.42 14.86
N GLY F 187 11.46 13.71 14.81
CA GLY F 187 10.62 13.51 15.97
C GLY F 187 10.08 14.82 16.51
N GLU F 188 10.56 15.25 17.68
CA GLU F 188 10.27 16.57 18.21
C GLU F 188 8.77 16.80 18.39
N THR F 189 8.17 16.10 19.35
CA THR F 189 6.74 16.16 19.64
C THR F 189 6.13 17.55 19.51
N TYR F 190 6.83 18.57 20.03
CA TYR F 190 6.43 19.98 19.85
C TYR F 190 5.02 20.22 20.39
N THR F 191 4.89 20.03 21.70
CA THR F 191 3.61 20.19 22.38
C THR F 191 3.20 21.65 22.42
N CYS F 192 1.91 21.91 22.22
CA CYS F 192 1.33 23.21 22.51
C CYS F 192 0.32 23.06 23.64
N VAL F 193 0.41 23.93 24.64
CA VAL F 193 -0.48 23.93 25.79
C VAL F 193 -1.28 25.22 25.78
N VAL F 194 -2.58 25.10 26.04
CA VAL F 194 -3.52 26.21 25.96
C VAL F 194 -4.19 26.34 27.32
N ALA F 195 -4.05 27.50 27.93
CA ALA F 195 -4.60 27.78 29.26
C ALA F 195 -5.78 28.74 29.11
N HIS F 196 -6.98 28.23 29.32
CA HIS F 196 -8.19 29.04 29.33
C HIS F 196 -8.96 28.77 30.62
N GLU F 197 -9.90 29.66 30.93
CA GLU F 197 -10.64 29.59 32.18
C GLU F 197 -11.70 28.48 32.19
N ALA F 198 -12.28 28.17 31.03
CA ALA F 198 -13.39 27.23 30.96
C ALA F 198 -12.93 25.77 30.88
N LEU F 199 -11.62 25.52 30.79
CA LEU F 199 -11.13 24.15 30.73
C LEU F 199 -11.31 23.46 32.07
N PRO F 200 -11.43 22.12 32.07
CA PRO F 200 -11.60 21.39 33.34
C PRO F 200 -10.48 21.61 34.33
N ASN F 201 -9.22 21.68 33.88
CA ASN F 201 -8.11 22.01 34.75
C ASN F 201 -7.45 23.33 34.36
N ARG F 202 -8.07 24.10 33.47
CA ARG F 202 -7.53 25.34 32.92
C ARG F 202 -6.23 25.12 32.16
N VAL F 203 -5.88 23.87 31.84
CA VAL F 203 -4.71 23.53 31.05
C VAL F 203 -5.08 22.38 30.12
N THR F 204 -4.60 22.46 28.89
CA THR F 204 -4.86 21.41 27.90
C THR F 204 -3.64 21.29 27.00
N GLU F 205 -3.08 20.08 26.91
CA GLU F 205 -1.89 19.83 26.12
C GLU F 205 -2.24 19.03 24.88
N ARG F 206 -1.61 19.39 23.76
CA ARG F 206 -1.71 18.61 22.53
C ARG F 206 -0.34 18.57 21.88
N THR F 207 -0.13 17.57 21.00
CA THR F 207 1.16 17.42 20.35
C THR F 207 1.02 16.63 19.06
N VAL F 208 1.83 16.98 18.07
CA VAL F 208 1.95 16.23 16.82
C VAL F 208 3.41 16.19 16.41
N ASP F 209 3.88 15.03 15.97
CA ASP F 209 5.22 14.86 15.44
C ASP F 209 5.13 14.44 13.98
N LYS F 210 6.30 14.19 13.42
CA LYS F 210 6.44 13.86 12.02
C LYS F 210 5.69 12.65 11.68
N SER F 211 5.23 11.91 12.66
CA SER F 211 4.54 10.69 12.36
C SER F 211 3.08 10.57 12.73
N THR F 212 2.42 11.62 13.13
CA THR F 212 1.03 11.46 13.48
C THR F 212 0.17 11.09 12.31
N GLY F 213 0.47 11.68 11.17
CA GLY F 213 -0.30 11.40 9.98
C GLY F 213 -0.31 9.97 9.45
N LYS F 214 0.82 9.29 9.51
CA LYS F 214 0.96 7.94 8.98
C LYS F 214 -0.02 6.94 9.61
N PRO F 215 -0.50 5.97 8.82
CA PRO F 215 -1.50 4.91 8.99
C PRO F 215 -1.21 3.87 10.05
N THR F 216 0.04 3.49 10.15
CA THR F 216 0.47 2.57 11.19
C THR F 216 -0.31 1.36 11.58
N LEU F 217 -0.37 0.48 10.62
CA LEU F 217 -0.91 -0.82 10.72
C LEU F 217 -0.06 -1.32 9.63
N TYR F 218 0.07 -0.62 8.51
CA TYR F 218 0.99 -1.05 7.46
C TYR F 218 2.07 0.00 7.25
N ASN F 219 3.01 -0.33 6.36
CA ASN F 219 4.11 0.57 6.02
C ASN F 219 4.44 0.31 4.54
N VAL F 220 3.84 1.13 3.68
CA VAL F 220 4.03 0.97 2.23
C VAL F 220 5.28 1.72 1.81
N SER F 221 6.26 1.00 1.30
CA SER F 221 7.52 1.57 0.86
C SER F 221 7.60 1.54 -0.66
N LEU F 222 8.54 2.32 -1.20
CA LEU F 222 8.70 2.44 -2.65
C LEU F 222 10.17 2.18 -2.98
N VAL F 223 10.43 1.12 -3.72
CA VAL F 223 11.78 0.84 -4.20
C VAL F 223 11.77 0.88 -5.72
N MET F 224 12.92 1.22 -6.29
CA MET F 224 13.04 1.35 -7.74
C MET F 224 14.10 0.41 -8.30
N ILE G 1 -5.76 14.14 75.44
CA ILE G 1 -5.78 15.53 75.00
C ILE G 1 -4.93 15.70 73.75
N ARG G 2 -5.50 15.31 72.61
CA ARG G 2 -4.82 15.39 71.32
C ARG G 2 -5.49 16.43 70.44
N VAL G 3 -4.69 17.36 69.92
CA VAL G 3 -5.19 18.39 69.00
C VAL G 3 -4.21 18.53 67.86
N PHE G 4 -4.72 18.50 66.62
CA PHE G 4 -3.88 18.59 65.44
C PHE G 4 -4.42 19.63 64.46
N ALA G 5 -3.78 19.73 63.30
CA ALA G 5 -4.25 20.60 62.23
C ALA G 5 -4.11 19.86 60.90
N ILE G 6 -5.07 20.09 60.02
CA ILE G 6 -5.08 19.50 58.69
C ILE G 6 -4.29 20.41 57.76
N PRO G 7 -3.13 19.99 57.25
CA PRO G 7 -2.35 20.85 56.36
C PRO G 7 -3.09 21.09 55.06
N PRO G 8 -2.91 22.25 54.43
CA PRO G 8 -3.45 22.43 53.08
C PRO G 8 -2.64 21.62 52.09
N SER G 9 -3.20 20.50 51.63
CA SER G 9 -2.48 19.56 50.81
C SER G 9 -2.70 19.89 49.33
N PHE G 10 -1.83 19.38 48.46
CA PHE G 10 -1.98 19.61 47.03
C PHE G 10 -3.29 19.04 46.50
N ALA G 11 -3.67 17.86 46.99
CA ALA G 11 -4.95 17.27 46.61
C ALA G 11 -6.13 18.10 47.12
N SER G 12 -6.04 18.67 48.31
CA SER G 12 -7.12 19.48 48.86
C SER G 12 -7.15 20.89 48.27
N ILE G 13 -6.10 21.30 47.58
CA ILE G 13 -6.01 22.63 46.98
C ILE G 13 -6.39 22.60 45.50
N PHE G 14 -5.87 21.61 44.76
CA PHE G 14 -6.02 21.59 43.31
C PHE G 14 -7.45 21.29 42.87
N LEU G 15 -8.27 20.69 43.73
CA LEU G 15 -9.60 20.27 43.31
C LEU G 15 -10.50 21.47 43.04
N THR G 16 -10.71 22.32 44.05
CA THR G 16 -11.61 23.46 43.95
C THR G 16 -10.97 24.78 44.37
N LYS G 17 -9.63 24.86 44.38
CA LYS G 17 -8.90 26.06 44.76
C LYS G 17 -9.35 26.57 46.12
N SER G 18 -9.34 25.69 47.11
CA SER G 18 -9.90 25.99 48.43
C SER G 18 -8.92 25.70 49.55
N THR G 19 -7.71 26.25 49.47
CA THR G 19 -6.75 26.14 50.57
C THR G 19 -7.43 26.66 51.84
N LYS G 20 -7.69 25.76 52.77
CA LYS G 20 -8.63 26.00 53.86
C LYS G 20 -8.10 25.31 55.10
N LEU G 21 -7.38 26.05 55.94
CA LEU G 21 -6.78 25.47 57.13
C LEU G 21 -7.85 25.05 58.12
N THR G 22 -7.66 23.87 58.72
CA THR G 22 -8.66 23.29 59.60
C THR G 22 -7.99 22.80 60.89
N CYS G 23 -8.58 23.17 62.02
CA CYS G 23 -8.18 22.57 63.29
C CYS G 23 -8.82 21.20 63.45
N LEU G 24 -8.25 20.39 64.34
CA LEU G 24 -8.69 19.01 64.53
C LEU G 24 -8.69 18.70 66.03
N VAL G 25 -9.87 18.71 66.62
CA VAL G 25 -10.06 18.33 68.02
C VAL G 25 -10.61 16.91 68.06
N THR G 26 -10.00 16.07 68.89
CA THR G 26 -10.38 14.66 68.93
C THR G 26 -10.24 14.15 70.36
N ASP G 27 -11.25 13.38 70.80
CA ASP G 27 -11.25 12.71 72.11
C ASP G 27 -11.22 13.73 73.25
N LEU G 28 -12.21 14.63 73.26
CA LEU G 28 -12.42 15.56 74.34
C LEU G 28 -13.79 15.29 74.99
N THR G 29 -14.10 16.07 76.01
CA THR G 29 -15.35 15.91 76.74
C THR G 29 -16.52 16.41 75.89
N THR G 30 -17.65 15.71 76.00
CA THR G 30 -18.85 16.04 75.24
C THR G 30 -19.49 17.29 75.82
N TYR G 31 -19.00 18.44 75.35
CA TYR G 31 -19.45 19.74 75.79
C TYR G 31 -19.87 20.57 74.57
N ASP G 32 -20.13 21.86 74.80
CA ASP G 32 -20.58 22.76 73.75
C ASP G 32 -19.83 24.09 73.86
N SER G 33 -19.70 24.76 72.72
CA SER G 33 -19.10 26.09 72.63
C SER G 33 -17.65 26.09 73.12
N VAL G 34 -16.83 25.29 72.46
CA VAL G 34 -15.39 25.27 72.69
C VAL G 34 -14.74 26.31 71.78
N THR G 35 -13.76 27.04 72.30
CA THR G 35 -13.16 28.15 71.58
C THR G 35 -11.93 27.66 70.82
N ILE G 36 -11.98 27.76 69.50
CA ILE G 36 -10.88 27.40 68.62
C ILE G 36 -10.67 28.54 67.63
N SER G 37 -9.42 28.94 67.42
CA SER G 37 -9.13 30.05 66.52
C SER G 37 -7.70 29.93 66.00
N TRP G 38 -7.49 30.40 64.77
CA TRP G 38 -6.17 30.44 64.15
C TRP G 38 -5.47 31.76 64.43
N THR G 39 -4.14 31.69 64.48
CA THR G 39 -3.29 32.86 64.63
C THR G 39 -2.12 32.74 63.65
N ARG G 40 -1.65 33.90 63.20
CA ARG G 40 -0.53 33.98 62.27
C ARG G 40 0.76 33.65 63.01
N GLN G 41 1.90 33.81 62.33
CA GLN G 41 3.17 33.73 63.04
C GLN G 41 3.32 34.88 64.03
N ASN G 42 2.81 36.06 63.68
CA ASN G 42 2.86 37.23 64.56
C ASN G 42 1.62 37.37 65.43
N GLY G 43 0.62 36.52 65.27
CA GLY G 43 -0.57 36.56 66.08
C GLY G 43 -1.72 37.38 65.53
N GLU G 44 -1.68 37.75 64.26
CA GLU G 44 -2.76 38.54 63.66
C GLU G 44 -4.04 37.72 63.57
N ALA G 45 -5.18 38.42 63.58
CA ALA G 45 -6.47 37.76 63.53
C ALA G 45 -6.69 37.09 62.17
N VAL G 46 -7.67 36.20 62.14
CA VAL G 46 -7.96 35.41 60.94
C VAL G 46 -9.39 35.67 60.48
N LYS G 47 -9.80 34.99 59.42
CA LYS G 47 -11.11 35.20 58.81
C LYS G 47 -12.20 34.63 59.72
N THR G 48 -13.45 34.73 59.28
CA THR G 48 -14.60 34.28 60.05
C THR G 48 -14.74 32.77 59.87
N HIS G 49 -14.18 32.02 60.82
CA HIS G 49 -14.24 30.57 60.81
C HIS G 49 -15.64 30.11 61.23
N THR G 50 -16.24 29.25 60.41
CA THR G 50 -17.58 28.72 60.64
C THR G 50 -17.56 27.20 60.53
N ASN G 51 -18.76 26.60 60.55
CA ASN G 51 -18.95 25.16 60.38
C ASN G 51 -18.21 24.37 61.44
N ILE G 52 -18.59 24.62 62.69
CA ILE G 52 -18.03 23.87 63.82
C ILE G 52 -18.72 22.52 63.92
N SER G 53 -17.98 21.52 64.37
CA SER G 53 -18.48 20.16 64.50
C SER G 53 -18.86 19.87 65.94
N GLU G 54 -19.51 18.72 66.14
CA GLU G 54 -20.01 18.33 67.45
C GLU G 54 -19.49 16.96 67.84
N SER G 55 -20.04 16.39 68.91
CA SER G 55 -19.57 15.12 69.43
C SER G 55 -20.01 13.96 68.52
N HIS G 56 -19.69 12.75 68.95
CA HIS G 56 -19.99 11.52 68.24
C HIS G 56 -20.87 10.62 69.09
N PRO G 57 -21.61 9.69 68.48
CA PRO G 57 -22.49 8.81 69.26
C PRO G 57 -21.74 7.88 70.21
N ASN G 58 -20.41 7.90 70.16
CA ASN G 58 -19.57 7.10 71.05
C ASN G 58 -18.99 7.94 72.19
N ALA G 59 -19.68 9.00 72.59
CA ALA G 59 -19.24 9.87 73.68
C ALA G 59 -17.86 10.46 73.41
N THR G 60 -17.58 10.74 72.15
CA THR G 60 -16.34 11.36 71.73
C THR G 60 -16.64 12.71 71.07
N PHE G 61 -15.99 13.76 71.56
CA PHE G 61 -16.23 15.12 71.10
C PHE G 61 -15.18 15.54 70.09
N SER G 62 -15.59 16.43 69.18
CA SER G 62 -14.69 16.98 68.17
C SER G 62 -15.09 18.42 67.89
N ALA G 63 -14.15 19.18 67.34
CA ALA G 63 -14.38 20.57 67.00
C ALA G 63 -13.60 20.91 65.75
N VAL G 64 -14.26 21.52 64.78
CA VAL G 64 -13.66 21.85 63.49
C VAL G 64 -13.72 23.35 63.29
N GLY G 65 -12.56 23.98 63.10
CA GLY G 65 -12.49 25.39 62.78
C GLY G 65 -11.71 25.61 61.51
N GLU G 66 -12.34 26.24 60.51
CA GLU G 66 -11.76 26.36 59.18
C GLU G 66 -11.59 27.83 58.82
N ALA G 67 -10.37 28.20 58.41
CA ALA G 67 -10.06 29.56 57.99
C ALA G 67 -9.36 29.51 56.65
N SER G 68 -9.78 30.38 55.72
CA SER G 68 -9.18 30.43 54.41
C SER G 68 -8.03 31.42 54.36
N ILE G 69 -7.06 31.15 53.49
CA ILE G 69 -5.87 31.96 53.34
C ILE G 69 -5.48 32.00 51.87
N CYS G 70 -4.40 32.70 51.57
CA CYS G 70 -3.81 32.78 50.24
C CYS G 70 -2.84 31.63 50.03
N GLU G 71 -2.84 31.07 48.82
CA GLU G 71 -1.97 29.94 48.53
C GLU G 71 -0.55 30.44 48.51
N ASP G 72 -0.39 31.73 48.24
CA ASP G 72 0.93 32.32 48.21
C ASP G 72 1.40 32.50 49.62
N ASP G 73 0.47 32.56 50.56
CA ASP G 73 0.86 32.64 51.95
C ASP G 73 1.42 31.30 52.37
N TRP G 74 0.92 30.21 51.76
CA TRP G 74 1.47 28.90 52.05
C TRP G 74 2.65 28.64 51.16
N ASN G 75 2.87 29.51 50.19
CA ASN G 75 4.04 29.39 49.34
C ASN G 75 5.10 30.17 50.07
N SER G 76 4.67 31.03 50.97
CA SER G 76 5.62 31.76 51.77
C SER G 76 5.97 30.87 52.94
N GLY G 77 5.11 30.86 53.95
CA GLY G 77 5.36 30.05 55.12
C GLY G 77 4.94 30.74 56.39
N GLU G 78 3.78 30.38 56.92
CA GLU G 78 3.31 30.96 58.16
C GLU G 78 3.09 29.90 59.22
N ARG G 79 3.74 30.06 60.36
CA ARG G 79 3.62 29.11 61.44
C ARG G 79 2.24 29.28 62.01
N PHE G 80 1.25 28.74 61.31
CA PHE G 80 -0.14 28.87 61.75
C PHE G 80 -0.34 28.17 63.08
N THR G 81 -0.88 28.89 64.05
CA THR G 81 -1.09 28.33 65.39
C THR G 81 -2.58 28.30 65.71
N CYS G 82 -3.13 27.09 65.81
CA CYS G 82 -4.50 26.91 66.27
C CYS G 82 -4.52 26.79 67.79
N THR G 83 -5.31 27.63 68.43
CA THR G 83 -5.39 27.68 69.88
C THR G 83 -6.77 27.21 70.34
N VAL G 84 -6.78 26.36 71.36
CA VAL G 84 -8.01 25.81 71.92
C VAL G 84 -8.11 26.24 73.37
N THR G 85 -9.23 26.87 73.72
CA THR G 85 -9.53 27.30 75.08
C THR G 85 -10.98 26.93 75.38
N HIS G 86 -11.22 26.39 76.57
CA HIS G 86 -12.56 26.11 77.03
C HIS G 86 -12.55 25.98 78.55
N THR G 87 -13.75 26.03 79.13
CA THR G 87 -13.86 25.98 80.59
C THR G 87 -13.38 24.66 81.17
N ASP G 88 -13.67 23.54 80.49
CA ASP G 88 -13.31 22.23 81.03
C ASP G 88 -11.80 22.07 81.14
N LEU G 89 -11.07 22.49 80.10
CA LEU G 89 -9.62 22.41 80.14
C LEU G 89 -9.05 23.56 80.98
N PRO G 90 -7.98 23.31 81.72
CA PRO G 90 -7.47 24.31 82.66
C PRO G 90 -6.48 25.32 82.07
N SER G 91 -6.12 25.19 80.80
CA SER G 91 -5.16 26.10 80.19
C SER G 91 -5.35 26.09 78.69
N PRO G 92 -5.09 27.21 78.01
CA PRO G 92 -5.11 27.21 76.54
C PRO G 92 -4.01 26.32 75.99
N LEU G 93 -4.33 25.63 74.89
CA LEU G 93 -3.34 24.76 74.25
C LEU G 93 -3.18 25.08 72.78
N LYS G 94 -1.94 25.19 72.32
CA LYS G 94 -1.68 25.58 70.92
C LYS G 94 -1.34 24.42 70.02
N GLN G 95 -1.37 24.65 68.71
CA GLN G 95 -1.08 23.61 67.73
C GLN G 95 -0.61 24.29 66.48
N THR G 96 0.69 24.29 66.25
CA THR G 96 1.21 25.00 65.11
C THR G 96 1.33 24.11 63.89
N ILE G 97 0.94 24.61 62.71
CA ILE G 97 1.10 23.86 61.47
C ILE G 97 2.02 24.65 60.53
N SER G 98 2.92 23.96 59.85
CA SER G 98 3.89 24.69 59.02
C SER G 98 4.04 24.21 57.59
N ARG G 99 4.73 24.99 56.78
CA ARG G 99 4.89 24.66 55.37
C ARG G 99 6.16 23.89 55.16
N PRO G 100 6.04 22.67 54.63
CA PRO G 100 7.30 22.00 54.33
C PRO G 100 7.96 22.79 53.24
N LYS G 101 9.14 23.35 53.52
CA LYS G 101 9.85 24.15 52.54
C LYS G 101 11.00 23.36 51.98
N GLY G 102 11.42 22.34 52.71
CA GLY G 102 12.56 21.57 52.26
C GLY G 102 12.21 20.23 51.69
N VAL G 103 11.76 20.21 50.44
CA VAL G 103 11.48 18.94 49.78
C VAL G 103 11.90 19.05 48.34
N ALA G 104 12.82 18.20 47.91
CA ALA G 104 13.33 18.30 46.56
C ALA G 104 12.22 18.12 45.55
N LEU G 105 12.28 18.84 44.45
CA LEU G 105 11.20 18.77 43.51
C LEU G 105 11.49 18.10 42.20
N HIS G 106 11.14 16.83 42.05
CA HIS G 106 11.26 16.11 40.79
C HIS G 106 9.90 16.02 40.12
N ARG G 107 9.90 16.15 38.80
CA ARG G 107 8.60 16.09 38.14
C ARG G 107 8.21 14.64 37.87
N PRO G 108 6.93 14.32 38.00
CA PRO G 108 6.49 12.94 37.79
C PRO G 108 6.68 12.49 36.35
N ASP G 109 6.94 11.19 36.21
CA ASP G 109 6.92 10.49 34.93
C ASP G 109 5.62 9.69 34.90
N VAL G 110 4.76 9.99 33.93
CA VAL G 110 3.43 9.42 33.85
C VAL G 110 3.36 8.47 32.66
N TYR G 111 3.34 7.17 32.93
CA TYR G 111 3.13 6.16 31.91
C TYR G 111 1.71 5.63 32.01
N LEU G 112 1.22 5.09 30.89
CA LEU G 112 -0.17 4.65 30.81
C LEU G 112 -0.22 3.25 30.23
N LEU G 113 -0.45 2.27 31.09
CA LEU G 113 -0.45 0.86 30.71
C LEU G 113 -1.86 0.41 30.38
N PRO G 114 -2.10 -0.10 29.17
CA PRO G 114 -3.42 -0.60 28.81
C PRO G 114 -3.73 -1.91 29.52
N PRO G 115 -4.97 -2.39 29.48
CA PRO G 115 -5.31 -3.64 30.16
C PRO G 115 -4.60 -4.84 29.54
N ALA G 116 -4.49 -5.88 30.36
CA ALA G 116 -3.75 -7.08 29.98
C ALA G 116 -4.39 -7.77 28.78
N ARG G 117 -3.55 -8.38 27.94
CA ARG G 117 -4.05 -9.15 26.81
C ARG G 117 -4.89 -10.34 27.27
N GLU G 118 -4.47 -11.02 28.32
CA GLU G 118 -5.22 -12.16 28.85
C GLU G 118 -6.45 -11.74 29.65
N GLN G 119 -6.61 -10.45 29.93
CA GLN G 119 -7.85 -9.94 30.50
C GLN G 119 -8.88 -9.60 29.46
N LEU G 120 -8.46 -9.29 28.23
CA LEU G 120 -9.38 -9.01 27.14
C LEU G 120 -9.77 -10.27 26.37
N ASN G 121 -10.17 -11.29 27.10
CA ASN G 121 -10.76 -12.53 26.63
C ASN G 121 -12.03 -12.87 27.38
N LEU G 122 -12.08 -12.59 28.69
CA LEU G 122 -13.31 -12.76 29.45
C LEU G 122 -14.37 -11.76 29.02
N ARG G 123 -13.95 -10.60 28.51
CA ARG G 123 -14.86 -9.57 28.03
C ARG G 123 -15.84 -9.13 29.12
N GLU G 124 -15.31 -8.95 30.34
CA GLU G 124 -16.11 -8.50 31.47
C GLU G 124 -15.71 -7.11 31.94
N SER G 125 -14.44 -6.89 32.24
CA SER G 125 -14.00 -5.60 32.76
C SER G 125 -12.49 -5.46 32.54
N ALA G 126 -12.08 -4.33 31.96
CA ALA G 126 -10.68 -4.03 31.71
C ALA G 126 -10.25 -2.83 32.54
N THR G 127 -9.03 -2.90 33.07
CA THR G 127 -8.47 -1.86 33.92
C THR G 127 -7.25 -1.25 33.25
N ILE G 128 -7.29 0.06 33.04
CA ILE G 128 -6.15 0.82 32.53
C ILE G 128 -5.43 1.44 33.72
N THR G 129 -4.11 1.29 33.76
CA THR G 129 -3.34 1.72 34.92
C THR G 129 -2.47 2.91 34.56
N CYS G 130 -2.62 4.00 35.31
CA CYS G 130 -1.77 5.17 35.17
C CYS G 130 -0.67 5.08 36.22
N LEU G 131 0.57 4.90 35.77
CA LEU G 131 1.73 4.78 36.65
C LEU G 131 2.44 6.12 36.74
N VAL G 132 2.36 6.75 37.91
CA VAL G 132 3.00 8.03 38.17
C VAL G 132 4.22 7.73 39.03
N THR G 133 5.39 7.60 38.40
CA THR G 133 6.59 7.21 39.11
C THR G 133 7.65 8.31 39.02
N GLY G 134 8.58 8.31 39.97
CA GLY G 134 9.67 9.25 39.96
C GLY G 134 9.35 10.63 40.51
N PHE G 135 8.15 10.78 40.98
CA PHE G 135 7.82 12.06 41.44
C PHE G 135 8.16 12.28 42.81
N SER G 136 8.57 13.46 43.20
CA SER G 136 8.89 13.68 44.59
C SER G 136 8.44 15.03 44.92
N PRO G 137 7.83 15.25 46.05
CA PRO G 137 7.66 14.74 47.38
C PRO G 137 6.40 13.91 47.30
N ALA G 138 5.41 14.08 48.16
CA ALA G 138 4.20 13.28 48.04
C ALA G 138 3.22 14.14 47.32
N ASP G 139 2.02 14.22 47.83
CA ASP G 139 1.05 15.13 47.28
C ASP G 139 0.74 15.09 45.79
N VAL G 140 0.66 13.98 45.12
CA VAL G 140 0.26 14.00 43.71
C VAL G 140 -1.21 13.74 43.65
N PHE G 141 -1.97 14.26 42.72
CA PHE G 141 -3.40 13.94 42.68
C PHE G 141 -3.67 13.53 41.28
N VAL G 142 -4.30 12.43 40.98
CA VAL G 142 -4.42 11.99 39.61
C VAL G 142 -5.81 11.84 39.16
N GLN G 143 -6.24 12.35 38.02
CA GLN G 143 -7.60 12.07 37.63
C GLN G 143 -7.78 11.82 36.18
N TRP G 144 -8.80 11.05 35.83
CA TRP G 144 -9.09 10.57 34.51
C TRP G 144 -10.27 11.24 33.85
N MET G 145 -10.24 11.46 32.56
CA MET G 145 -11.35 12.09 31.96
C MET G 145 -11.36 11.54 30.62
N GLN G 146 -12.44 10.86 30.28
CA GLN G 146 -12.58 10.22 28.98
C GLN G 146 -13.04 11.25 27.98
N ARG G 147 -12.14 11.62 27.07
CA ARG G 147 -12.33 12.62 26.00
C ARG G 147 -12.49 14.06 26.50
N GLY G 148 -13.57 14.33 27.22
CA GLY G 148 -13.78 15.67 27.71
C GLY G 148 -14.12 15.86 29.16
N GLN G 149 -15.09 15.12 29.63
CA GLN G 149 -15.52 15.36 30.99
C GLN G 149 -15.04 14.35 31.96
N PRO G 150 -14.44 14.81 33.05
CA PRO G 150 -13.86 13.96 34.07
C PRO G 150 -14.85 12.94 34.56
N LEU G 151 -14.37 11.72 34.66
CA LEU G 151 -15.13 10.55 35.07
C LEU G 151 -15.48 10.61 36.51
N SER G 152 -16.54 9.93 36.87
CA SER G 152 -17.00 9.96 38.24
C SER G 152 -15.94 9.46 39.15
N PRO G 153 -15.75 10.13 40.27
CA PRO G 153 -14.75 9.88 41.30
C PRO G 153 -14.80 8.49 41.83
N GLU G 154 -15.97 7.90 41.98
CA GLU G 154 -16.03 6.52 42.42
C GLU G 154 -15.48 5.51 41.40
N LYS G 155 -15.45 5.83 40.14
CA LYS G 155 -14.95 4.90 39.15
C LYS G 155 -13.50 4.43 39.19
N TYR G 156 -12.48 5.24 39.50
CA TYR G 156 -11.09 4.79 39.54
C TYR G 156 -10.52 4.85 40.94
N VAL G 157 -9.36 4.25 41.20
CA VAL G 157 -8.76 4.17 42.52
C VAL G 157 -7.28 4.52 42.41
N THR G 158 -6.82 5.42 43.28
CA THR G 158 -5.44 5.89 43.28
C THR G 158 -4.74 5.42 44.55
N SER G 159 -3.62 4.72 44.38
CA SER G 159 -2.85 4.23 45.51
C SER G 159 -2.10 5.37 46.20
N ALA G 160 -1.75 5.13 47.45
CA ALA G 160 -0.99 6.11 48.22
C ALA G 160 0.43 6.21 47.68
N PRO G 161 1.10 7.35 47.88
CA PRO G 161 2.46 7.52 47.36
C PRO G 161 3.48 6.67 48.10
N MET G 162 3.56 5.39 47.76
CA MET G 162 4.53 4.50 48.38
C MET G 162 5.94 4.86 47.92
N PRO G 163 6.95 4.61 48.76
CA PRO G 163 8.34 4.93 48.37
C PRO G 163 8.82 4.07 47.22
N GLU G 164 9.88 4.52 46.54
CA GLU G 164 10.45 3.86 45.38
C GLU G 164 11.59 2.93 45.79
N PRO G 165 11.64 1.71 45.25
CA PRO G 165 12.69 0.76 45.64
C PRO G 165 14.10 1.22 45.31
N GLN G 166 14.34 1.58 44.05
CA GLN G 166 15.67 1.93 43.57
C GLN G 166 16.03 3.39 43.81
N ALA G 167 15.14 4.30 43.46
CA ALA G 167 15.41 5.72 43.65
C ALA G 167 15.48 6.04 45.14
N PRO G 168 16.42 6.88 45.59
CA PRO G 168 16.57 7.15 47.02
C PRO G 168 15.37 7.82 47.64
N GLY G 169 14.96 8.97 47.09
CA GLY G 169 13.90 9.75 47.68
C GLY G 169 12.66 9.89 46.84
N ARG G 170 12.69 9.33 45.62
CA ARG G 170 11.54 9.44 44.73
C ARG G 170 10.42 8.52 45.20
N TYR G 171 9.22 8.72 44.64
CA TYR G 171 8.06 7.92 45.00
C TYR G 171 7.41 7.31 43.77
N PHE G 172 6.28 6.65 43.96
CA PHE G 172 5.49 6.15 42.84
C PHE G 172 4.05 5.96 43.31
N ALA G 173 3.15 5.91 42.34
CA ALA G 173 1.74 5.72 42.63
C ALA G 173 1.06 5.10 41.42
N HIS G 174 -0.06 4.42 41.68
CA HIS G 174 -0.86 3.80 40.64
C HIS G 174 -2.27 4.36 40.70
N SER G 175 -2.89 4.49 39.53
CA SER G 175 -4.28 4.89 39.43
C SER G 175 -4.97 3.98 38.44
N ILE G 176 -5.79 3.07 38.92
CA ILE G 176 -6.47 2.09 38.06
C ILE G 176 -7.86 2.60 37.75
N LEU G 177 -8.23 2.55 36.47
CA LEU G 177 -9.57 2.88 36.01
C LEU G 177 -10.17 1.63 35.39
N THR G 178 -11.27 1.15 35.96
CA THR G 178 -11.94 -0.06 35.51
C THR G 178 -13.18 0.32 34.71
N VAL G 179 -13.32 -0.29 33.52
CA VAL G 179 -14.42 -0.01 32.62
C VAL G 179 -14.68 -1.26 31.79
N SER G 180 -15.94 -1.44 31.38
CA SER G 180 -16.31 -2.61 30.61
C SER G 180 -15.54 -2.66 29.29
N GLU G 181 -15.38 -3.88 28.76
CA GLU G 181 -14.42 -4.12 27.68
C GLU G 181 -14.76 -3.34 26.42
N GLU G 182 -16.04 -3.33 26.03
CA GLU G 182 -16.41 -2.76 24.73
C GLU G 182 -16.06 -1.28 24.64
N GLU G 183 -16.06 -0.56 25.76
CA GLU G 183 -15.67 0.85 25.73
C GLU G 183 -14.25 1.03 25.25
N TRP G 184 -13.35 0.12 25.59
CA TRP G 184 -11.98 0.22 25.10
C TRP G 184 -11.87 -0.02 23.60
N ASN G 185 -12.90 -0.59 22.98
CA ASN G 185 -12.77 -1.06 21.60
C ASN G 185 -13.08 0.02 20.59
N THR G 186 -13.93 0.99 20.95
CA THR G 186 -14.46 1.96 20.00
C THR G 186 -14.03 3.40 20.33
N GLY G 187 -12.79 3.60 20.77
CA GLY G 187 -12.31 4.94 21.04
C GLY G 187 -11.94 5.17 22.48
N GLU G 188 -12.69 6.05 23.16
CA GLU G 188 -12.49 6.31 24.58
C GLU G 188 -11.06 6.77 24.87
N THR G 189 -10.75 8.00 24.42
CA THR G 189 -9.43 8.61 24.57
C THR G 189 -8.76 8.27 25.90
N TYR G 190 -9.51 8.34 27.00
CA TYR G 190 -9.07 7.90 28.32
C TYR G 190 -7.81 8.64 28.76
N THR G 191 -7.96 9.96 28.90
CA THR G 191 -6.86 10.79 29.35
C THR G 191 -6.66 10.63 30.85
N CYS G 192 -5.39 10.46 31.24
CA CYS G 192 -4.99 10.45 32.64
C CYS G 192 -4.26 11.76 32.89
N VAL G 193 -4.78 12.58 33.80
CA VAL G 193 -4.19 13.87 34.11
C VAL G 193 -3.63 13.84 35.53
N VAL G 194 -2.40 14.34 35.67
CA VAL G 194 -1.63 14.28 36.90
C VAL G 194 -1.24 15.70 37.28
N ALA G 195 -1.49 16.06 38.53
CA ALA G 195 -1.16 17.38 39.07
C ALA G 195 -0.14 17.20 40.19
N HIS G 196 0.98 17.92 40.05
CA HIS G 196 2.06 17.92 41.03
C HIS G 196 2.72 19.29 41.02
N GLU G 197 3.45 19.60 42.08
CA GLU G 197 4.08 20.92 42.24
C GLU G 197 5.48 20.97 41.65
N ALA G 198 5.78 20.13 40.66
CA ALA G 198 7.07 20.19 39.98
C ALA G 198 6.95 20.24 38.47
N LEU G 199 5.76 20.08 37.90
CA LEU G 199 5.55 20.14 36.47
C LEU G 199 5.61 21.58 35.99
N PRO G 200 5.86 21.82 34.69
CA PRO G 200 5.86 23.19 34.18
C PRO G 200 4.54 23.91 34.41
N ASN G 201 3.45 23.33 33.92
CA ASN G 201 2.11 23.86 34.16
C ASN G 201 1.45 23.22 35.37
N ARG G 202 2.16 22.37 36.10
CA ARG G 202 1.64 21.61 37.23
C ARG G 202 0.52 20.65 36.82
N VAL G 203 0.34 20.44 35.51
CA VAL G 203 -0.60 19.47 34.97
C VAL G 203 0.08 18.76 33.80
N THR G 204 -0.04 17.44 33.76
CA THR G 204 0.40 16.66 32.61
C THR G 204 -0.70 15.66 32.26
N GLU G 205 -0.82 15.32 30.98
CA GLU G 205 -1.85 14.38 30.55
C GLU G 205 -1.24 13.33 29.63
N ARG G 206 -1.78 12.12 29.71
CA ARG G 206 -1.39 11.01 28.86
C ARG G 206 -2.63 10.33 28.29
N THR G 207 -2.45 9.69 27.14
CA THR G 207 -3.56 9.16 26.36
C THR G 207 -3.26 7.73 25.92
N VAL G 208 -4.25 6.85 26.05
CA VAL G 208 -4.15 5.47 25.58
C VAL G 208 -5.43 5.14 24.82
N ASP G 209 -5.30 4.50 23.67
CA ASP G 209 -6.42 4.07 22.85
C ASP G 209 -6.23 2.64 22.39
N LYS G 210 -7.27 2.07 21.79
CA LYS G 210 -7.15 0.73 21.23
C LYS G 210 -6.13 0.71 20.10
N SER G 211 -6.09 1.77 19.29
CA SER G 211 -5.11 1.90 18.21
C SER G 211 -3.83 2.55 18.70
N THR G 212 -3.30 2.04 19.82
CA THR G 212 -2.05 2.50 20.39
C THR G 212 -1.10 1.35 20.73
N GLY G 213 -1.64 0.24 21.21
CA GLY G 213 -0.83 -0.92 21.55
C GLY G 213 -0.76 -1.92 20.44
N LYS G 214 -1.16 -1.52 19.23
CA LYS G 214 -1.06 -2.38 18.06
C LYS G 214 0.21 -2.05 17.28
N PRO G 215 1.12 -3.01 17.13
CA PRO G 215 2.34 -2.78 16.35
C PRO G 215 2.05 -2.83 14.85
N THR G 216 3.08 -2.51 14.07
CA THR G 216 2.98 -2.48 12.61
C THR G 216 3.12 -3.91 12.09
N LEU G 217 2.00 -4.50 11.68
CA LEU G 217 2.01 -5.86 11.14
C LEU G 217 2.46 -5.89 9.69
N TYR G 218 1.77 -5.16 8.83
CA TYR G 218 2.02 -5.21 7.40
C TYR G 218 3.22 -4.36 7.01
N ASN G 219 3.90 -4.79 5.95
CA ASN G 219 5.07 -4.11 5.38
C ASN G 219 4.98 -4.05 3.86
N VAL G 220 3.79 -3.75 3.34
CA VAL G 220 3.56 -3.80 1.89
C VAL G 220 4.64 -2.99 1.17
N SER G 221 5.24 -3.57 0.14
CA SER G 221 6.41 -2.97 -0.49
C SER G 221 6.28 -3.11 -2.00
N LEU G 222 5.90 -2.03 -2.67
CA LEU G 222 5.73 -2.02 -4.12
C LEU G 222 7.08 -1.81 -4.79
N VAL G 223 7.48 -2.76 -5.62
CA VAL G 223 8.73 -2.69 -6.36
C VAL G 223 8.45 -2.24 -7.79
N MET G 224 9.20 -1.24 -8.24
CA MET G 224 9.04 -0.73 -9.60
C MET G 224 9.97 -1.45 -10.57
N ILE H 1 -4.13 -0.14 80.15
CA ILE H 1 -3.89 -1.58 80.18
C ILE H 1 -4.40 -2.22 78.89
N ARG H 2 -3.47 -2.51 77.97
CA ARG H 2 -3.82 -3.10 76.69
C ARG H 2 -2.84 -4.21 76.34
N VAL H 3 -3.32 -5.13 75.50
CA VAL H 3 -2.55 -6.29 75.08
C VAL H 3 -2.58 -6.37 73.55
N PHE H 4 -1.40 -6.42 72.95
CA PHE H 4 -1.27 -6.63 71.52
C PHE H 4 -0.95 -8.10 71.25
N ALA H 5 -1.41 -8.59 70.10
CA ALA H 5 -1.22 -9.99 69.76
C ALA H 5 -1.19 -10.12 68.24
N ILE H 6 -0.02 -10.48 67.71
CA ILE H 6 0.13 -10.70 66.27
C ILE H 6 -0.08 -12.17 65.97
N PRO H 7 -1.10 -12.53 65.20
CA PRO H 7 -1.30 -13.91 64.79
C PRO H 7 -0.46 -14.24 63.58
N PRO H 8 -0.37 -15.51 63.20
CA PRO H 8 0.38 -15.85 61.98
C PRO H 8 -0.36 -15.40 60.73
N SER H 9 0.13 -14.35 60.10
CA SER H 9 -0.44 -13.83 58.86
C SER H 9 -0.14 -14.78 57.72
N PHE H 10 -0.96 -14.70 56.67
CA PHE H 10 -0.79 -15.59 55.53
C PHE H 10 0.53 -15.35 54.81
N ALA H 11 1.08 -14.14 54.89
CA ALA H 11 2.39 -13.88 54.30
C ALA H 11 3.49 -14.54 55.11
N SER H 12 3.41 -14.45 56.44
CA SER H 12 4.44 -15.03 57.29
C SER H 12 4.42 -16.55 57.24
N ILE H 13 3.24 -17.14 57.01
CA ILE H 13 3.16 -18.59 56.89
C ILE H 13 3.94 -19.07 55.67
N PHE H 14 3.81 -18.36 54.55
CA PHE H 14 4.51 -18.76 53.33
C PHE H 14 5.99 -18.38 53.38
N LEU H 15 6.32 -17.24 53.99
CA LEU H 15 7.70 -16.76 53.95
C LEU H 15 8.65 -17.70 54.68
N THR H 16 8.26 -18.15 55.88
CA THR H 16 9.17 -18.92 56.72
C THR H 16 8.73 -20.37 56.91
N LYS H 17 7.44 -20.68 56.71
CA LYS H 17 6.88 -22.00 57.01
C LYS H 17 7.16 -22.37 58.47
N SER H 18 7.13 -21.35 59.34
CA SER H 18 7.42 -21.50 60.76
C SER H 18 6.36 -20.74 61.56
N THR H 19 5.09 -21.03 61.26
CA THR H 19 3.94 -20.32 61.82
C THR H 19 4.07 -20.08 63.32
N LYS H 20 4.01 -18.81 63.71
CA LYS H 20 4.18 -18.39 65.10
C LYS H 20 3.17 -17.30 65.42
N LEU H 21 2.51 -17.42 66.57
CA LEU H 21 1.65 -16.37 67.08
C LEU H 21 2.23 -15.80 68.37
N THR H 22 2.26 -14.47 68.45
CA THR H 22 2.98 -13.78 69.52
C THR H 22 2.02 -12.87 70.27
N CYS H 23 2.20 -12.79 71.58
CA CYS H 23 1.40 -11.90 72.43
C CYS H 23 2.33 -11.06 73.31
N LEU H 24 1.98 -9.80 73.50
CA LEU H 24 2.74 -8.88 74.32
C LEU H 24 1.79 -7.87 74.95
N VAL H 25 2.30 -7.16 75.96
CA VAL H 25 1.48 -6.26 76.77
C VAL H 25 2.06 -4.86 76.72
N THR H 26 1.18 -3.86 76.78
CA THR H 26 1.57 -2.46 76.87
C THR H 26 0.74 -1.79 77.95
N ASP H 27 1.03 -0.51 78.21
CA ASP H 27 0.29 0.32 79.16
C ASP H 27 0.32 -0.26 80.57
N LEU H 28 1.41 -0.94 80.93
CA LEU H 28 1.61 -1.45 82.28
C LEU H 28 2.88 -0.86 82.87
N THR H 29 2.88 -0.70 84.19
CA THR H 29 4.04 -0.15 84.87
C THR H 29 5.22 -1.09 84.74
N THR H 30 6.40 -0.51 84.52
CA THR H 30 7.62 -1.30 84.33
C THR H 30 7.94 -2.09 85.58
N TYR H 31 7.85 -3.41 85.49
CA TYR H 31 8.11 -4.30 86.62
C TYR H 31 8.71 -5.60 86.07
N ASP H 32 8.73 -6.63 86.89
CA ASP H 32 9.21 -7.95 86.51
C ASP H 32 8.15 -8.99 86.84
N SER H 33 8.50 -10.26 86.68
CA SER H 33 7.61 -11.40 86.94
C SER H 33 6.33 -11.31 86.12
N VAL H 34 6.42 -10.76 84.92
CA VAL H 34 5.27 -10.67 84.01
C VAL H 34 5.14 -12.00 83.28
N THR H 35 3.98 -12.63 83.40
CA THR H 35 3.75 -13.95 82.81
C THR H 35 2.82 -13.82 81.61
N ILE H 36 3.26 -14.36 80.47
CA ILE H 36 2.46 -14.41 79.26
C ILE H 36 2.47 -15.85 78.76
N SER H 37 1.28 -16.44 78.59
CA SER H 37 1.15 -17.83 78.19
C SER H 37 -0.05 -17.97 77.26
N TRP H 38 -0.22 -19.17 76.71
CA TRP H 38 -1.26 -19.45 75.73
C TRP H 38 -2.17 -20.57 76.23
N THR H 39 -3.41 -20.53 75.75
CA THR H 39 -4.43 -21.52 76.08
C THR H 39 -5.24 -21.84 74.82
N ARG H 40 -5.56 -23.12 74.67
CA ARG H 40 -6.43 -23.59 73.60
C ARG H 40 -7.86 -23.54 74.15
N GLN H 41 -8.85 -24.12 73.46
CA GLN H 41 -10.23 -24.06 73.93
C GLN H 41 -10.36 -24.52 75.37
N ASN H 42 -9.55 -25.51 75.77
CA ASN H 42 -9.49 -25.97 77.15
C ASN H 42 -8.19 -25.61 77.85
N GLY H 43 -7.20 -25.10 77.11
CA GLY H 43 -5.95 -24.66 77.70
C GLY H 43 -5.02 -25.77 78.13
N GLU H 44 -4.61 -26.61 77.18
CA GLU H 44 -3.64 -27.66 77.47
C GLU H 44 -2.22 -27.11 77.34
N ALA H 45 -1.23 -28.00 77.32
CA ALA H 45 0.18 -27.61 77.33
C ALA H 45 0.53 -26.84 76.06
N VAL H 46 1.19 -25.69 76.24
CA VAL H 46 1.67 -24.88 75.13
C VAL H 46 3.12 -24.51 75.41
N LYS H 47 3.79 -24.00 74.37
CA LYS H 47 5.17 -23.55 74.53
C LYS H 47 5.20 -22.16 75.14
N THR H 48 6.08 -21.99 76.14
CA THR H 48 6.08 -20.79 76.98
C THR H 48 6.77 -19.66 76.20
N HIS H 49 6.74 -18.45 76.73
CA HIS H 49 7.29 -17.28 76.05
C HIS H 49 8.80 -17.44 75.85
N THR H 50 9.28 -17.01 74.69
CA THR H 50 10.69 -17.12 74.34
C THR H 50 11.14 -15.83 73.66
N ASN H 51 12.43 -15.55 73.78
CA ASN H 51 13.07 -14.39 73.15
C ASN H 51 12.40 -13.08 73.60
N ILE H 52 12.56 -12.82 74.90
CA ILE H 52 12.02 -11.60 75.49
C ILE H 52 12.64 -10.38 74.82
N SER H 53 11.82 -9.37 74.55
CA SER H 53 12.24 -8.16 73.88
C SER H 53 12.53 -7.06 74.90
N GLU H 54 13.04 -5.94 74.40
CA GLU H 54 13.41 -4.82 75.26
C GLU H 54 12.16 -4.01 75.65
N SER H 55 12.40 -2.98 76.47
CA SER H 55 11.33 -2.14 77.00
C SER H 55 10.89 -1.12 75.94
N HIS H 56 9.76 -0.47 76.21
CA HIS H 56 9.21 0.54 75.33
C HIS H 56 9.88 1.89 75.57
N PRO H 57 9.87 2.77 74.56
CA PRO H 57 10.45 4.10 74.75
C PRO H 57 9.64 5.02 75.65
N ASN H 58 8.40 4.66 76.00
CA ASN H 58 7.51 5.53 76.76
C ASN H 58 7.32 5.02 78.19
N ALA H 59 8.40 4.53 78.80
CA ALA H 59 8.44 4.19 80.23
C ALA H 59 7.48 3.06 80.58
N THR H 60 7.37 2.07 79.68
CA THR H 60 6.66 0.84 80.02
C THR H 60 7.43 -0.35 79.46
N PHE H 61 6.94 -1.57 79.73
CA PHE H 61 7.67 -2.79 79.39
C PHE H 61 6.90 -3.62 78.38
N SER H 62 7.65 -4.36 77.56
CA SER H 62 7.08 -5.26 76.57
C SER H 62 7.85 -6.57 76.63
N ALA H 63 7.12 -7.67 76.84
CA ALA H 63 7.71 -9.01 76.89
C ALA H 63 6.94 -9.88 75.90
N VAL H 64 7.51 -10.05 74.70
CA VAL H 64 6.84 -10.82 73.67
C VAL H 64 6.93 -12.31 73.99
N GLY H 65 5.83 -13.02 73.71
CA GLY H 65 5.80 -14.46 73.89
C GLY H 65 5.27 -15.16 72.66
N GLU H 66 6.05 -16.09 72.12
CA GLU H 66 5.74 -16.75 70.86
C GLU H 66 5.29 -18.18 71.12
N ALA H 67 4.39 -18.66 70.25
CA ALA H 67 3.96 -20.05 70.30
C ALA H 67 3.82 -20.57 68.87
N SER H 68 3.98 -21.87 68.71
CA SER H 68 3.87 -22.53 67.42
C SER H 68 2.84 -23.64 67.49
N ILE H 69 1.80 -23.51 66.67
CA ILE H 69 0.71 -24.48 66.60
C ILE H 69 0.41 -24.75 65.14
N CYS H 70 0.10 -26.01 64.84
CA CYS H 70 -0.26 -26.44 63.49
C CYS H 70 -1.39 -25.59 62.93
N GLU H 71 -1.41 -25.46 61.60
CA GLU H 71 -2.44 -24.68 60.91
C GLU H 71 -3.72 -25.48 60.67
N ASP H 72 -3.75 -26.76 61.07
CA ASP H 72 -4.93 -27.58 60.89
C ASP H 72 -6.08 -27.10 61.77
N ASP H 73 -5.80 -26.75 63.02
CA ASP H 73 -6.82 -26.30 63.95
C ASP H 73 -6.95 -24.79 64.02
N TRP H 74 -6.52 -24.08 62.97
CA TRP H 74 -6.59 -22.62 62.96
C TRP H 74 -7.61 -22.09 61.97
N ASN H 75 -8.12 -22.95 61.07
CA ASN H 75 -9.11 -22.51 60.10
C ASN H 75 -10.54 -22.73 60.58
N SER H 76 -10.77 -23.71 61.45
CA SER H 76 -12.11 -24.08 61.88
C SER H 76 -12.67 -23.17 62.97
N GLY H 77 -12.09 -21.99 63.18
CA GLY H 77 -12.58 -21.08 64.19
C GLY H 77 -12.24 -21.46 65.61
N GLU H 78 -11.25 -22.32 65.81
CA GLU H 78 -10.84 -22.71 67.15
C GLU H 78 -10.23 -21.52 67.89
N ARG H 79 -10.56 -21.41 69.17
CA ARG H 79 -10.23 -20.23 69.96
C ARG H 79 -8.89 -20.40 70.67
N PHE H 80 -7.93 -19.57 70.26
CA PHE H 80 -6.59 -19.58 70.85
C PHE H 80 -6.39 -18.25 71.57
N THR H 81 -6.03 -18.31 72.85
CA THR H 81 -5.96 -17.13 73.70
C THR H 81 -4.56 -16.96 74.28
N CYS H 82 -4.08 -15.73 74.35
CA CYS H 82 -2.98 -15.42 75.24
C CYS H 82 -3.51 -14.75 76.51
N THR H 83 -2.99 -15.20 77.64
CA THR H 83 -3.42 -14.73 78.95
C THR H 83 -2.28 -13.98 79.64
N VAL H 84 -2.65 -13.01 80.47
CA VAL H 84 -1.69 -12.12 81.11
C VAL H 84 -1.89 -12.21 82.62
N THR H 85 -0.86 -12.66 83.32
CA THR H 85 -0.86 -12.68 84.78
C THR H 85 -0.19 -11.39 85.26
N HIS H 86 -0.99 -10.41 85.62
CA HIS H 86 -0.50 -9.09 85.99
C HIS H 86 -0.55 -8.93 87.51
N THR H 87 0.55 -8.43 88.08
CA THR H 87 0.68 -8.22 89.51
C THR H 87 0.12 -6.87 89.96
N ASP H 88 -0.70 -6.23 89.14
CA ASP H 88 -1.29 -4.94 89.47
C ASP H 88 -2.79 -4.88 89.33
N LEU H 89 -3.43 -5.89 88.73
CA LEU H 89 -4.87 -5.91 88.54
C LEU H 89 -5.47 -7.17 89.13
N PRO H 90 -6.73 -7.10 89.59
CA PRO H 90 -7.39 -8.30 90.12
C PRO H 90 -7.95 -9.18 89.00
N SER H 91 -8.15 -8.60 87.82
CA SER H 91 -8.71 -9.32 86.68
C SER H 91 -7.63 -9.53 85.63
N PRO H 92 -7.14 -10.76 85.45
CA PRO H 92 -6.14 -11.00 84.40
C PRO H 92 -6.73 -10.78 83.01
N LEU H 93 -5.86 -10.39 82.09
CA LEU H 93 -6.24 -10.14 80.71
C LEU H 93 -6.25 -11.43 79.92
N LYS H 94 -7.14 -11.50 78.93
CA LYS H 94 -7.40 -12.74 78.19
C LYS H 94 -7.84 -12.35 76.79
N GLN H 95 -6.93 -12.45 75.83
CA GLN H 95 -7.22 -11.99 74.47
C GLN H 95 -7.01 -13.12 73.48
N THR H 96 -8.02 -13.35 72.63
CA THR H 96 -7.99 -14.46 71.69
C THR H 96 -8.01 -13.96 70.25
N ILE H 97 -7.49 -14.80 69.35
CA ILE H 97 -7.50 -14.52 67.92
C ILE H 97 -7.89 -15.81 67.19
N SER H 98 -8.75 -15.77 66.19
CA SER H 98 -9.06 -17.02 65.48
C SER H 98 -9.45 -16.69 64.09
N ARG H 99 -10.28 -17.52 63.48
CA ARG H 99 -10.75 -17.16 62.17
C ARG H 99 -12.27 -17.09 62.10
N PRO H 100 -12.78 -15.91 61.73
CA PRO H 100 -14.21 -15.70 61.59
C PRO H 100 -14.64 -16.40 60.33
N LYS H 101 -15.91 -16.85 60.29
CA LYS H 101 -16.42 -17.56 59.13
C LYS H 101 -16.27 -16.61 57.98
N GLY H 102 -15.64 -17.12 56.93
CA GLY H 102 -15.31 -16.30 55.80
C GLY H 102 -16.52 -15.68 55.20
N VAL H 103 -16.40 -14.40 54.86
CA VAL H 103 -17.50 -13.70 54.24
C VAL H 103 -17.75 -14.39 52.89
N ALA H 104 -16.68 -14.65 52.16
CA ALA H 104 -16.72 -15.33 50.89
C ALA H 104 -15.31 -15.71 50.54
N LEU H 105 -15.19 -16.53 49.52
CA LEU H 105 -13.88 -16.87 49.07
C LEU H 105 -13.83 -16.53 47.62
N HIS H 106 -12.81 -15.77 47.25
CA HIS H 106 -12.63 -15.41 45.88
C HIS H 106 -11.20 -15.62 45.55
N ARG H 107 -10.91 -16.02 44.34
CA ARG H 107 -9.53 -16.24 44.06
C ARG H 107 -9.01 -15.12 43.24
N PRO H 108 -7.78 -14.72 43.45
CA PRO H 108 -7.18 -13.63 42.67
C PRO H 108 -7.09 -13.97 41.20
N ASP H 109 -7.17 -12.94 40.36
CA ASP H 109 -7.05 -13.07 38.92
C ASP H 109 -5.79 -12.29 38.51
N VAL H 110 -4.66 -13.00 38.51
CA VAL H 110 -3.36 -12.35 38.34
C VAL H 110 -3.16 -11.92 36.89
N TYR H 111 -2.67 -10.70 36.72
CA TYR H 111 -2.24 -10.20 35.42
C TYR H 111 -0.87 -9.55 35.54
N LEU H 112 -0.11 -9.61 34.45
CA LEU H 112 1.18 -8.92 34.34
C LEU H 112 1.15 -8.03 33.11
N LEU H 113 1.55 -6.78 33.29
CA LEU H 113 1.57 -5.81 32.21
C LEU H 113 3.02 -5.47 31.85
N PRO H 114 3.46 -5.72 30.62
CA PRO H 114 4.81 -5.35 30.23
C PRO H 114 4.97 -3.84 30.21
N PRO H 115 6.19 -3.34 30.46
CA PRO H 115 6.39 -1.88 30.50
C PRO H 115 6.12 -1.25 29.13
N ALA H 116 5.58 -0.04 29.19
CA ALA H 116 5.25 0.71 27.99
C ALA H 116 6.51 1.11 27.23
N ARG H 117 6.35 1.32 25.92
CA ARG H 117 7.48 1.69 25.08
C ARG H 117 8.10 3.03 25.48
N GLU H 118 7.31 3.96 26.01
CA GLU H 118 7.83 5.23 26.47
C GLU H 118 8.73 5.08 27.69
N GLN H 119 8.68 3.93 28.37
CA GLN H 119 9.63 3.63 29.42
C GLN H 119 10.90 2.97 28.87
N LEU H 120 10.76 2.19 27.81
CA LEU H 120 11.92 1.61 27.12
C LEU H 120 12.43 2.53 26.02
N ASN H 121 12.58 3.81 26.37
CA ASN H 121 13.22 4.80 25.52
C ASN H 121 14.28 5.61 26.25
N LEU H 122 14.15 5.77 27.58
CA LEU H 122 15.22 6.34 28.37
C LEU H 122 16.39 5.39 28.50
N ARG H 123 16.19 4.10 28.18
CA ARG H 123 17.24 3.09 28.17
C ARG H 123 17.87 2.91 29.56
N GLU H 124 17.08 3.17 30.61
CA GLU H 124 17.58 3.12 31.97
C GLU H 124 16.88 2.04 32.80
N SER H 125 15.55 2.05 32.86
CA SER H 125 14.84 1.11 33.73
C SER H 125 13.47 0.80 33.15
N ALA H 126 12.93 -0.35 33.53
CA ALA H 126 11.61 -0.79 33.12
C ALA H 126 10.92 -1.47 34.31
N THR H 127 9.64 -1.19 34.50
CA THR H 127 8.88 -1.70 35.62
C THR H 127 7.79 -2.64 35.12
N ILE H 128 7.89 -3.91 35.51
CA ILE H 128 6.85 -4.90 35.24
C ILE H 128 5.91 -4.93 36.45
N THR H 129 4.62 -4.80 36.20
CA THR H 129 3.63 -4.68 37.28
C THR H 129 2.75 -5.93 37.31
N CYS H 130 2.68 -6.56 38.48
CA CYS H 130 1.79 -7.70 38.67
C CYS H 130 0.49 -7.20 39.31
N LEU H 131 -0.64 -7.62 38.75
CA LEU H 131 -1.94 -7.03 39.08
C LEU H 131 -2.82 -8.11 39.71
N VAL H 132 -2.88 -8.10 41.04
CA VAL H 132 -3.67 -9.10 41.78
C VAL H 132 -4.99 -8.43 42.12
N THR H 133 -6.00 -8.72 41.29
CA THR H 133 -7.32 -8.13 41.44
C THR H 133 -8.37 -9.17 41.79
N GLY H 134 -9.48 -8.68 42.35
CA GLY H 134 -10.67 -9.50 42.56
C GLY H 134 -10.50 -10.68 43.50
N PHE H 135 -9.89 -10.46 44.66
CA PHE H 135 -9.66 -11.52 45.63
C PHE H 135 -10.17 -11.10 47.00
N SER H 136 -10.77 -12.04 47.72
CA SER H 136 -11.21 -11.85 49.08
C SER H 136 -10.97 -13.12 49.88
N PRO H 137 -10.53 -13.01 51.15
CA PRO H 137 -10.21 -11.77 51.87
C PRO H 137 -8.87 -11.16 51.48
N ALA H 138 -8.33 -10.32 52.35
CA ALA H 138 -7.11 -9.57 52.08
C ALA H 138 -5.88 -10.38 52.49
N ASP H 139 -4.73 -9.71 52.56
CA ASP H 139 -3.45 -10.30 52.94
C ASP H 139 -3.01 -11.38 51.95
N VAL H 140 -2.84 -10.94 50.71
CA VAL H 140 -2.23 -11.78 49.69
C VAL H 140 -0.71 -11.64 49.73
N PHE H 141 -0.02 -12.72 49.38
CA PHE H 141 1.44 -12.76 49.40
C PHE H 141 1.95 -12.90 47.98
N VAL H 142 2.60 -11.84 47.48
CA VAL H 142 3.06 -11.77 46.10
C VAL H 142 4.57 -11.67 46.09
N GLN H 143 5.23 -12.47 45.24
CA GLN H 143 6.67 -12.40 45.09
C GLN H 143 7.04 -12.70 43.64
N TRP H 144 8.32 -12.55 43.34
CA TRP H 144 8.83 -12.62 41.98
C TRP H 144 9.99 -13.61 41.93
N MET H 145 10.04 -14.43 40.88
CA MET H 145 11.19 -15.29 40.64
C MET H 145 11.70 -15.09 39.22
N GLN H 146 13.03 -15.15 39.08
CA GLN H 146 13.69 -15.05 37.78
C GLN H 146 14.40 -16.38 37.52
N ARG H 147 13.86 -17.16 36.58
CA ARG H 147 14.39 -18.47 36.21
C ARG H 147 14.51 -19.37 37.45
N GLY H 148 13.43 -19.43 38.21
CA GLY H 148 13.39 -20.25 39.41
C GLY H 148 13.87 -19.63 40.70
N GLN H 149 15.03 -18.98 40.67
CA GLN H 149 15.57 -18.36 41.87
C GLN H 149 14.75 -17.14 42.25
N PRO H 150 14.26 -17.05 43.49
CA PRO H 150 13.47 -15.88 43.88
C PRO H 150 14.32 -14.62 43.97
N LEU H 151 13.75 -13.52 43.51
CA LEU H 151 14.44 -12.23 43.55
C LEU H 151 14.44 -11.67 44.97
N SER H 152 15.42 -10.81 45.23
CA SER H 152 15.52 -10.15 46.52
C SER H 152 14.31 -9.25 46.77
N PRO H 153 13.83 -9.19 48.01
CA PRO H 153 12.66 -8.33 48.32
C PRO H 153 12.90 -6.86 48.07
N GLU H 154 14.15 -6.40 47.99
CA GLU H 154 14.41 -4.99 47.76
C GLU H 154 14.05 -4.58 46.33
N LYS H 155 14.20 -5.51 45.39
CA LYS H 155 14.03 -5.19 43.97
C LYS H 155 12.58 -4.97 43.57
N TYR H 156 11.61 -5.47 44.33
CA TYR H 156 10.21 -5.30 44.00
C TYR H 156 9.46 -4.74 45.21
N VAL H 157 8.41 -3.96 44.92
CA VAL H 157 7.58 -3.35 45.96
C VAL H 157 6.12 -3.70 45.68
N THR H 158 5.44 -4.23 46.69
CA THR H 158 4.02 -4.54 46.60
C THR H 158 3.23 -3.65 47.53
N SER H 159 2.04 -3.25 47.09
CA SER H 159 1.19 -2.35 47.86
C SER H 159 0.21 -3.15 48.71
N ALA H 160 -0.36 -2.47 49.71
CA ALA H 160 -1.34 -3.08 50.59
C ALA H 160 -2.69 -3.20 49.88
N PRO H 161 -3.47 -4.23 50.20
CA PRO H 161 -4.77 -4.39 49.56
C PRO H 161 -5.68 -3.21 49.85
N MET H 162 -6.41 -2.79 48.82
CA MET H 162 -7.40 -1.72 48.91
C MET H 162 -8.67 -2.17 48.20
N PRO H 163 -9.83 -1.69 48.63
CA PRO H 163 -11.09 -2.20 48.07
C PRO H 163 -11.22 -1.94 46.58
N GLU H 164 -11.87 -2.88 45.89
CA GLU H 164 -12.13 -2.80 44.46
C GLU H 164 -13.21 -1.75 44.18
N PRO H 165 -12.98 -0.87 43.21
CA PRO H 165 -13.97 0.20 42.92
C PRO H 165 -15.34 -0.33 42.54
N GLN H 166 -15.39 -1.39 41.75
CA GLN H 166 -16.66 -1.88 41.22
C GLN H 166 -17.21 -3.07 42.00
N ALA H 167 -16.34 -3.90 42.56
CA ALA H 167 -16.80 -5.05 43.33
C ALA H 167 -16.89 -4.66 44.81
N PRO H 168 -18.09 -4.72 45.42
CA PRO H 168 -18.22 -4.35 46.83
C PRO H 168 -17.34 -5.17 47.76
N GLY H 169 -17.46 -6.49 47.71
CA GLY H 169 -16.78 -7.35 48.65
C GLY H 169 -15.51 -8.00 48.13
N ARG H 170 -14.74 -7.25 47.35
CA ARG H 170 -13.46 -7.73 46.85
C ARG H 170 -12.36 -6.73 47.21
N TYR H 171 -11.14 -7.05 46.80
CA TYR H 171 -9.99 -6.18 46.97
C TYR H 171 -9.10 -6.29 45.74
N PHE H 172 -8.01 -5.52 45.73
CA PHE H 172 -7.00 -5.63 44.69
C PHE H 172 -5.68 -5.13 45.27
N ALA H 173 -4.61 -5.46 44.57
CA ALA H 173 -3.27 -5.09 45.02
C ALA H 173 -2.39 -4.84 43.80
N HIS H 174 -1.11 -4.60 44.05
CA HIS H 174 -0.17 -4.33 42.99
C HIS H 174 1.21 -4.82 43.41
N SER H 175 2.09 -4.97 42.43
CA SER H 175 3.46 -5.38 42.70
C SER H 175 4.32 -4.94 41.53
N ILE H 176 5.20 -3.98 41.76
CA ILE H 176 6.07 -3.46 40.71
C ILE H 176 7.48 -4.00 40.92
N LEU H 177 8.06 -4.49 39.84
CA LEU H 177 9.44 -4.97 39.81
C LEU H 177 10.19 -4.14 38.80
N THR H 178 11.16 -3.36 39.28
CA THR H 178 11.95 -2.48 38.42
C THR H 178 13.29 -3.10 38.13
N VAL H 179 13.64 -3.20 36.85
CA VAL H 179 14.86 -3.83 36.38
C VAL H 179 15.51 -2.91 35.35
N SER H 180 16.74 -3.24 34.98
CA SER H 180 17.40 -2.48 33.93
C SER H 180 16.79 -2.81 32.57
N GLU H 181 16.87 -1.85 31.65
CA GLU H 181 16.24 -2.01 30.34
C GLU H 181 16.90 -3.14 29.54
N GLU H 182 18.20 -3.38 29.75
CA GLU H 182 18.91 -4.37 28.97
C GLU H 182 18.47 -5.79 29.29
N GLU H 183 18.11 -6.07 30.55
CA GLU H 183 17.74 -7.43 30.93
C GLU H 183 16.43 -7.87 30.29
N TRP H 184 15.49 -6.94 30.09
CA TRP H 184 14.18 -7.29 29.56
C TRP H 184 14.18 -7.56 28.06
N ASN H 185 15.28 -7.26 27.36
CA ASN H 185 15.36 -7.46 25.92
C ASN H 185 16.15 -8.72 25.54
N THR H 186 16.51 -9.57 26.49
CA THR H 186 17.31 -10.75 26.22
C THR H 186 16.68 -12.05 26.70
N GLY H 187 15.54 -11.99 27.38
CA GLY H 187 14.97 -13.18 27.98
C GLY H 187 14.27 -12.85 29.28
N GLU H 188 14.72 -13.48 30.38
CA GLU H 188 14.29 -13.09 31.72
C GLU H 188 12.79 -13.22 31.91
N THR H 189 12.30 -14.46 31.89
CA THR H 189 10.87 -14.75 32.05
C THR H 189 10.18 -13.90 33.11
N TYR H 190 10.84 -13.68 34.25
CA TYR H 190 10.36 -12.80 35.32
C TYR H 190 8.95 -13.18 35.76
N THR H 191 8.86 -14.39 36.33
CA THR H 191 7.59 -14.94 36.78
C THR H 191 7.10 -14.21 38.04
N CYS H 192 5.81 -13.87 38.06
CA CYS H 192 5.16 -13.34 39.25
C CYS H 192 4.31 -14.45 39.85
N VAL H 193 4.56 -14.78 41.12
CA VAL H 193 3.87 -15.86 41.80
C VAL H 193 3.17 -15.29 43.04
N VAL H 194 1.89 -15.60 43.18
CA VAL H 194 1.10 -15.14 44.32
C VAL H 194 0.58 -16.35 45.07
N ALA H 195 0.31 -16.14 46.36
CA ALA H 195 -0.12 -17.18 47.29
C ALA H 195 -1.28 -16.65 48.12
N HIS H 196 -2.51 -16.98 47.70
CA HIS H 196 -3.72 -16.62 48.42
C HIS H 196 -4.44 -17.89 48.86
N GLU H 197 -5.20 -17.77 49.96
CA GLU H 197 -5.86 -18.92 50.57
C GLU H 197 -7.14 -19.32 49.85
N ALA H 198 -7.37 -18.82 48.65
CA ALA H 198 -8.51 -19.22 47.84
C ALA H 198 -8.10 -19.95 46.58
N LEU H 199 -6.80 -20.06 46.31
CA LEU H 199 -6.31 -20.78 45.15
C LEU H 199 -6.52 -22.28 45.33
N PRO H 200 -6.60 -23.03 44.22
CA PRO H 200 -6.74 -24.49 44.34
C PRO H 200 -5.65 -25.15 45.15
N ASN H 201 -4.40 -24.67 45.03
CA ASN H 201 -3.32 -25.18 45.86
C ASN H 201 -2.51 -24.05 46.50
N ARG H 202 -3.13 -22.91 46.75
CA ARG H 202 -2.57 -21.76 47.47
C ARG H 202 -1.40 -21.10 46.76
N VAL H 203 -1.02 -21.44 45.52
CA VAL H 203 0.06 -20.70 44.88
C VAL H 203 -0.08 -20.55 43.38
N THR H 204 -0.66 -19.50 42.85
CA THR H 204 -0.76 -19.36 41.38
C THR H 204 0.44 -18.70 40.77
N GLU H 205 0.50 -18.51 39.49
CA GLU H 205 1.65 -17.84 38.84
C GLU H 205 1.23 -17.23 37.55
N ARG H 206 2.05 -16.41 36.95
CA ARG H 206 1.84 -15.89 35.62
C ARG H 206 3.20 -15.48 35.09
N THR H 207 3.49 -15.41 33.79
CA THR H 207 4.85 -15.06 33.37
C THR H 207 4.93 -14.28 32.09
N VAL H 208 5.84 -13.32 31.93
CA VAL H 208 5.86 -12.38 30.82
C VAL H 208 7.30 -11.98 30.53
N ASP H 209 7.75 -12.21 29.29
CA ASP H 209 9.04 -11.76 28.81
C ASP H 209 8.85 -10.89 27.57
N LYS H 210 9.96 -10.58 26.91
CA LYS H 210 9.92 -9.69 25.75
C LYS H 210 9.06 -10.26 24.62
N SER H 211 9.15 -11.57 24.37
CA SER H 211 8.42 -12.18 23.25
C SER H 211 7.11 -12.79 23.75
N THR H 212 6.25 -11.92 24.28
CA THR H 212 4.89 -12.28 24.61
C THR H 212 3.88 -11.67 23.65
N GLY H 213 4.34 -10.82 22.73
CA GLY H 213 3.49 -10.24 21.71
C GLY H 213 4.02 -10.56 20.33
N LYS H 214 4.26 -9.52 19.53
CA LYS H 214 4.78 -9.65 18.17
C LYS H 214 3.90 -10.62 17.39
N PRO H 215 2.64 -10.28 17.14
CA PRO H 215 1.67 -11.26 16.63
C PRO H 215 1.74 -11.47 15.12
N THR H 216 2.78 -12.20 14.69
CA THR H 216 2.96 -12.66 13.32
C THR H 216 2.92 -11.49 12.33
N LEU H 217 3.93 -10.61 12.48
CA LEU H 217 4.14 -9.55 11.51
C LEU H 217 4.76 -10.13 10.25
N TYR H 218 4.12 -9.76 9.12
CA TYR H 218 4.48 -10.22 7.77
C TYR H 218 4.48 -9.37 6.55
N ASN H 219 5.67 -9.10 6.06
CA ASN H 219 5.97 -8.29 4.91
C ASN H 219 5.60 -8.91 3.72
N VAL H 220 5.00 -8.21 2.81
CA VAL H 220 4.63 -8.66 1.51
C VAL H 220 5.70 -8.06 0.60
N SER H 221 5.44 -8.10 -0.68
CA SER H 221 6.18 -7.49 -1.79
C SER H 221 5.28 -7.56 -2.99
N LEU H 222 5.57 -6.84 -4.05
CA LEU H 222 4.74 -6.97 -5.21
C LEU H 222 5.60 -6.67 -6.39
N VAL H 223 6.57 -7.47 -6.72
CA VAL H 223 7.45 -7.06 -7.78
C VAL H 223 6.91 -6.87 -9.16
N MET H 224 7.52 -5.98 -9.89
CA MET H 224 7.18 -5.65 -11.26
C MET H 224 8.34 -5.89 -12.23
N GLU I 3 23.04 -26.31 -0.14
CA GLU I 3 22.86 -26.16 1.30
C GLU I 3 21.40 -26.40 1.69
N ARG I 4 20.50 -26.25 0.71
CA ARG I 4 19.08 -26.45 0.93
C ARG I 4 18.69 -27.87 0.53
N ILE I 5 18.00 -28.54 1.42
CA ILE I 5 17.45 -29.87 1.13
C ILE I 5 16.21 -29.68 0.27
N VAL I 6 16.11 -30.46 -0.80
CA VAL I 6 14.96 -30.35 -1.70
C VAL I 6 13.81 -31.11 -1.05
N LEU I 7 13.00 -30.39 -0.27
CA LEU I 7 11.93 -31.05 0.47
C LEU I 7 10.80 -31.49 -0.44
N VAL I 8 10.40 -30.64 -1.39
CA VAL I 8 9.42 -30.98 -2.41
C VAL I 8 9.91 -30.44 -3.74
N ASP I 9 9.77 -31.24 -4.79
CA ASP I 9 10.04 -30.82 -6.17
C ASP I 9 8.89 -31.24 -7.06
N ASN I 10 7.66 -30.93 -6.62
CA ASN I 10 6.48 -31.25 -7.39
C ASN I 10 6.54 -30.61 -8.77
N LYS I 11 6.20 -31.39 -9.80
CA LYS I 11 6.35 -30.95 -11.17
C LYS I 11 5.02 -30.90 -11.92
N CYS I 12 3.92 -31.33 -11.31
CA CYS I 12 2.62 -31.28 -11.96
C CYS I 12 1.80 -30.09 -11.50
N LYS I 13 1.97 -29.64 -10.25
CA LYS I 13 1.48 -28.35 -9.79
C LYS I 13 2.59 -27.32 -9.66
N CYS I 14 3.84 -27.72 -9.81
CA CYS I 14 5.04 -26.90 -9.96
C CYS I 14 5.52 -26.32 -8.64
N ALA I 15 4.92 -26.68 -7.51
CA ALA I 15 5.42 -26.22 -6.23
C ALA I 15 6.80 -26.79 -5.96
N ARG I 16 7.66 -25.98 -5.33
CA ARG I 16 9.06 -26.33 -5.14
C ARG I 16 9.43 -26.00 -3.69
N ILE I 17 8.63 -26.52 -2.76
CA ILE I 17 8.88 -26.29 -1.34
C ILE I 17 10.23 -26.87 -0.94
N THR I 18 10.93 -26.16 -0.05
CA THR I 18 12.21 -26.64 0.48
C THR I 18 12.43 -26.02 1.85
N SER I 19 13.60 -26.28 2.42
CA SER I 19 13.91 -25.80 3.76
C SER I 19 15.42 -25.79 3.95
N ARG I 20 15.87 -25.01 4.93
CA ARG I 20 17.26 -25.04 5.35
C ARG I 20 17.35 -24.43 6.74
N ILE I 21 18.51 -24.58 7.37
CA ILE I 21 18.77 -23.95 8.66
C ILE I 21 19.78 -22.83 8.43
N ILE I 22 19.41 -21.60 8.80
CA ILE I 22 20.28 -20.46 8.60
C ILE I 22 21.28 -20.40 9.75
N ARG I 23 22.57 -20.48 9.40
CA ARG I 23 23.64 -20.43 10.39
C ARG I 23 23.80 -19.00 10.89
N SER I 24 23.24 -18.70 12.05
CA SER I 24 23.34 -17.37 12.64
C SER I 24 24.69 -17.23 13.34
N SER I 25 24.85 -16.17 14.13
CA SER I 25 26.08 -15.95 14.87
C SER I 25 26.28 -17.03 15.92
N GLU I 26 27.45 -16.98 16.57
CA GLU I 26 27.78 -17.96 17.61
C GLU I 26 27.08 -17.60 18.92
N ASP I 27 25.76 -17.50 18.87
CA ASP I 27 24.91 -17.15 20.00
C ASP I 27 24.14 -18.37 20.46
N PRO I 28 23.35 -18.25 21.54
CA PRO I 28 22.38 -19.30 21.86
C PRO I 28 21.51 -19.62 20.66
N ASN I 29 21.06 -20.87 20.57
CA ASN I 29 20.49 -21.41 19.34
C ASN I 29 19.09 -20.83 19.10
N GLU I 30 19.06 -19.55 18.74
CA GLU I 30 17.84 -18.92 18.23
C GLU I 30 17.84 -18.94 16.70
N ASP I 31 18.01 -20.13 16.15
CA ASP I 31 18.16 -20.30 14.72
C ASP I 31 16.81 -20.12 14.01
N ILE I 32 16.87 -20.07 12.69
CA ILE I 32 15.69 -19.85 11.86
C ILE I 32 15.61 -20.96 10.82
N VAL I 33 14.42 -21.54 10.66
CA VAL I 33 14.17 -22.61 9.71
C VAL I 33 13.42 -22.03 8.52
N GLU I 34 13.87 -22.35 7.32
CA GLU I 34 13.41 -21.71 6.10
C GLU I 34 12.33 -22.53 5.40
N ARG I 35 11.46 -21.84 4.66
CA ARG I 35 10.31 -22.43 3.99
C ARG I 35 10.16 -21.90 2.56
N ASN I 36 11.19 -21.98 1.76
CA ASN I 36 11.12 -21.37 0.47
C ASN I 36 10.17 -21.83 -0.59
N ILE I 37 8.88 -21.92 -0.29
CA ILE I 37 7.87 -22.39 -1.20
C ILE I 37 7.86 -21.59 -2.45
N ARG I 38 7.82 -22.15 -3.65
CA ARG I 38 7.88 -21.32 -4.83
C ARG I 38 6.90 -21.61 -5.93
N ILE I 39 5.62 -21.54 -5.69
CA ILE I 39 4.62 -21.88 -6.68
C ILE I 39 4.72 -21.06 -7.91
N ILE I 40 4.67 -21.58 -9.15
CA ILE I 40 4.68 -20.78 -10.39
C ILE I 40 3.32 -20.88 -11.02
N VAL I 41 2.69 -19.81 -11.37
CA VAL I 41 1.33 -19.79 -11.91
C VAL I 41 1.39 -19.84 -13.43
N PRO I 42 0.68 -20.78 -14.08
CA PRO I 42 0.71 -20.86 -15.54
C PRO I 42 -0.03 -19.72 -16.22
N LEU I 43 -1.21 -19.38 -15.69
CA LEU I 43 -1.97 -18.20 -16.09
C LEU I 43 -2.58 -18.31 -17.49
N ASN I 44 -2.23 -19.34 -18.24
CA ASN I 44 -2.75 -19.50 -19.60
C ASN I 44 -3.12 -20.94 -19.94
N ASN I 45 -3.23 -21.83 -18.96
CA ASN I 45 -3.59 -23.22 -19.23
C ASN I 45 -5.09 -23.42 -19.08
N ARG I 46 -5.54 -24.65 -19.34
CA ARG I 46 -6.96 -24.96 -19.38
C ARG I 46 -7.39 -25.76 -18.15
N GLU I 47 -8.68 -26.14 -18.13
CA GLU I 47 -9.25 -26.82 -16.98
C GLU I 47 -8.70 -28.23 -16.85
N ASN I 48 -9.02 -29.11 -17.81
CA ASN I 48 -8.15 -30.25 -18.07
C ASN I 48 -6.89 -29.75 -18.78
N ILE I 49 -5.74 -30.28 -18.35
CA ILE I 49 -4.48 -29.92 -18.98
C ILE I 49 -4.33 -30.50 -20.37
N SER I 50 -5.17 -31.47 -20.75
CA SER I 50 -4.98 -32.24 -21.97
C SER I 50 -6.12 -32.10 -22.97
N ASP I 51 -6.93 -31.04 -22.90
CA ASP I 51 -8.01 -30.84 -23.86
C ASP I 51 -8.26 -29.35 -23.95
N PRO I 52 -7.79 -28.71 -25.02
CA PRO I 52 -7.98 -27.24 -25.19
C PRO I 52 -9.37 -26.87 -25.70
N THR I 53 -10.40 -27.15 -24.90
CA THR I 53 -11.76 -26.74 -25.23
C THR I 53 -12.52 -26.16 -24.04
N SER I 54 -11.99 -26.28 -22.83
CA SER I 54 -12.64 -25.84 -21.61
C SER I 54 -12.31 -24.39 -21.30
N PRO I 55 -13.06 -23.74 -20.39
CA PRO I 55 -12.64 -22.40 -19.93
C PRO I 55 -11.21 -22.40 -19.41
N LEU I 56 -10.57 -21.23 -19.35
CA LEU I 56 -9.12 -21.26 -19.24
C LEU I 56 -8.65 -21.64 -17.85
N ARG I 57 -8.70 -20.77 -16.83
CA ARG I 57 -8.23 -21.07 -15.42
C ARG I 57 -8.50 -19.93 -14.41
N THR I 58 -9.39 -20.10 -13.47
CA THR I 58 -9.58 -19.06 -12.47
C THR I 58 -8.93 -19.42 -11.14
N ARG I 59 -9.19 -20.62 -10.62
CA ARG I 59 -8.70 -21.01 -9.31
C ARG I 59 -7.32 -21.64 -9.40
N PHE I 60 -6.53 -21.45 -8.35
CA PHE I 60 -5.23 -22.09 -8.20
C PHE I 60 -5.11 -22.54 -6.75
N VAL I 61 -5.47 -23.79 -6.47
CA VAL I 61 -5.51 -24.32 -5.12
C VAL I 61 -4.21 -25.07 -4.86
N TYR I 62 -3.54 -24.74 -3.74
CA TYR I 62 -2.28 -25.38 -3.35
C TYR I 62 -2.35 -25.79 -1.89
N HIS I 63 -2.82 -27.00 -1.63
CA HIS I 63 -2.62 -27.63 -0.33
C HIS I 63 -1.27 -28.32 -0.31
N LEU I 64 -0.37 -27.86 0.56
CA LEU I 64 0.99 -28.39 0.62
C LEU I 64 1.05 -29.74 1.32
N SER I 65 -0.09 -30.31 1.69
CA SER I 65 -0.15 -31.66 2.23
C SER I 65 -0.52 -32.70 1.19
N ASP I 66 -1.08 -32.27 0.09
CA ASP I 66 -1.30 -33.14 -1.03
C ASP I 66 -0.28 -32.66 -2.06
N LEU I 67 0.88 -32.17 -1.63
CA LEU I 67 1.88 -31.60 -2.53
C LEU I 67 3.25 -32.23 -2.55
N CYS I 68 3.30 -33.49 -2.17
CA CYS I 68 4.53 -34.22 -2.13
C CYS I 68 4.56 -35.26 -3.23
N THR I 99 -5.97 -33.47 -10.92
CA THR I 99 -5.94 -32.44 -11.95
C THR I 99 -4.76 -31.50 -11.71
N CYS I 100 -4.14 -31.05 -12.80
CA CYS I 100 -2.93 -30.26 -12.72
C CYS I 100 -3.09 -28.96 -13.49
N TYR I 101 -2.11 -28.12 -13.29
CA TYR I 101 -2.07 -26.81 -13.80
C TYR I 101 -1.13 -26.82 -14.97
N THR I 102 0.10 -27.24 -14.76
CA THR I 102 1.13 -27.27 -15.77
C THR I 102 1.46 -28.56 -16.54
N TYR I 103 2.41 -28.49 -17.44
CA TYR I 103 2.75 -29.65 -18.23
C TYR I 103 4.14 -30.18 -17.94
N ASP I 104 4.23 -31.46 -17.68
CA ASP I 104 5.51 -32.07 -17.37
C ASP I 104 6.37 -32.09 -18.63
N ARG I 105 7.59 -31.56 -18.51
CA ARG I 105 8.45 -31.41 -19.68
C ARG I 105 8.87 -32.76 -20.27
N ASN I 106 9.01 -33.79 -19.44
CA ASN I 106 9.38 -35.11 -19.92
C ASN I 106 8.18 -35.99 -20.26
N LYS I 107 6.96 -35.49 -20.05
CA LYS I 107 5.75 -36.24 -20.36
C LYS I 107 5.16 -35.77 -21.68
N CYS I 108 4.31 -36.61 -22.27
CA CYS I 108 3.66 -36.32 -23.53
C CYS I 108 2.15 -36.29 -23.34
N TYR I 109 1.52 -35.24 -23.87
CA TYR I 109 0.08 -35.08 -23.83
C TYR I 109 -0.44 -34.99 -25.26
N THR I 110 -1.41 -35.80 -25.61
CA THR I 110 -1.88 -35.73 -26.96
C THR I 110 -3.36 -35.78 -27.01
N ALA I 111 -3.91 -35.79 -28.21
CA ALA I 111 -5.33 -35.85 -28.37
C ALA I 111 -5.72 -36.38 -29.72
N VAL I 112 -7.02 -36.61 -29.87
CA VAL I 112 -7.57 -37.06 -31.13
C VAL I 112 -8.17 -35.79 -31.70
N VAL I 113 -7.84 -35.52 -32.96
CA VAL I 113 -8.28 -34.35 -33.68
C VAL I 113 -9.11 -34.90 -34.79
N PRO I 114 -10.32 -34.42 -34.95
CA PRO I 114 -11.16 -35.01 -35.98
C PRO I 114 -11.07 -34.42 -37.38
N LEU I 115 -9.99 -34.64 -38.13
CA LEU I 115 -9.89 -34.06 -39.49
C LEU I 115 -10.71 -34.78 -40.54
N VAL I 116 -10.96 -34.23 -41.75
CA VAL I 116 -11.74 -35.06 -42.66
C VAL I 116 -11.10 -35.19 -44.04
N TYR I 117 -10.88 -34.08 -44.73
CA TYR I 117 -10.47 -34.07 -46.14
C TYR I 117 -11.50 -34.81 -47.00
N GLY I 118 -12.69 -34.20 -47.08
CA GLY I 118 -13.74 -34.73 -47.93
C GLY I 118 -14.84 -35.46 -47.18
N GLY I 119 -14.97 -36.75 -47.44
CA GLY I 119 -16.02 -37.54 -46.83
C GLY I 119 -15.55 -38.39 -45.68
N GLU I 120 -14.39 -39.02 -45.83
CA GLU I 120 -13.85 -39.85 -44.75
C GLU I 120 -13.36 -38.98 -43.61
N THR I 121 -13.31 -39.58 -42.41
CA THR I 121 -12.88 -38.88 -41.20
C THR I 121 -11.89 -39.77 -40.42
N LYS I 122 -10.62 -39.59 -40.72
CA LYS I 122 -9.54 -40.27 -40.00
C LYS I 122 -9.24 -39.46 -38.75
N MET I 123 -9.87 -39.85 -37.64
CA MET I 123 -9.56 -39.22 -36.35
C MET I 123 -8.14 -39.60 -35.95
N VAL I 124 -7.23 -38.63 -36.02
CA VAL I 124 -5.80 -38.90 -35.88
C VAL I 124 -5.29 -38.25 -34.60
N GLU I 125 -4.31 -38.89 -33.96
CA GLU I 125 -3.74 -38.39 -32.72
C GLU I 125 -2.88 -37.17 -33.00
N THR I 126 -3.21 -36.04 -32.39
CA THR I 126 -2.46 -34.81 -32.55
C THR I 126 -1.42 -34.71 -31.43
N ALA I 127 -0.78 -33.55 -31.30
CA ALA I 127 0.18 -33.30 -30.23
C ALA I 127 -0.13 -31.96 -29.60
N LEU I 128 -0.42 -31.95 -28.30
CA LEU I 128 -0.65 -30.73 -27.54
C LEU I 128 0.67 -30.26 -26.96
N THR I 129 1.72 -30.99 -27.16
CA THR I 129 2.95 -30.57 -26.58
C THR I 129 4.02 -31.02 -27.49
N PRO I 130 4.15 -30.33 -28.62
CA PRO I 130 5.21 -30.69 -29.54
C PRO I 130 6.48 -30.36 -28.83
N ASP I 131 7.42 -31.31 -28.90
CA ASP I 131 8.79 -31.40 -28.35
C ASP I 131 9.04 -32.11 -27.01
N ALA I 132 8.02 -32.45 -26.26
CA ALA I 132 8.24 -33.21 -25.04
C ALA I 132 8.21 -34.70 -25.33
N CYS I 133 7.68 -35.04 -26.50
CA CYS I 133 7.61 -36.41 -26.93
C CYS I 133 7.56 -36.45 -28.44
N TYR I 134 8.12 -37.52 -28.98
CA TYR I 134 8.19 -37.74 -30.41
C TYR I 134 7.56 -39.10 -30.68
N PRO I 135 6.95 -39.27 -31.86
CA PRO I 135 6.29 -40.53 -32.25
C PRO I 135 7.14 -41.77 -31.97
N ILE J 1 2.46 -63.23 60.02
CA ILE J 1 2.24 -62.43 61.22
C ILE J 1 2.66 -60.99 60.98
N ARG J 2 3.39 -60.76 59.90
CA ARG J 2 3.96 -59.45 59.61
C ARG J 2 2.87 -58.43 59.31
N VAL J 3 2.94 -57.28 59.99
CA VAL J 3 1.97 -56.20 59.81
C VAL J 3 2.59 -55.09 58.98
N PHE J 4 1.84 -54.57 58.01
CA PHE J 4 2.34 -53.52 57.15
C PHE J 4 2.06 -52.15 57.78
N ALA J 5 2.97 -51.21 57.54
CA ALA J 5 2.83 -49.84 58.03
C ALA J 5 3.12 -48.89 56.87
N ILE J 6 2.08 -48.21 56.39
CA ILE J 6 2.16 -47.33 55.23
C ILE J 6 2.23 -45.88 55.72
N PRO J 7 3.36 -45.21 55.54
CA PRO J 7 3.41 -43.76 55.75
C PRO J 7 2.61 -43.04 54.68
N PRO J 8 2.06 -41.87 54.98
CA PRO J 8 1.47 -41.05 53.92
C PRO J 8 2.55 -40.53 52.97
N SER J 9 2.16 -40.38 51.71
CA SER J 9 3.07 -39.96 50.66
C SER J 9 2.88 -38.47 50.37
N PHE J 10 3.93 -37.85 49.83
CA PHE J 10 3.86 -36.42 49.53
C PHE J 10 2.77 -36.12 48.50
N ALA J 11 2.60 -37.00 47.52
CA ALA J 11 1.58 -36.77 46.49
C ALA J 11 0.18 -36.92 47.06
N SER J 12 0.04 -37.53 48.23
CA SER J 12 -1.26 -37.71 48.85
C SER J 12 -1.57 -36.63 49.89
N ILE J 13 -0.54 -36.06 50.52
CA ILE J 13 -0.73 -35.10 51.59
C ILE J 13 -0.76 -33.69 51.01
N PHE J 14 -0.72 -33.57 49.69
CA PHE J 14 -0.70 -32.26 49.04
C PHE J 14 -2.10 -31.81 48.64
N LEU J 15 -2.80 -32.64 47.87
CA LEU J 15 -4.12 -32.26 47.38
C LEU J 15 -5.16 -32.18 48.51
N THR J 16 -4.87 -32.77 49.67
CA THR J 16 -5.84 -32.82 50.75
C THR J 16 -5.34 -32.15 52.03
N LYS J 17 -4.03 -32.02 52.21
CA LYS J 17 -3.44 -31.55 53.47
C LYS J 17 -3.91 -32.43 54.63
N SER J 18 -3.71 -33.75 54.46
CA SER J 18 -4.23 -34.77 55.36
C SER J 18 -3.13 -35.77 55.71
N THR J 19 -1.99 -35.25 56.17
CA THR J 19 -0.89 -36.11 56.59
C THR J 19 -1.36 -37.09 57.65
N LYS J 20 -1.42 -38.38 57.28
CA LYS J 20 -2.03 -39.39 58.15
C LYS J 20 -1.29 -40.70 57.97
N LEU J 21 -0.72 -41.20 59.06
CA LEU J 21 -0.07 -42.50 59.04
C LEU J 21 -1.14 -43.59 58.98
N THR J 22 -0.78 -44.75 58.42
CA THR J 22 -1.72 -45.87 58.47
C THR J 22 -0.95 -47.16 58.64
N CYS J 23 -1.66 -48.17 59.16
CA CYS J 23 -1.11 -49.51 59.27
C CYS J 23 -2.21 -50.50 58.97
N LEU J 24 -1.81 -51.69 58.50
CA LEU J 24 -2.78 -52.71 58.11
C LEU J 24 -2.23 -54.07 58.54
N VAL J 25 -3.03 -54.82 59.29
CA VAL J 25 -2.60 -56.13 59.80
C VAL J 25 -2.65 -57.13 58.66
N THR J 26 -1.55 -57.85 58.46
CA THR J 26 -1.45 -58.85 57.41
C THR J 26 -0.95 -60.19 57.98
N ASP J 27 -1.28 -61.26 57.25
CA ASP J 27 -0.71 -62.59 57.45
C ASP J 27 -1.11 -63.22 58.77
N LEU J 28 -1.97 -62.55 59.54
CA LEU J 28 -2.45 -63.13 60.79
C LEU J 28 -3.82 -63.79 60.57
N THR J 29 -4.16 -64.69 61.49
CA THR J 29 -5.42 -65.42 61.40
C THR J 29 -6.60 -64.47 61.64
N THR J 30 -7.69 -64.74 60.93
CA THR J 30 -8.87 -63.87 60.97
C THR J 30 -9.73 -64.23 62.16
N TYR J 31 -9.59 -63.48 63.25
CA TYR J 31 -10.41 -63.67 64.45
C TYR J 31 -10.60 -62.33 65.12
N ASP J 32 -11.40 -62.32 66.19
CA ASP J 32 -11.66 -61.13 66.96
C ASP J 32 -10.68 -61.07 68.14
N SER J 33 -10.89 -60.11 69.05
CA SER J 33 -10.07 -59.95 70.25
C SER J 33 -8.60 -59.70 69.88
N VAL J 34 -8.38 -58.61 69.15
CA VAL J 34 -7.04 -58.15 68.78
C VAL J 34 -6.85 -56.75 69.35
N THR J 35 -5.61 -56.39 69.64
CA THR J 35 -5.28 -55.09 70.22
C THR J 35 -4.44 -54.29 69.24
N ILE J 36 -4.92 -53.10 68.89
CA ILE J 36 -4.21 -52.18 68.01
C ILE J 36 -4.18 -50.82 68.68
N SER J 37 -3.00 -50.19 68.71
CA SER J 37 -2.86 -48.90 69.35
C SER J 37 -1.67 -48.17 68.75
N TRP J 38 -1.90 -46.94 68.28
CA TRP J 38 -0.82 -46.10 67.81
C TRP J 38 0.02 -45.60 68.98
N THR J 39 1.31 -45.38 68.72
CA THR J 39 2.24 -44.88 69.72
C THR J 39 3.26 -43.97 69.05
N ARG J 40 3.88 -43.12 69.87
CA ARG J 40 4.98 -42.27 69.44
C ARG J 40 6.28 -42.80 70.05
N GLN J 41 7.38 -42.57 69.33
CA GLN J 41 8.68 -43.02 69.83
C GLN J 41 9.04 -42.32 71.14
N ASN J 42 8.77 -41.01 71.24
CA ASN J 42 9.04 -40.29 72.46
C ASN J 42 7.94 -40.46 73.51
N GLY J 43 6.77 -40.94 73.13
CA GLY J 43 5.80 -41.43 74.11
C GLY J 43 4.76 -40.46 74.63
N GLU J 44 3.99 -39.84 73.75
CA GLU J 44 2.86 -39.01 74.16
C GLU J 44 1.58 -39.47 73.46
N ALA J 45 0.51 -38.70 73.65
CA ALA J 45 -0.81 -39.05 73.15
C ALA J 45 -0.85 -39.01 71.63
N VAL J 46 -1.61 -39.93 71.04
CA VAL J 46 -1.80 -40.01 69.60
C VAL J 46 -3.23 -40.46 69.31
N LYS J 47 -3.81 -39.91 68.25
CA LYS J 47 -5.20 -40.20 67.90
C LYS J 47 -5.35 -41.67 67.49
N THR J 48 -6.43 -42.30 67.94
CA THR J 48 -6.72 -43.69 67.62
C THR J 48 -7.33 -43.73 66.21
N HIS J 49 -7.88 -44.86 65.80
CA HIS J 49 -8.30 -45.07 64.42
C HIS J 49 -9.80 -45.39 64.35
N THR J 50 -10.37 -45.16 63.17
CA THR J 50 -11.74 -45.50 62.86
C THR J 50 -11.80 -46.34 61.59
N ASN J 51 -13.01 -46.56 61.05
CA ASN J 51 -13.21 -47.26 59.78
C ASN J 51 -12.64 -48.68 59.84
N ILE J 52 -13.28 -49.49 60.69
CA ILE J 52 -12.87 -50.89 60.87
C ILE J 52 -12.91 -51.62 59.52
N SER J 53 -11.91 -52.47 59.30
CA SER J 53 -11.76 -53.18 58.03
C SER J 53 -12.70 -54.38 57.99
N GLU J 54 -12.49 -55.26 57.00
CA GLU J 54 -13.37 -56.41 56.80
C GLU J 54 -12.58 -57.72 56.80
N SER J 55 -13.25 -58.81 56.45
CA SER J 55 -12.66 -60.15 56.46
C SER J 55 -12.20 -60.55 55.07
N HIS J 56 -11.45 -61.64 55.01
CA HIS J 56 -10.93 -62.19 53.76
C HIS J 56 -11.18 -63.69 53.72
N PRO J 57 -11.69 -64.20 52.62
CA PRO J 57 -11.95 -65.65 52.49
C PRO J 57 -10.70 -66.51 52.30
N ASN J 58 -9.50 -65.95 52.43
CA ASN J 58 -8.27 -66.71 52.27
C ASN J 58 -7.47 -66.78 53.57
N ALA J 59 -8.14 -66.68 54.72
CA ALA J 59 -7.52 -66.78 56.04
C ALA J 59 -6.42 -65.74 56.22
N THR J 60 -6.78 -64.49 55.94
CA THR J 60 -5.87 -63.35 56.09
C THR J 60 -6.62 -62.23 56.79
N PHE J 61 -6.33 -62.04 58.08
CA PHE J 61 -6.99 -60.99 58.84
C PHE J 61 -6.57 -59.61 58.34
N SER J 62 -7.53 -58.70 58.28
CA SER J 62 -7.29 -57.34 57.81
C SER J 62 -7.87 -56.36 58.80
N ALA J 63 -7.04 -55.41 59.25
CA ALA J 63 -7.47 -54.36 60.15
C ALA J 63 -6.63 -53.13 59.85
N VAL J 64 -7.29 -52.01 59.58
CA VAL J 64 -6.61 -50.78 59.21
C VAL J 64 -6.62 -49.83 60.41
N GLY J 65 -5.61 -48.96 60.45
CA GLY J 65 -5.48 -47.97 61.51
C GLY J 65 -4.91 -46.67 60.99
N GLU J 66 -5.57 -45.56 61.30
CA GLU J 66 -5.22 -44.24 60.79
C GLU J 66 -4.85 -43.32 61.94
N ALA J 67 -3.88 -42.44 61.68
CA ALA J 67 -3.41 -41.50 62.72
C ALA J 67 -3.15 -40.14 62.08
N SER J 68 -3.82 -39.11 62.60
CA SER J 68 -3.74 -37.78 62.02
C SER J 68 -2.56 -36.99 62.58
N ILE J 69 -1.72 -36.49 61.68
CA ILE J 69 -0.51 -35.74 62.00
C ILE J 69 -0.47 -34.49 61.12
N CYS J 70 0.37 -33.53 61.48
CA CYS J 70 0.65 -32.35 60.66
C CYS J 70 1.98 -32.51 59.94
N GLU J 71 2.29 -31.49 59.12
CA GLU J 71 3.51 -31.48 58.32
C GLU J 71 4.78 -31.28 59.15
N ASP J 72 4.67 -30.67 60.33
CA ASP J 72 5.84 -30.29 61.12
C ASP J 72 6.43 -31.46 61.90
N ASP J 73 5.79 -32.62 61.87
CA ASP J 73 6.32 -33.80 62.53
C ASP J 73 7.01 -34.76 61.56
N TRP J 74 6.66 -34.72 60.28
CA TRP J 74 7.35 -35.55 59.30
C TRP J 74 8.80 -35.12 59.12
N ASN J 75 9.05 -33.82 59.00
CA ASN J 75 10.43 -33.34 58.90
C ASN J 75 11.15 -33.41 60.23
N SER J 76 10.44 -33.67 61.34
CA SER J 76 11.09 -33.79 62.63
C SER J 76 11.86 -35.11 62.75
N GLY J 77 11.39 -36.17 62.09
CA GLY J 77 12.03 -37.46 62.15
C GLY J 77 11.63 -38.32 63.33
N GLU J 78 10.72 -37.85 64.19
CA GLU J 78 10.33 -38.61 65.36
C GLU J 78 9.41 -39.76 64.94
N ARG J 79 9.75 -40.97 65.37
CA ARG J 79 9.12 -42.18 64.84
C ARG J 79 7.68 -42.34 65.33
N PHE J 80 6.84 -42.89 64.46
CA PHE J 80 5.46 -43.22 64.75
C PHE J 80 5.29 -44.72 64.57
N THR J 81 4.79 -45.41 65.60
CA THR J 81 4.75 -46.87 65.61
C THR J 81 3.31 -47.35 65.75
N CYS J 82 2.88 -48.23 64.85
CA CYS J 82 1.59 -48.90 64.98
C CYS J 82 1.82 -50.21 65.72
N THR J 83 1.33 -50.29 66.95
CA THR J 83 1.54 -51.44 67.81
C THR J 83 0.34 -52.37 67.74
N VAL J 84 0.57 -53.61 67.34
CA VAL J 84 -0.48 -54.61 67.22
C VAL J 84 -0.07 -55.87 67.98
N THR J 85 -1.00 -56.39 68.78
CA THR J 85 -0.81 -57.64 69.51
C THR J 85 -2.04 -58.51 69.30
N HIS J 86 -1.82 -59.77 68.92
CA HIS J 86 -2.88 -60.71 68.63
C HIS J 86 -2.85 -61.85 69.65
N THR J 87 -3.95 -62.60 69.71
CA THR J 87 -4.16 -63.60 70.75
C THR J 87 -3.14 -64.73 70.72
N ASP J 88 -3.03 -65.47 69.61
CA ASP J 88 -2.17 -66.65 69.59
C ASP J 88 -0.70 -66.27 69.74
N LEU J 89 -0.27 -65.22 69.07
CA LEU J 89 1.13 -64.77 69.13
C LEU J 89 1.18 -63.44 69.88
N PRO J 90 1.63 -63.42 71.14
CA PRO J 90 1.45 -62.23 71.97
C PRO J 90 2.55 -61.20 71.87
N SER J 91 3.45 -61.34 70.89
CA SER J 91 4.55 -60.38 70.75
C SER J 91 4.02 -59.08 70.17
N PRO J 92 4.21 -57.95 70.84
CA PRO J 92 3.76 -56.67 70.27
C PRO J 92 4.64 -56.24 69.11
N LEU J 93 4.11 -56.32 67.89
CA LEU J 93 4.88 -56.07 66.68
C LEU J 93 4.96 -54.56 66.44
N LYS J 94 6.02 -53.95 66.96
CA LYS J 94 6.26 -52.54 66.70
C LYS J 94 6.74 -52.34 65.27
N GLN J 95 6.26 -51.27 64.63
CA GLN J 95 6.61 -50.94 63.25
C GLN J 95 7.36 -49.62 63.25
N THR J 96 8.57 -49.62 62.70
CA THR J 96 9.37 -48.41 62.62
C THR J 96 8.98 -47.60 61.38
N ILE J 97 8.63 -46.33 61.58
CA ILE J 97 8.24 -45.44 60.50
C ILE J 97 8.93 -44.10 60.74
N SER J 98 9.93 -43.80 59.91
CA SER J 98 10.63 -42.52 59.91
C SER J 98 10.89 -42.10 58.47
N ARG J 99 10.96 -40.81 58.40
CA ARG J 99 11.02 -40.01 57.25
C ARG J 99 12.47 -39.73 57.05
N PRO J 100 13.05 -40.42 56.04
CA PRO J 100 14.45 -40.40 55.64
C PRO J 100 15.12 -39.04 55.66
N LYS J 101 16.35 -39.01 56.13
CA LYS J 101 17.17 -37.81 56.16
C LYS J 101 18.46 -38.06 55.38
N GLY J 102 18.90 -37.07 54.64
CA GLY J 102 20.06 -37.19 53.80
C GLY J 102 19.68 -37.58 52.38
N VAL J 103 18.39 -37.76 52.15
CA VAL J 103 17.91 -38.09 50.81
C VAL J 103 18.16 -36.86 49.95
N ALA J 104 18.56 -37.05 48.71
CA ALA J 104 18.85 -35.92 47.84
C ALA J 104 17.63 -35.07 47.50
N LEU J 105 17.84 -33.80 47.22
CA LEU J 105 16.70 -32.95 46.90
C LEU J 105 16.75 -32.06 45.66
N HIS J 106 17.32 -32.48 44.54
CA HIS J 106 17.36 -31.58 43.39
C HIS J 106 15.95 -31.35 42.95
N ARG J 107 15.63 -30.12 42.57
CA ARG J 107 14.27 -29.72 42.26
C ARG J 107 13.95 -30.14 40.88
N PRO J 108 12.67 -30.30 40.49
CA PRO J 108 12.30 -30.78 39.16
C PRO J 108 12.52 -29.70 38.12
N ASP J 109 12.34 -30.10 36.85
CA ASP J 109 12.44 -29.20 35.70
C ASP J 109 11.27 -29.52 34.78
N VAL J 110 10.15 -28.82 35.00
CA VAL J 110 8.93 -29.12 34.27
C VAL J 110 8.99 -28.49 32.88
N TYR J 111 8.73 -29.30 31.86
CA TYR J 111 8.55 -28.85 30.50
C TYR J 111 7.19 -29.30 30.02
N LEU J 112 6.64 -28.60 29.03
CA LEU J 112 5.32 -28.92 28.51
C LEU J 112 5.38 -28.97 26.98
N LEU J 113 5.10 -30.13 26.42
CA LEU J 113 5.19 -30.38 24.98
C LEU J 113 3.80 -30.42 24.38
N PRO J 114 3.51 -29.57 23.40
CA PRO J 114 2.23 -29.64 22.71
C PRO J 114 2.20 -30.81 21.74
N PRO J 115 1.02 -31.21 21.26
CA PRO J 115 0.97 -32.30 20.29
C PRO J 115 1.69 -31.95 19.00
N ALA J 116 2.28 -32.96 18.38
CA ALA J 116 3.02 -32.76 17.14
C ALA J 116 2.08 -32.39 16.00
N ARG J 117 2.65 -31.82 14.95
CA ARG J 117 1.86 -31.45 13.78
C ARG J 117 1.25 -32.67 13.10
N GLU J 118 1.99 -33.79 13.05
CA GLU J 118 1.50 -34.99 12.38
C GLU J 118 0.23 -35.51 13.05
N GLN J 119 0.17 -35.41 14.37
CA GLN J 119 -0.94 -35.96 15.15
C GLN J 119 -2.20 -35.12 15.03
N LEU J 120 -2.08 -33.82 14.75
CA LEU J 120 -3.24 -32.95 14.60
C LEU J 120 -3.90 -33.06 13.24
N ASN J 121 -3.21 -33.61 12.22
CA ASN J 121 -3.79 -33.77 10.91
C ASN J 121 -4.71 -34.97 10.80
N LEU J 122 -4.70 -35.86 11.79
CA LEU J 122 -5.67 -36.95 11.86
C LEU J 122 -7.03 -36.46 12.31
N ARG J 123 -7.13 -35.23 12.80
CA ARG J 123 -8.38 -34.56 13.18
C ARG J 123 -9.20 -35.35 14.19
N GLU J 124 -8.54 -36.05 15.12
CA GLU J 124 -9.24 -36.85 16.13
C GLU J 124 -9.01 -36.31 17.54
N SER J 125 -7.76 -36.16 17.94
CA SER J 125 -7.43 -35.74 19.30
C SER J 125 -6.13 -34.95 19.30
N ALA J 126 -5.84 -34.36 20.45
CA ALA J 126 -4.59 -33.66 20.73
C ALA J 126 -3.99 -34.23 22.01
N THR J 127 -2.67 -34.34 22.03
CA THR J 127 -1.95 -35.02 23.11
C THR J 127 -0.88 -34.08 23.67
N ILE J 128 -1.11 -33.55 24.86
CA ILE J 128 -0.15 -32.68 25.51
C ILE J 128 0.60 -33.46 26.58
N THR J 129 1.93 -33.32 26.61
CA THR J 129 2.73 -34.08 27.56
C THR J 129 3.47 -33.15 28.50
N CYS J 130 3.23 -33.34 29.80
CA CYS J 130 3.94 -32.65 30.86
C CYS J 130 5.11 -33.52 31.29
N LEU J 131 6.32 -33.07 30.99
CA LEU J 131 7.56 -33.81 31.21
C LEU J 131 8.20 -33.28 32.48
N VAL J 132 8.25 -34.11 33.52
CA VAL J 132 8.83 -33.74 34.80
C VAL J 132 10.10 -34.56 34.96
N THR J 133 11.25 -33.93 34.73
CA THR J 133 12.54 -34.60 34.82
C THR J 133 13.49 -33.80 35.69
N GLY J 134 14.42 -34.50 36.34
CA GLY J 134 15.46 -33.88 37.11
C GLY J 134 15.15 -33.66 38.58
N PHE J 135 14.12 -34.30 39.12
CA PHE J 135 13.75 -34.16 40.52
C PHE J 135 14.32 -35.32 41.33
N SER J 136 14.34 -35.11 42.64
CA SER J 136 14.82 -36.09 43.60
C SER J 136 14.47 -35.63 45.00
N PRO J 137 13.93 -36.51 45.85
CA PRO J 137 13.64 -37.92 45.58
C PRO J 137 12.33 -38.14 44.80
N ALA J 138 11.74 -39.31 44.96
CA ALA J 138 10.53 -39.70 44.25
C ALA J 138 9.29 -39.06 44.87
N ASP J 139 8.11 -39.55 44.46
CA ASP J 139 6.81 -39.07 44.96
C ASP J 139 6.59 -37.61 44.56
N VAL J 140 6.51 -37.40 43.25
CA VAL J 140 6.12 -36.13 42.67
C VAL J 140 4.65 -36.21 42.26
N PHE J 141 3.94 -35.09 42.38
CA PHE J 141 2.51 -35.08 42.09
C PHE J 141 2.22 -34.12 40.94
N VAL J 142 1.31 -34.52 40.05
CA VAL J 142 0.99 -33.75 38.85
C VAL J 142 -0.52 -33.60 38.75
N GLN J 143 -0.98 -32.38 38.44
CA GLN J 143 -2.38 -32.11 38.15
C GLN J 143 -2.46 -31.26 36.90
N TRP J 144 -3.67 -31.22 36.32
CA TRP J 144 -3.90 -30.53 35.05
C TRP J 144 -5.01 -29.50 35.27
N MET J 145 -4.63 -28.23 35.32
CA MET J 145 -5.56 -27.13 35.53
C MET J 145 -6.02 -26.57 34.19
N GLN J 146 -7.18 -25.92 34.21
CA GLN J 146 -7.70 -25.22 33.04
C GLN J 146 -8.58 -24.08 33.50
N ARG J 147 -8.12 -22.85 33.32
CA ARG J 147 -8.86 -21.64 33.72
C ARG J 147 -9.18 -21.66 35.22
N GLY J 148 -8.29 -22.26 36.01
CA GLY J 148 -8.43 -22.33 37.45
C GLY J 148 -8.98 -23.64 37.99
N GLN J 149 -9.97 -24.21 37.31
CA GLN J 149 -10.49 -25.46 37.87
C GLN J 149 -9.71 -26.65 37.33
N PRO J 150 -9.51 -27.69 38.13
CA PRO J 150 -8.77 -28.86 37.68
C PRO J 150 -9.59 -29.71 36.72
N LEU J 151 -8.89 -30.60 36.03
CA LEU J 151 -9.51 -31.58 35.15
C LEU J 151 -9.69 -32.90 35.87
N SER J 152 -10.62 -33.71 35.37
CA SER J 152 -10.91 -34.99 35.98
C SER J 152 -9.73 -35.94 35.84
N PRO J 153 -9.55 -36.85 36.81
CA PRO J 153 -8.45 -37.83 36.70
C PRO J 153 -8.57 -38.75 35.50
N GLU J 154 -9.76 -38.87 34.91
CA GLU J 154 -9.96 -39.70 33.73
C GLU J 154 -9.55 -38.98 32.44
N LYS J 155 -9.16 -37.72 32.53
CA LYS J 155 -8.68 -36.97 31.36
C LYS J 155 -7.18 -37.03 31.18
N TYR J 156 -6.42 -37.25 32.24
CA TYR J 156 -4.96 -37.32 32.17
C TYR J 156 -4.46 -38.57 32.86
N VAL J 157 -3.25 -38.99 32.48
CA VAL J 157 -2.63 -40.18 33.03
C VAL J 157 -1.19 -39.84 33.43
N THR J 158 -0.77 -40.32 34.59
CA THR J 158 0.57 -40.05 35.09
C THR J 158 1.33 -41.36 35.28
N SER J 159 2.57 -41.38 34.83
CA SER J 159 3.43 -42.56 34.95
C SER J 159 4.20 -42.49 36.27
N ALA J 160 4.77 -43.62 36.68
CA ALA J 160 5.58 -43.70 37.89
C ALA J 160 6.99 -43.23 37.63
N PRO J 161 7.65 -42.66 38.64
CA PRO J 161 9.03 -42.19 38.45
C PRO J 161 9.98 -43.34 38.10
N MET J 162 10.93 -43.02 37.21
CA MET J 162 11.96 -43.96 36.81
C MET J 162 13.31 -43.26 36.87
N PRO J 163 14.39 -43.98 37.14
CA PRO J 163 15.70 -43.32 37.26
C PRO J 163 16.18 -42.76 35.92
N GLU J 164 17.01 -41.71 36.02
CA GLU J 164 17.62 -41.08 34.85
C GLU J 164 18.73 -41.96 34.30
N PRO J 165 18.78 -42.17 32.99
CA PRO J 165 19.81 -43.05 32.41
C PRO J 165 21.25 -42.59 32.66
N GLN J 166 21.51 -41.28 32.69
CA GLN J 166 22.84 -40.76 33.00
C GLN J 166 22.98 -40.28 34.42
N ALA J 167 22.03 -39.52 34.93
CA ALA J 167 22.13 -38.97 36.27
C ALA J 167 21.89 -40.08 37.30
N PRO J 168 22.82 -40.27 38.24
CA PRO J 168 22.76 -41.45 39.13
C PRO J 168 21.54 -41.46 40.05
N GLY J 169 21.37 -40.41 40.85
CA GLY J 169 20.31 -40.38 41.84
C GLY J 169 19.23 -39.37 41.54
N ARG J 170 18.70 -39.31 40.32
CA ARG J 170 17.53 -38.44 40.04
C ARG J 170 16.43 -39.27 39.38
N TYR J 171 15.37 -38.69 38.82
CA TYR J 171 14.23 -39.45 38.26
C TYR J 171 13.56 -38.72 37.15
N PHE J 172 12.41 -39.24 36.70
CA PHE J 172 11.54 -38.59 35.71
C PHE J 172 10.12 -39.04 35.74
N ALA J 173 9.28 -38.35 35.04
CA ALA J 173 7.91 -38.72 34.99
C ALA J 173 7.34 -38.28 33.71
N HIS J 174 6.04 -38.30 33.59
CA HIS J 174 5.34 -37.84 32.41
C HIS J 174 3.92 -37.63 32.78
N SER J 175 3.14 -36.93 32.00
CA SER J 175 1.73 -36.80 32.33
C SER J 175 1.04 -36.47 31.11
N ILE J 176 0.35 -37.39 30.54
CA ILE J 176 -0.31 -37.22 29.26
C ILE J 176 -1.73 -36.74 29.47
N LEU J 177 -2.08 -35.62 28.84
CA LEU J 177 -3.45 -35.13 28.77
C LEU J 177 -3.91 -35.23 27.33
N THR J 178 -4.97 -35.99 27.10
CA THR J 178 -5.54 -36.15 25.77
C THR J 178 -6.89 -35.46 25.71
N VAL J 179 -7.05 -34.57 24.72
CA VAL J 179 -8.26 -33.77 24.58
C VAL J 179 -8.73 -33.92 23.13
N SER J 180 -9.95 -33.47 22.86
CA SER J 180 -10.44 -33.48 21.48
C SER J 180 -9.59 -32.54 20.62
N GLU J 181 -9.39 -32.95 19.36
CA GLU J 181 -8.51 -32.21 18.46
C GLU J 181 -9.01 -30.79 18.21
N GLU J 182 -10.32 -30.61 18.03
CA GLU J 182 -10.88 -29.28 17.81
C GLU J 182 -10.68 -28.35 19.01
N GLU J 183 -10.75 -28.88 20.23
CA GLU J 183 -10.63 -28.07 21.43
C GLU J 183 -9.28 -27.37 21.55
N TRP J 184 -8.21 -27.99 21.08
CA TRP J 184 -6.89 -27.38 21.04
C TRP J 184 -6.81 -26.15 20.14
N ASN J 185 -7.64 -26.17 19.14
CA ASN J 185 -7.72 -25.19 18.09
C ASN J 185 -8.13 -23.80 18.48
N THR J 186 -8.71 -23.62 19.65
CA THR J 186 -9.15 -22.27 19.97
C THR J 186 -8.53 -21.72 21.25
N GLY J 187 -7.30 -21.24 21.18
CA GLY J 187 -6.70 -20.77 22.40
C GLY J 187 -6.60 -21.99 23.29
N GLU J 188 -7.19 -21.89 24.47
CA GLU J 188 -7.22 -22.92 25.52
C GLU J 188 -5.89 -23.35 26.07
N THR J 189 -5.60 -22.86 27.26
CA THR J 189 -4.34 -23.08 27.93
C THR J 189 -3.77 -24.45 28.44
N TYR J 190 -4.55 -25.28 29.09
CA TYR J 190 -4.03 -26.52 29.62
C TYR J 190 -2.79 -26.45 30.47
N THR J 191 -2.71 -25.66 31.51
CA THR J 191 -1.50 -25.63 32.29
C THR J 191 -1.38 -26.73 33.25
N CYS J 192 -0.24 -27.33 33.27
CA CYS J 192 0.21 -28.47 34.07
C CYS J 192 0.86 -27.96 35.33
N VAL J 193 0.40 -28.44 36.48
CA VAL J 193 0.92 -28.01 37.78
C VAL J 193 1.61 -29.20 38.43
N VAL J 194 2.81 -28.98 38.94
CA VAL J 194 3.65 -30.01 39.53
C VAL J 194 4.00 -29.61 40.95
N ALA J 195 3.80 -30.55 41.87
CA ALA J 195 4.12 -30.38 43.29
C ALA J 195 5.20 -31.37 43.66
N HIS J 196 6.35 -30.87 44.10
CA HIS J 196 7.43 -31.67 44.62
C HIS J 196 8.05 -30.94 45.80
N GLU J 197 8.57 -31.70 46.77
CA GLU J 197 9.03 -31.15 48.03
C GLU J 197 10.36 -30.42 47.91
N ALA J 198 10.89 -30.20 46.70
CA ALA J 198 12.14 -29.48 46.53
C ALA J 198 11.97 -28.13 45.88
N LEU J 199 10.76 -27.80 45.41
CA LEU J 199 10.50 -26.50 44.78
C LEU J 199 10.53 -25.40 45.83
N PRO J 200 10.89 -24.17 45.45
CA PRO J 200 10.94 -23.07 46.42
C PRO J 200 9.60 -22.79 47.10
N ASN J 201 8.48 -22.94 46.39
CA ASN J 201 7.17 -22.79 47.00
C ASN J 201 6.36 -24.08 46.93
N ARG J 202 7.01 -25.21 46.67
CA ARG J 202 6.40 -26.55 46.62
C ARG J 202 5.39 -26.70 45.48
N VAL J 203 5.20 -25.67 44.66
CA VAL J 203 4.25 -25.72 43.55
C VAL J 203 4.85 -24.95 42.38
N THR J 204 4.84 -25.57 41.19
CA THR J 204 5.21 -24.91 39.96
C THR J 204 4.20 -25.26 38.88
N GLU J 205 4.20 -24.52 37.78
CA GLU J 205 3.27 -24.82 36.70
C GLU J 205 3.80 -24.27 35.39
N ARG J 206 3.34 -24.87 34.29
CA ARG J 206 3.67 -24.44 32.94
C ARG J 206 2.41 -24.45 32.10
N THR J 207 2.45 -23.72 30.98
CA THR J 207 1.29 -23.59 30.12
C THR J 207 1.73 -23.46 28.66
N VAL J 208 0.87 -23.94 27.76
CA VAL J 208 1.03 -23.78 26.33
C VAL J 208 -0.31 -23.37 25.72
N ASP J 209 -0.25 -22.84 24.51
CA ASP J 209 -1.43 -22.38 23.77
C ASP J 209 -1.28 -22.83 22.32
N LYS J 210 -2.29 -22.59 21.51
CA LYS J 210 -2.07 -22.88 20.10
C LYS J 210 -0.96 -21.96 19.61
N SER J 211 -0.90 -20.80 20.24
CA SER J 211 -0.04 -19.67 19.93
C SER J 211 1.21 -19.64 20.71
N THR J 212 1.62 -20.74 21.26
CA THR J 212 2.76 -20.69 22.13
C THR J 212 4.16 -20.77 21.56
N GLY J 213 4.34 -20.78 20.26
CA GLY J 213 5.71 -20.87 19.77
C GLY J 213 6.43 -19.54 19.58
N LYS J 214 6.62 -19.14 18.32
CA LYS J 214 7.29 -17.89 18.03
C LYS J 214 6.55 -16.95 17.06
N PRO J 215 7.23 -15.91 16.60
CA PRO J 215 6.63 -14.95 15.68
C PRO J 215 6.18 -15.53 14.34
N THR J 216 7.00 -16.41 13.76
CA THR J 216 6.73 -17.05 12.46
C THR J 216 6.32 -16.00 11.42
N LEU J 217 7.27 -15.10 11.15
CA LEU J 217 7.02 -13.97 10.27
C LEU J 217 6.95 -14.44 8.82
N TYR J 218 5.83 -14.19 8.16
CA TYR J 218 5.74 -14.49 6.74
C TYR J 218 6.48 -13.43 5.93
N ASN J 219 6.91 -13.83 4.74
CA ASN J 219 7.87 -13.06 3.95
C ASN J 219 7.46 -13.13 2.48
N VAL J 220 6.16 -12.92 2.22
CA VAL J 220 5.60 -13.17 0.90
C VAL J 220 6.27 -12.33 -0.16
N SER J 221 6.41 -12.89 -1.36
CA SER J 221 7.12 -12.28 -2.48
C SER J 221 6.33 -12.42 -3.78
N LEU J 222 5.06 -12.02 -3.75
CA LEU J 222 4.20 -12.14 -4.93
C LEU J 222 4.81 -11.43 -6.13
N VAL J 223 4.77 -12.09 -7.29
CA VAL J 223 5.41 -11.61 -8.51
C VAL J 223 4.33 -11.56 -9.58
N MET J 224 4.27 -10.45 -10.33
CA MET J 224 3.40 -10.34 -11.48
C MET J 224 4.13 -10.00 -12.77
N SER J 225 5.46 -10.13 -12.80
CA SER J 225 6.23 -9.83 -14.00
C SER J 225 6.66 -11.11 -14.71
N ILE K 1 8.70 -72.81 48.53
CA ILE K 1 8.19 -73.31 47.27
C ILE K 1 7.72 -72.16 46.39
N ARG K 2 8.32 -72.02 45.21
CA ARG K 2 7.95 -70.95 44.28
C ARG K 2 8.09 -71.47 42.86
N VAL K 3 7.00 -71.42 42.10
CA VAL K 3 6.97 -71.91 40.73
C VAL K 3 6.33 -70.85 39.84
N PHE K 4 6.96 -70.59 38.70
CA PHE K 4 6.40 -69.68 37.71
C PHE K 4 6.83 -70.12 36.32
N ALA K 5 6.08 -69.66 35.32
CA ALA K 5 6.42 -69.88 33.91
C ALA K 5 6.09 -68.62 33.14
N ILE K 6 7.03 -68.21 32.27
CA ILE K 6 6.91 -66.98 31.51
C ILE K 6 6.92 -67.33 30.02
N PRO K 7 6.06 -66.73 29.22
CA PRO K 7 6.12 -66.92 27.77
C PRO K 7 7.19 -66.04 27.16
N PRO K 8 7.54 -66.25 25.89
CA PRO K 8 8.49 -65.36 25.23
C PRO K 8 7.94 -63.95 25.09
N SER K 9 8.83 -62.96 25.02
CA SER K 9 8.44 -61.57 24.93
C SER K 9 8.86 -61.01 23.57
N PHE K 10 8.23 -59.90 23.19
CA PHE K 10 8.51 -59.27 21.90
C PHE K 10 9.86 -58.60 21.84
N ALA K 11 10.56 -58.47 22.97
CA ALA K 11 11.91 -57.91 22.99
C ALA K 11 12.97 -58.94 22.62
N SER K 12 12.60 -60.20 22.42
CA SER K 12 13.52 -61.24 22.03
C SER K 12 13.22 -61.79 20.65
N ILE K 13 11.95 -61.91 20.28
CA ILE K 13 11.60 -62.42 18.96
C ILE K 13 11.99 -61.44 17.85
N PHE K 14 11.98 -60.14 18.14
CA PHE K 14 12.47 -59.17 17.15
C PHE K 14 13.98 -59.01 17.22
N LEU K 15 14.55 -59.04 18.42
CA LEU K 15 16.00 -58.84 18.56
C LEU K 15 16.78 -60.06 18.10
N THR K 16 16.31 -61.26 18.45
CA THR K 16 17.05 -62.48 18.16
C THR K 16 16.26 -63.54 17.40
N LYS K 17 14.93 -63.48 17.38
CA LYS K 17 14.09 -64.51 16.77
C LYS K 17 14.41 -65.88 17.38
N SER K 18 14.29 -65.92 18.71
CA SER K 18 14.62 -67.11 19.50
C SER K 18 13.51 -67.36 20.51
N THR K 19 12.26 -67.36 20.04
CA THR K 19 11.11 -67.54 20.91
C THR K 19 11.21 -68.86 21.69
N LYS K 20 10.89 -68.79 22.99
CA LYS K 20 11.09 -69.92 23.87
C LYS K 20 10.34 -69.68 25.18
N LEU K 21 9.66 -70.71 25.66
CA LEU K 21 8.99 -70.68 26.96
C LEU K 21 10.00 -70.93 28.06
N THR K 22 9.85 -70.21 29.19
CA THR K 22 10.77 -70.39 30.31
C THR K 22 9.99 -70.79 31.55
N CYS K 23 10.59 -71.63 32.38
CA CYS K 23 9.99 -72.09 33.63
C CYS K 23 10.99 -71.91 34.75
N LEU K 24 10.64 -71.10 35.74
CA LEU K 24 11.53 -70.77 36.85
C LEU K 24 10.94 -71.34 38.13
N VAL K 25 11.64 -72.29 38.75
CA VAL K 25 11.20 -72.90 40.00
C VAL K 25 12.32 -72.74 41.02
N THR K 26 12.04 -72.02 42.10
CA THR K 26 13.04 -71.72 43.10
C THR K 26 12.35 -71.57 44.47
N ASP K 27 13.17 -71.36 45.50
CA ASP K 27 12.72 -71.23 46.89
C ASP K 27 12.10 -72.53 47.40
N LEU K 28 12.52 -73.66 46.85
CA LEU K 28 12.14 -74.96 47.35
C LEU K 28 13.22 -75.49 48.29
N THR K 29 13.07 -76.74 48.73
CA THR K 29 14.08 -77.35 49.59
C THR K 29 15.31 -77.72 48.79
N THR K 30 16.45 -77.77 49.48
CA THR K 30 17.75 -78.00 48.84
C THR K 30 17.90 -79.49 48.56
N TYR K 31 17.41 -79.92 47.40
CA TYR K 31 17.54 -81.31 46.96
C TYR K 31 17.68 -81.33 45.45
N ASP K 32 18.80 -81.88 44.97
CA ASP K 32 19.08 -81.94 43.55
C ASP K 32 18.39 -83.15 42.89
N SER K 33 18.78 -83.45 41.66
CA SER K 33 18.23 -84.57 40.89
C SER K 33 16.72 -84.43 40.72
N VAL K 34 16.31 -83.26 40.22
CA VAL K 34 14.92 -82.97 39.92
C VAL K 34 14.72 -83.07 38.41
N THR K 35 13.46 -83.28 38.00
CA THR K 35 13.11 -83.43 36.60
C THR K 35 12.21 -82.27 36.18
N ILE K 36 12.52 -81.67 35.04
CA ILE K 36 11.74 -80.57 34.47
C ILE K 36 11.32 -80.97 33.07
N SER K 37 10.06 -80.71 32.73
CA SER K 37 9.55 -81.05 31.41
C SER K 37 8.59 -79.98 30.93
N TRP K 38 8.39 -79.92 29.61
CA TRP K 38 7.37 -79.06 29.01
C TRP K 38 6.52 -79.89 28.07
N THR K 39 5.20 -79.83 28.25
CA THR K 39 4.26 -80.64 27.48
C THR K 39 3.29 -79.71 26.76
N ARG K 40 2.98 -80.05 25.51
CA ARG K 40 2.08 -79.26 24.69
C ARG K 40 0.67 -79.84 24.79
N GLN K 41 -0.28 -79.25 24.05
CA GLN K 41 -1.65 -79.73 24.09
C GLN K 41 -1.87 -80.94 23.19
N ASN K 42 -0.97 -81.17 22.23
CA ASN K 42 -1.08 -82.29 21.31
C ASN K 42 -0.33 -83.52 21.79
N GLY K 43 0.85 -83.35 22.39
CA GLY K 43 1.64 -84.48 22.84
C GLY K 43 3.04 -84.49 22.25
N GLU K 44 3.53 -83.32 21.87
CA GLU K 44 4.88 -83.16 21.34
C GLU K 44 5.81 -82.71 22.46
N ALA K 45 6.98 -83.35 22.54
CA ALA K 45 7.94 -83.07 23.59
C ALA K 45 8.73 -81.80 23.25
N VAL K 46 9.73 -81.49 24.07
CA VAL K 46 10.54 -80.29 23.88
C VAL K 46 12.02 -80.67 23.89
N LYS K 47 12.89 -79.68 23.77
CA LYS K 47 14.33 -79.88 23.73
C LYS K 47 14.86 -79.81 25.17
N THR K 48 16.10 -80.24 25.36
CA THR K 48 16.66 -80.31 26.71
C THR K 48 16.84 -78.92 27.32
N HIS K 49 16.84 -78.88 28.65
CA HIS K 49 17.00 -77.65 29.41
C HIS K 49 18.32 -77.70 30.16
N THR K 50 19.08 -76.62 30.09
CA THR K 50 20.39 -76.57 30.73
C THR K 50 20.59 -75.17 31.31
N ASN K 51 21.83 -74.87 31.71
CA ASN K 51 22.22 -73.58 32.27
C ASN K 51 21.45 -73.27 33.55
N ILE K 52 21.54 -74.20 34.50
CA ILE K 52 20.91 -74.02 35.81
C ILE K 52 21.82 -73.14 36.67
N SER K 53 21.19 -72.27 37.45
CA SER K 53 21.93 -71.34 38.29
C SER K 53 22.42 -72.05 39.55
N GLU K 54 23.32 -71.38 40.27
CA GLU K 54 23.89 -71.90 41.50
C GLU K 54 22.88 -71.70 42.63
N SER K 55 23.20 -72.20 43.82
CA SER K 55 22.29 -72.06 44.96
C SER K 55 22.14 -70.60 45.36
N HIS K 56 20.94 -70.27 45.83
CA HIS K 56 20.64 -68.90 46.22
C HIS K 56 21.43 -68.52 47.48
N PRO K 57 21.70 -67.22 47.67
CA PRO K 57 22.44 -66.79 48.87
C PRO K 57 21.71 -67.09 50.18
N ASN K 58 20.39 -67.27 50.16
CA ASN K 58 19.62 -67.55 51.36
C ASN K 58 19.34 -69.04 51.54
N ALA K 59 20.26 -69.89 51.10
CA ALA K 59 20.22 -71.34 51.36
C ALA K 59 18.96 -71.98 50.78
N THR K 60 18.82 -71.89 49.46
CA THR K 60 17.80 -72.63 48.74
C THR K 60 18.28 -72.84 47.31
N PHE K 61 17.65 -73.79 46.61
CA PHE K 61 18.05 -74.17 45.28
C PHE K 61 17.14 -73.54 44.23
N SER K 62 17.71 -73.29 43.05
CA SER K 62 16.99 -72.75 41.92
C SER K 62 16.91 -73.79 40.81
N ALA K 63 16.10 -73.50 39.80
CA ALA K 63 15.90 -74.42 38.69
C ALA K 63 15.26 -73.66 37.53
N VAL K 64 15.80 -73.87 36.33
CA VAL K 64 15.32 -73.24 35.12
C VAL K 64 15.10 -74.31 34.06
N GLY K 65 13.99 -74.17 33.34
CA GLY K 65 13.66 -75.07 32.25
C GLY K 65 13.28 -74.30 30.99
N GLU K 66 13.69 -74.80 29.84
CA GLU K 66 13.51 -74.10 28.58
C GLU K 66 12.70 -74.97 27.63
N ALA K 67 11.77 -74.34 26.91
CA ALA K 67 10.95 -74.99 25.90
C ALA K 67 11.17 -74.21 24.60
N SER K 68 12.08 -74.70 23.76
CA SER K 68 12.38 -74.07 22.48
C SER K 68 11.43 -74.65 21.43
N ILE K 69 10.49 -73.83 20.96
CA ILE K 69 9.48 -74.24 20.00
C ILE K 69 9.67 -73.43 18.72
N CYS K 70 8.90 -73.78 17.70
CA CYS K 70 8.94 -73.05 16.44
C CYS K 70 8.28 -71.69 16.60
N GLU K 71 8.50 -70.83 15.60
CA GLU K 71 7.93 -69.48 15.63
C GLU K 71 6.41 -69.52 15.57
N ASP K 72 5.84 -70.40 14.75
CA ASP K 72 4.39 -70.50 14.60
C ASP K 72 3.73 -71.29 15.72
N ASP K 73 4.51 -71.91 16.60
CA ASP K 73 3.94 -72.66 17.72
C ASP K 73 3.37 -71.76 18.81
N TRP K 74 3.69 -70.46 18.79
CA TRP K 74 3.16 -69.52 19.75
C TRP K 74 2.09 -68.61 19.17
N ASN K 75 2.08 -68.40 17.85
CA ASN K 75 1.07 -67.58 17.21
C ASN K 75 -0.14 -68.38 16.74
N SER K 76 -0.15 -69.69 16.96
CA SER K 76 -1.26 -70.55 16.57
C SER K 76 -2.07 -71.03 17.77
N GLY K 77 -1.79 -70.51 18.96
CA GLY K 77 -2.58 -70.81 20.14
C GLY K 77 -2.43 -72.23 20.65
N GLU K 78 -1.21 -72.61 21.05
CA GLU K 78 -0.96 -73.91 21.65
C GLU K 78 -0.59 -73.70 23.12
N ARG K 79 -1.37 -74.31 24.01
CA ARG K 79 -1.10 -74.21 25.44
C ARG K 79 0.04 -75.13 25.84
N PHE K 80 0.88 -74.64 26.74
CA PHE K 80 2.06 -75.36 27.20
C PHE K 80 2.04 -75.44 28.72
N THR K 81 2.53 -76.55 29.25
CA THR K 81 2.47 -76.83 30.68
C THR K 81 3.84 -77.32 31.15
N CYS K 82 4.27 -76.82 32.32
CA CYS K 82 5.60 -77.08 32.85
C CYS K 82 5.51 -78.12 33.98
N THR K 83 5.99 -79.33 33.70
CA THR K 83 6.07 -80.38 34.70
C THR K 83 7.29 -80.16 35.59
N VAL K 84 7.06 -79.94 36.88
CA VAL K 84 8.11 -79.86 37.88
C VAL K 84 7.71 -80.69 39.09
N THR K 85 8.66 -81.46 39.61
CA THR K 85 8.41 -82.35 40.74
C THR K 85 9.32 -81.98 41.90
N HIS K 86 8.99 -82.49 43.09
CA HIS K 86 9.79 -82.25 44.28
C HIS K 86 9.73 -83.48 45.17
N THR K 87 10.67 -83.55 46.11
CA THR K 87 10.82 -84.74 46.95
C THR K 87 9.74 -84.84 48.02
N ASP K 88 9.09 -83.73 48.36
CA ASP K 88 8.11 -83.74 49.44
C ASP K 88 6.68 -83.97 48.97
N LEU K 89 6.27 -83.36 47.86
CA LEU K 89 4.92 -83.53 47.34
C LEU K 89 4.96 -84.52 46.18
N PRO K 90 4.38 -85.71 46.31
CA PRO K 90 4.49 -86.72 45.25
C PRO K 90 3.80 -86.34 43.95
N SER K 91 2.86 -85.39 43.97
CA SER K 91 2.22 -85.08 42.71
C SER K 91 3.09 -84.15 41.89
N PRO K 92 3.13 -84.33 40.56
CA PRO K 92 3.92 -83.43 39.70
C PRO K 92 3.21 -82.10 39.54
N LEU K 93 3.77 -81.07 40.16
CA LEU K 93 3.17 -79.73 40.08
C LEU K 93 3.29 -79.20 38.66
N LYS K 94 2.19 -78.65 38.15
CA LYS K 94 2.12 -78.22 36.77
C LYS K 94 1.53 -76.81 36.71
N GLN K 95 1.97 -76.04 35.72
CA GLN K 95 1.51 -74.67 35.55
C GLN K 95 1.23 -74.41 34.08
N THR K 96 0.15 -73.67 33.81
CA THR K 96 -0.29 -73.39 32.45
C THR K 96 -0.20 -71.88 32.21
N ILE K 97 0.46 -71.51 31.13
CA ILE K 97 0.51 -70.12 30.67
C ILE K 97 -0.01 -70.09 29.23
N SER K 98 -0.89 -69.12 28.91
CA SER K 98 -1.53 -69.13 27.58
C SER K 98 -1.38 -68.00 26.53
N ARG K 99 -2.49 -67.36 26.16
CA ARG K 99 -2.52 -66.36 25.08
C ARG K 99 -2.93 -64.92 25.35
N PRO K 100 -2.49 -64.02 24.45
CA PRO K 100 -2.57 -62.56 24.24
C PRO K 100 -3.94 -62.04 23.81
N LEU K 105 -7.98 -56.03 17.94
CA LEU K 105 -6.60 -55.54 17.99
C LEU K 105 -6.42 -54.28 17.11
N HIS K 106 -5.58 -53.34 17.55
CA HIS K 106 -5.37 -52.08 16.83
C HIS K 106 -3.91 -51.82 16.55
N ARG K 107 -3.62 -51.09 15.48
CA ARG K 107 -2.24 -50.75 15.16
C ARG K 107 -2.16 -49.26 15.40
N PRO K 108 -1.24 -48.83 16.25
CA PRO K 108 -1.18 -47.43 16.63
C PRO K 108 0.15 -46.81 16.25
N ASP K 109 0.06 -45.58 15.80
CA ASP K 109 1.15 -44.73 15.32
C ASP K 109 2.19 -44.16 16.28
N VAL K 110 3.42 -44.09 15.81
CA VAL K 110 4.50 -43.47 16.52
C VAL K 110 4.36 -41.98 16.28
N TYR K 111 4.90 -41.19 17.18
CA TYR K 111 4.86 -39.75 17.12
C TYR K 111 6.12 -39.37 17.85
N LEU K 112 6.92 -38.51 17.27
CA LEU K 112 8.18 -38.07 17.88
C LEU K 112 8.08 -36.58 18.20
N LEU K 113 8.07 -36.26 19.49
CA LEU K 113 8.03 -34.84 19.83
C LEU K 113 9.44 -34.31 20.08
N PRO K 114 9.81 -33.19 19.45
CA PRO K 114 11.15 -32.63 19.66
C PRO K 114 11.25 -31.95 21.01
N PRO K 115 12.45 -31.83 21.57
CA PRO K 115 12.60 -31.16 22.87
C PRO K 115 12.17 -29.71 22.81
N ALA K 116 11.59 -29.26 23.93
CA ALA K 116 11.04 -27.91 24.02
C ALA K 116 12.15 -26.87 23.97
N ARG K 117 11.76 -25.65 23.62
CA ARG K 117 12.71 -24.54 23.53
C ARG K 117 13.32 -24.16 24.87
N GLU K 118 12.56 -24.29 25.96
CA GLU K 118 13.10 -23.94 27.27
C GLU K 118 14.23 -24.88 27.68
N GLN K 119 14.11 -26.17 27.38
CA GLN K 119 15.15 -27.12 27.76
C GLN K 119 16.43 -26.88 27.00
N LEU K 120 16.33 -26.43 25.75
CA LEU K 120 17.53 -26.18 24.95
C LEU K 120 18.27 -24.93 25.39
N ASN K 121 17.62 -24.04 26.13
CA ASN K 121 18.29 -22.81 26.58
C ASN K 121 19.25 -23.06 27.74
N LEU K 122 19.14 -24.22 28.40
CA LEU K 122 20.05 -24.57 29.48
C LEU K 122 21.38 -25.12 28.98
N ARG K 123 21.45 -25.51 27.71
CA ARG K 123 22.70 -25.94 27.08
C ARG K 123 23.32 -27.14 27.81
N GLU K 124 22.47 -27.99 28.38
CA GLU K 124 22.95 -29.16 29.12
C GLU K 124 22.54 -30.46 28.46
N SER K 125 21.25 -30.68 28.24
CA SER K 125 20.78 -31.95 27.68
C SER K 125 19.37 -31.77 27.13
N ALA K 126 19.19 -32.14 25.86
CA ALA K 126 17.87 -32.18 25.24
C ALA K 126 17.38 -33.62 25.22
N THR K 127 16.12 -33.83 25.60
CA THR K 127 15.53 -35.16 25.64
C THR K 127 14.47 -35.26 24.55
N ILE K 128 14.68 -36.21 23.65
CA ILE K 128 13.72 -36.51 22.59
C ILE K 128 12.78 -37.61 23.07
N THR K 129 11.48 -37.40 22.89
CA THR K 129 10.47 -38.34 23.34
C THR K 129 9.74 -38.95 22.14
N CYS K 130 9.52 -40.25 22.22
CA CYS K 130 8.86 -41.04 21.19
C CYS K 130 7.63 -41.70 21.81
N LEU K 131 6.46 -41.30 21.35
CA LEU K 131 5.17 -41.77 21.86
C LEU K 131 4.60 -42.83 20.92
N VAL K 132 4.34 -44.02 21.46
CA VAL K 132 3.64 -45.06 20.71
C VAL K 132 2.24 -45.22 21.28
N THR K 133 1.28 -44.56 20.66
CA THR K 133 -0.09 -44.50 21.16
C THR K 133 -1.04 -45.28 20.26
N GLY K 134 -2.14 -45.73 20.85
CA GLY K 134 -3.17 -46.42 20.11
C GLY K 134 -2.84 -47.85 19.70
N PHE K 135 -1.85 -48.47 20.33
CA PHE K 135 -1.44 -49.83 19.98
C PHE K 135 -2.02 -50.82 20.97
N SER K 136 -2.47 -51.97 20.44
CA SER K 136 -2.98 -53.06 21.25
C SER K 136 -2.56 -54.36 20.56
N PRO K 137 -2.14 -55.38 21.31
CA PRO K 137 -1.98 -55.36 22.77
C PRO K 137 -0.66 -54.73 23.22
N ALA K 138 -0.19 -55.10 24.39
CA ALA K 138 1.05 -54.54 24.89
C ALA K 138 2.34 -55.13 24.30
N ASP K 139 3.41 -54.85 25.03
CA ASP K 139 4.75 -55.30 24.73
C ASP K 139 5.38 -54.78 23.42
N VAL K 140 4.89 -53.63 22.97
CA VAL K 140 5.39 -53.00 21.78
C VAL K 140 6.83 -52.59 22.07
N PHE K 141 7.70 -52.78 21.11
CA PHE K 141 9.11 -52.47 21.21
C PHE K 141 9.52 -51.05 20.80
N VAL K 142 10.73 -50.60 21.15
CA VAL K 142 11.26 -49.32 20.66
C VAL K 142 12.80 -49.23 20.62
N GLN K 143 13.39 -48.68 19.56
CA GLN K 143 14.83 -48.56 19.54
C GLN K 143 15.32 -47.28 18.88
N TRP K 144 16.40 -46.71 19.40
CA TRP K 144 16.85 -45.45 18.81
C TRP K 144 18.09 -45.71 17.97
N MET K 145 18.13 -45.11 16.77
CA MET K 145 19.28 -45.23 15.88
C MET K 145 19.78 -43.85 15.53
N GLN K 146 21.07 -43.62 15.77
CA GLN K 146 21.74 -42.38 15.42
C GLN K 146 22.56 -42.61 14.16
N ARG K 147 22.15 -41.97 13.06
CA ARG K 147 22.78 -42.16 11.74
C ARG K 147 22.78 -43.63 11.32
N GLY K 148 21.71 -44.35 11.63
CA GLY K 148 21.58 -45.73 11.22
C GLY K 148 22.39 -46.73 12.02
N GLN K 149 22.84 -46.31 13.18
CA GLN K 149 23.65 -47.15 14.00
C GLN K 149 22.81 -47.31 15.23
N PRO K 150 22.68 -48.53 15.72
CA PRO K 150 21.79 -48.95 16.82
C PRO K 150 22.05 -48.22 18.09
N LEU K 151 21.02 -47.90 18.84
CA LEU K 151 21.25 -47.20 20.08
C LEU K 151 20.88 -48.05 21.27
N SER K 152 21.86 -48.29 22.13
CA SER K 152 21.69 -49.09 23.34
C SER K 152 20.91 -48.34 24.38
N PRO K 153 20.24 -49.06 25.30
CA PRO K 153 19.41 -48.73 26.48
C PRO K 153 20.16 -48.03 27.61
N GLU K 154 21.49 -47.93 27.51
CA GLU K 154 22.32 -47.13 28.40
C GLU K 154 21.98 -45.66 28.19
N LYS K 155 21.75 -45.28 26.95
CA LYS K 155 21.43 -43.91 26.61
C LYS K 155 19.99 -43.59 26.26
N TYR K 156 19.04 -44.44 26.64
CA TYR K 156 17.63 -44.26 26.32
C TYR K 156 16.80 -45.12 27.26
N VAL K 157 15.52 -44.79 27.45
CA VAL K 157 14.62 -45.56 28.32
C VAL K 157 13.23 -45.54 27.75
N THR K 158 12.42 -46.53 28.13
CA THR K 158 11.06 -46.67 27.65
C THR K 158 10.05 -46.81 28.74
N SER K 159 8.93 -46.15 28.62
CA SER K 159 7.90 -46.29 29.61
C SER K 159 7.43 -47.69 29.54
N ALA K 160 7.26 -48.39 30.64
CA ALA K 160 6.73 -49.75 30.57
C ALA K 160 5.31 -49.57 30.07
N PRO K 161 4.86 -50.44 29.19
CA PRO K 161 3.57 -50.19 28.53
C PRO K 161 2.32 -49.91 29.36
N MET K 162 1.50 -49.01 28.84
CA MET K 162 0.36 -48.53 29.55
C MET K 162 -0.95 -48.44 28.80
N PRO K 163 -2.05 -48.03 29.54
CA PRO K 163 -3.48 -47.78 29.29
C PRO K 163 -4.03 -46.41 29.11
N GLU K 164 -5.05 -46.30 28.29
CA GLU K 164 -5.72 -45.04 27.92
C GLU K 164 -7.03 -44.70 28.65
N PRO K 165 -7.18 -43.42 28.99
CA PRO K 165 -8.25 -42.76 29.74
C PRO K 165 -9.66 -42.73 29.20
N GLN K 166 -9.86 -42.42 27.91
CA GLN K 166 -11.23 -42.36 27.37
C GLN K 166 -11.69 -43.62 26.63
N ALA K 167 -10.74 -44.26 25.95
CA ALA K 167 -10.97 -45.49 25.21
C ALA K 167 -10.10 -46.58 25.83
N PRO K 168 -10.68 -47.76 26.05
CA PRO K 168 -9.95 -48.89 26.63
C PRO K 168 -9.45 -49.81 25.54
N GLY K 169 -9.58 -49.39 24.30
CA GLY K 169 -9.21 -50.21 23.16
C GLY K 169 -7.74 -50.47 22.93
N ARG K 170 -6.96 -49.42 23.01
CA ARG K 170 -5.54 -49.57 22.84
C ARG K 170 -4.88 -48.88 24.01
N TYR K 171 -3.64 -49.29 24.29
CA TYR K 171 -2.86 -48.78 25.40
C TYR K 171 -1.62 -48.01 24.96
N PHE K 172 -1.13 -47.11 25.79
CA PHE K 172 0.07 -46.37 25.41
C PHE K 172 1.37 -46.59 26.21
N ALA K 173 2.47 -46.31 25.54
CA ALA K 173 3.82 -46.39 26.05
C ALA K 173 4.57 -45.19 25.56
N HIS K 174 5.78 -44.96 26.09
CA HIS K 174 6.61 -43.80 25.76
C HIS K 174 8.11 -44.01 25.75
N SER K 175 8.88 -43.25 25.02
CA SER K 175 10.31 -43.41 25.16
C SER K 175 11.11 -42.16 25.06
N ILE K 176 12.04 -41.96 25.95
CA ILE K 176 12.74 -40.71 25.93
C ILE K 176 14.22 -40.91 25.81
N LEU K 177 14.90 -40.07 25.03
CA LEU K 177 16.33 -40.17 24.77
C LEU K 177 17.03 -38.99 25.35
N THR K 178 18.25 -39.15 25.80
CA THR K 178 19.04 -38.07 26.38
C THR K 178 20.29 -37.78 25.55
N VAL K 179 20.67 -36.51 25.43
CA VAL K 179 21.85 -36.12 24.66
C VAL K 179 22.50 -34.85 25.23
N SER K 180 23.32 -34.16 24.43
CA SER K 180 23.89 -32.87 24.81
C SER K 180 23.31 -31.77 23.93
N GLU K 181 23.72 -30.53 24.17
CA GLU K 181 23.30 -29.40 23.35
C GLU K 181 24.16 -29.20 22.11
N GLU K 182 25.47 -29.47 22.19
CA GLU K 182 26.32 -29.42 21.01
C GLU K 182 25.89 -30.43 19.96
N GLU K 183 25.25 -31.52 20.37
CA GLU K 183 24.70 -32.49 19.43
C GLU K 183 23.58 -31.92 18.59
N TRP K 184 22.83 -30.95 19.11
CA TRP K 184 21.76 -30.30 18.36
C TRP K 184 22.26 -29.03 17.66
N ASN K 185 23.53 -29.03 17.26
CA ASN K 185 24.04 -28.14 16.24
C ASN K 185 24.40 -28.91 14.97
N THR K 186 24.34 -30.24 15.02
CA THR K 186 24.56 -31.11 13.87
C THR K 186 23.41 -32.09 13.63
N GLY K 187 22.66 -32.45 14.67
CA GLY K 187 21.44 -33.21 14.54
C GLY K 187 21.55 -34.73 14.61
N GLU K 188 22.09 -35.36 13.57
CA GLU K 188 22.22 -36.81 13.45
C GLU K 188 20.87 -37.53 13.39
N THR K 189 19.77 -36.78 13.46
CA THR K 189 18.38 -37.08 13.09
C THR K 189 17.71 -38.12 13.99
N TYR K 190 18.48 -38.81 14.84
CA TYR K 190 17.99 -39.59 15.97
C TYR K 190 16.66 -40.31 15.68
N THR K 191 16.73 -41.24 14.72
CA THR K 191 15.56 -42.00 14.30
C THR K 191 15.04 -42.87 15.45
N CYS K 192 13.72 -42.95 15.59
CA CYS K 192 13.05 -43.79 16.58
C CYS K 192 12.37 -44.95 15.85
N VAL K 193 12.88 -46.16 16.04
CA VAL K 193 12.36 -47.35 15.37
C VAL K 193 11.52 -48.15 16.36
N VAL K 194 10.41 -48.71 15.86
CA VAL K 194 9.45 -49.44 16.68
C VAL K 194 9.29 -50.84 16.12
N ALA K 195 8.74 -51.73 16.94
CA ALA K 195 8.50 -53.12 16.56
C ALA K 195 7.25 -53.58 17.32
N HIS K 196 6.15 -53.77 16.58
CA HIS K 196 4.89 -54.24 17.13
C HIS K 196 4.31 -55.30 16.20
N GLU K 197 3.46 -56.16 16.77
CA GLU K 197 2.88 -57.25 15.99
C GLU K 197 1.92 -56.76 14.93
N ALA K 198 1.26 -55.63 15.14
CA ALA K 198 0.30 -55.09 14.17
C ALA K 198 0.97 -54.18 13.16
N LEU K 199 2.02 -54.69 12.52
CA LEU K 199 2.78 -53.93 11.54
C LEU K 199 3.12 -54.82 10.36
N PRO K 200 3.18 -54.24 9.14
CA PRO K 200 3.56 -55.05 7.96
C PRO K 200 4.95 -55.63 8.08
N ASN K 201 5.95 -54.77 8.26
CA ASN K 201 7.34 -55.20 8.40
C ASN K 201 7.84 -55.12 9.84
N ARG K 202 6.94 -54.90 10.79
CA ARG K 202 7.30 -54.74 12.21
C ARG K 202 8.27 -53.58 12.40
N VAL K 203 8.19 -52.61 11.50
CA VAL K 203 9.05 -51.42 11.52
C VAL K 203 8.27 -50.21 11.02
N THR K 204 8.29 -49.12 11.79
CA THR K 204 7.65 -47.86 11.44
C THR K 204 8.59 -46.70 11.75
N GLU K 205 9.83 -46.80 11.25
CA GLU K 205 10.85 -45.80 11.55
C GLU K 205 10.36 -44.39 11.27
N ARG K 206 10.53 -43.51 12.25
CA ARG K 206 10.25 -42.09 12.10
C ARG K 206 11.42 -41.30 12.68
N THR K 207 11.67 -40.13 12.10
CA THR K 207 12.80 -39.31 12.53
C THR K 207 12.43 -37.84 12.39
N VAL K 208 12.97 -37.03 13.29
CA VAL K 208 12.76 -35.58 13.31
C VAL K 208 14.06 -34.91 13.72
N ASP K 209 14.46 -33.88 12.99
CA ASP K 209 15.66 -33.11 13.27
C ASP K 209 15.33 -31.63 13.29
N LYS K 210 16.38 -30.80 13.37
CA LYS K 210 16.19 -29.36 13.39
C LYS K 210 15.61 -28.85 12.07
N SER K 211 15.95 -29.52 10.96
CA SER K 211 15.45 -29.09 9.66
C SER K 211 13.93 -29.13 9.60
N THR K 212 13.33 -30.20 10.09
CA THR K 212 11.89 -30.26 10.26
C THR K 212 11.51 -29.67 11.62
N GLY K 213 10.24 -29.77 11.99
CA GLY K 213 9.76 -29.07 13.16
C GLY K 213 9.06 -27.78 12.79
N LYS K 214 8.83 -26.95 13.80
CA LYS K 214 8.20 -25.67 13.56
C LYS K 214 9.21 -24.67 13.02
N PRO K 215 9.01 -24.13 11.82
CA PRO K 215 9.91 -23.10 11.30
C PRO K 215 9.47 -21.71 11.72
N THR K 216 10.44 -20.80 11.74
CA THR K 216 10.22 -19.45 12.23
C THR K 216 10.15 -18.40 11.14
N LEU K 217 10.19 -18.78 9.86
CA LEU K 217 10.14 -17.81 8.78
C LEU K 217 9.73 -18.53 7.51
N TYR K 218 8.58 -18.13 6.95
CA TYR K 218 8.10 -18.61 5.65
C TYR K 218 8.24 -17.45 4.66
N ASN K 219 8.83 -17.73 3.50
CA ASN K 219 8.72 -16.79 2.37
C ASN K 219 8.25 -17.52 1.11
N VAL K 220 6.92 -17.57 0.97
CA VAL K 220 6.32 -18.00 -0.28
C VAL K 220 6.74 -17.03 -1.37
N SER K 221 7.09 -17.57 -2.53
CA SER K 221 7.58 -16.77 -3.65
C SER K 221 6.85 -17.14 -4.92
N LEU K 222 5.52 -17.19 -4.86
CA LEU K 222 4.70 -17.54 -6.01
C LEU K 222 4.91 -16.51 -7.11
N VAL K 223 5.20 -16.98 -8.32
CA VAL K 223 5.40 -16.10 -9.46
C VAL K 223 4.29 -16.37 -10.47
N MET K 224 3.98 -15.35 -11.26
CA MET K 224 2.95 -15.45 -12.29
C MET K 224 3.54 -15.03 -13.63
N SER K 225 3.49 -15.94 -14.59
CA SER K 225 4.07 -15.71 -15.91
C SER K 225 3.04 -16.08 -16.98
N ASP K 226 3.21 -15.52 -18.14
CA ASP K 226 2.29 -15.85 -19.18
C ASP K 226 2.90 -16.81 -20.14
N THR K 227 3.98 -17.45 -19.76
CA THR K 227 4.61 -18.33 -20.69
C THR K 227 5.33 -19.45 -19.97
N ALA K 228 4.94 -19.71 -18.75
CA ALA K 228 5.55 -20.77 -17.98
C ALA K 228 4.54 -21.84 -17.84
N GLY K 229 3.81 -22.07 -18.92
CA GLY K 229 2.71 -23.00 -19.03
C GLY K 229 2.97 -24.46 -19.01
N THR K 230 4.22 -24.87 -18.89
CA THR K 230 4.56 -26.24 -18.75
C THR K 230 5.61 -26.11 -17.68
N CYS K 231 5.31 -26.36 -16.42
CA CYS K 231 6.31 -26.15 -15.39
C CYS K 231 7.53 -26.97 -15.58
N TYR K 232 8.50 -26.41 -16.29
CA TYR K 232 9.75 -27.09 -16.58
C TYR K 232 10.38 -27.58 -15.29
N ARG L 1 21.83 -28.59 -14.52
CA ARG L 1 22.26 -27.19 -14.60
C ARG L 1 23.78 -27.12 -14.48
N ILE L 2 24.46 -27.21 -15.63
CA ILE L 2 25.91 -27.18 -15.64
C ILE L 2 26.41 -25.77 -15.91
N LEU L 3 27.49 -25.38 -15.22
CA LEU L 3 28.12 -24.07 -15.42
C LEU L 3 29.60 -24.26 -15.65
N PRO L 4 29.99 -24.71 -16.85
CA PRO L 4 31.43 -24.88 -17.16
C PRO L 4 32.05 -23.66 -17.83
N GLU L 5 32.22 -22.58 -17.07
CA GLU L 5 32.83 -21.38 -17.63
C GLU L 5 34.29 -21.62 -17.99
N VAL L 6 34.59 -21.51 -19.29
CA VAL L 6 35.93 -21.73 -19.80
C VAL L 6 36.50 -20.42 -20.30
N LYS L 7 37.83 -20.36 -20.39
CA LYS L 7 38.55 -19.14 -20.71
C LYS L 7 39.16 -19.17 -22.11
N VAL L 8 38.48 -19.82 -23.06
CA VAL L 8 39.00 -19.86 -24.44
C VAL L 8 39.22 -18.46 -25.05
N GLU L 9 40.47 -18.21 -25.42
CA GLU L 9 40.91 -16.95 -26.00
C GLU L 9 40.42 -16.75 -27.43
N GLY L 10 40.30 -15.49 -27.82
CA GLY L 10 39.85 -15.15 -29.14
C GLY L 10 40.44 -13.88 -29.73
N GLU L 11 40.38 -13.83 -31.06
CA GLU L 11 40.83 -12.68 -31.83
C GLU L 11 40.17 -12.71 -33.19
N LEU L 12 40.45 -11.68 -34.01
CA LEU L 12 39.90 -11.57 -35.36
C LEU L 12 40.08 -12.86 -36.15
N GLY L 13 41.33 -13.27 -36.29
CA GLY L 13 41.67 -14.50 -36.96
C GLY L 13 41.18 -15.70 -36.19
N GLY L 14 41.23 -15.60 -34.87
CA GLY L 14 40.89 -16.68 -33.96
C GLY L 14 39.48 -17.24 -34.00
N SER L 15 39.40 -18.54 -33.79
CA SER L 15 38.13 -19.23 -33.79
C SER L 15 37.94 -20.04 -32.50
N VAL L 16 36.78 -19.86 -31.86
CA VAL L 16 36.46 -20.56 -30.64
C VAL L 16 35.17 -21.33 -30.83
N THR L 17 35.16 -22.60 -30.45
CA THR L 17 33.93 -23.38 -30.57
C THR L 17 33.47 -23.79 -29.19
N ILE L 18 32.18 -23.60 -28.90
CA ILE L 18 31.64 -23.99 -27.60
C ILE L 18 31.15 -25.42 -27.70
N LYS L 19 31.07 -26.07 -26.56
CA LYS L 19 30.56 -27.43 -26.46
C LYS L 19 29.26 -27.46 -25.65
N CYS L 20 28.27 -28.21 -26.13
CA CYS L 20 26.96 -28.27 -25.50
C CYS L 20 26.40 -29.69 -25.58
N PRO L 21 25.52 -30.04 -24.67
CA PRO L 21 24.92 -31.35 -24.58
C PRO L 21 23.70 -31.44 -25.46
N LEU L 22 23.43 -32.59 -26.04
CA LEU L 22 22.28 -32.73 -26.90
C LEU L 22 21.32 -33.83 -26.48
N PRO L 23 20.01 -33.56 -26.50
CA PRO L 23 19.09 -34.63 -26.12
C PRO L 23 19.01 -35.64 -27.23
N GLU L 24 19.34 -35.19 -28.44
CA GLU L 24 19.39 -35.98 -29.69
C GLU L 24 18.05 -36.44 -30.24
N MET L 25 16.96 -35.85 -29.75
CA MET L 25 15.64 -36.23 -30.21
C MET L 25 15.11 -35.26 -31.25
N HIS L 26 16.02 -34.50 -31.83
CA HIS L 26 15.69 -33.54 -32.86
C HIS L 26 14.64 -32.50 -32.46
N VAL L 27 14.94 -31.88 -31.32
CA VAL L 27 14.17 -30.80 -30.75
C VAL L 27 14.84 -29.49 -31.21
N ARG L 28 14.54 -28.37 -30.57
CA ARG L 28 15.18 -27.15 -30.96
C ARG L 28 16.42 -26.93 -30.09
N ILE L 29 17.60 -27.10 -30.64
CA ILE L 29 18.80 -26.89 -29.86
C ILE L 29 19.40 -25.55 -30.26
N TYR L 30 19.72 -24.72 -29.27
CA TYR L 30 20.12 -23.35 -29.52
C TYR L 30 21.23 -22.92 -28.58
N LEU L 31 22.01 -21.96 -29.05
CA LEU L 31 22.96 -21.19 -28.25
C LEU L 31 22.48 -19.75 -28.20
N CYS L 32 22.48 -19.16 -27.01
CA CYS L 32 21.86 -17.87 -26.75
C CYS L 32 22.78 -17.00 -25.91
N ARG L 33 22.96 -15.75 -26.34
CA ARG L 33 23.76 -14.77 -25.61
C ARG L 33 22.82 -13.97 -24.71
N GLU L 34 22.98 -14.13 -23.40
CA GLU L 34 22.17 -13.36 -22.47
C GLU L 34 22.61 -11.89 -22.45
N MET L 35 21.65 -10.99 -22.39
CA MET L 35 21.90 -9.55 -22.33
C MET L 35 21.67 -9.07 -20.91
N ALA L 36 22.71 -8.48 -20.31
CA ALA L 36 22.59 -8.01 -18.93
C ALA L 36 21.59 -6.85 -18.83
N GLY L 37 21.67 -5.90 -19.75
CA GLY L 37 20.75 -4.77 -19.70
C GLY L 37 19.32 -5.17 -19.97
N SER L 38 19.10 -6.03 -20.97
CA SER L 38 17.75 -6.44 -21.32
C SER L 38 17.15 -7.35 -20.24
N GLY L 39 17.97 -8.18 -19.61
CA GLY L 39 17.48 -9.15 -18.66
C GLY L 39 16.81 -10.35 -19.28
N THR L 40 16.92 -10.51 -20.60
CA THR L 40 16.35 -11.66 -21.30
C THR L 40 17.48 -12.32 -22.08
N CYS L 41 17.14 -13.30 -22.91
CA CYS L 41 18.13 -14.05 -23.66
C CYS L 41 17.82 -13.92 -25.15
N GLY L 42 18.87 -13.65 -25.93
CA GLY L 42 18.71 -13.49 -27.37
C GLY L 42 19.47 -14.55 -28.16
N THR L 43 18.73 -15.36 -28.91
CA THR L 43 19.31 -16.52 -29.59
C THR L 43 20.33 -16.07 -30.63
N VAL L 44 21.56 -16.57 -30.50
CA VAL L 44 22.57 -16.30 -31.53
C VAL L 44 22.59 -17.42 -32.56
N VAL L 45 22.37 -18.66 -32.14
CA VAL L 45 22.32 -19.81 -33.05
C VAL L 45 21.14 -20.68 -32.66
N SER L 46 20.39 -21.13 -33.66
CA SER L 46 19.23 -21.96 -33.43
C SER L 46 19.27 -23.17 -34.35
N THR L 47 18.36 -24.11 -34.10
CA THR L 47 18.23 -25.27 -34.97
C THR L 47 17.87 -24.86 -36.40
N THR L 48 16.96 -23.89 -36.52
CA THR L 48 16.59 -23.38 -37.83
C THR L 48 17.72 -22.56 -38.44
N ASN L 49 17.45 -21.98 -39.61
CA ASN L 49 18.49 -21.24 -40.32
C ASN L 49 18.73 -19.85 -39.76
N PHE L 50 18.07 -19.49 -38.66
CA PHE L 50 18.28 -18.17 -38.06
C PHE L 50 19.71 -17.99 -37.60
N ILE L 51 20.27 -16.82 -37.86
CA ILE L 51 21.54 -16.39 -37.32
C ILE L 51 21.41 -14.93 -36.92
N LYS L 52 22.08 -14.54 -35.83
CA LYS L 52 21.97 -13.17 -35.36
C LYS L 52 22.55 -12.20 -36.38
N ALA L 53 21.98 -10.99 -36.42
CA ALA L 53 22.37 -10.00 -37.42
C ALA L 53 23.85 -9.65 -37.30
N GLU L 54 24.36 -9.54 -36.07
CA GLU L 54 25.77 -9.25 -35.89
C GLU L 54 26.64 -10.43 -36.30
N TYR L 55 26.14 -11.65 -36.13
CA TYR L 55 26.90 -12.86 -36.38
C TYR L 55 26.59 -13.51 -37.73
N LYS L 56 26.11 -12.73 -38.70
CA LYS L 56 25.72 -13.29 -39.99
C LYS L 56 26.92 -13.80 -40.78
N GLY L 57 26.96 -15.11 -41.03
CA GLY L 57 27.96 -15.70 -41.88
C GLY L 57 29.27 -16.06 -41.21
N ARG L 58 29.44 -15.72 -39.93
CA ARG L 58 30.68 -15.99 -39.22
C ARG L 58 30.55 -17.08 -38.17
N VAL L 59 29.42 -17.80 -38.14
CA VAL L 59 29.19 -18.83 -37.14
C VAL L 59 28.79 -20.12 -37.86
N THR L 60 29.17 -21.25 -37.25
CA THR L 60 28.89 -22.57 -37.81
C THR L 60 28.41 -23.49 -36.70
N LEU L 61 27.43 -24.33 -37.06
CA LEU L 61 26.83 -25.31 -36.16
C LEU L 61 27.37 -26.69 -36.54
N LYS L 62 27.68 -27.51 -35.53
CA LYS L 62 28.39 -28.76 -35.74
C LYS L 62 27.86 -29.79 -34.75
N GLN L 63 27.06 -30.74 -35.24
CA GLN L 63 26.32 -31.67 -34.39
C GLN L 63 26.85 -33.08 -34.59
N TYR L 64 27.28 -33.72 -33.50
CA TYR L 64 27.66 -35.13 -33.52
C TYR L 64 26.73 -35.95 -32.64
N PRO L 65 25.84 -36.75 -33.23
CA PRO L 65 25.11 -37.74 -32.42
C PRO L 65 26.02 -38.82 -31.84
N ARG L 66 27.16 -39.08 -32.50
CA ARG L 66 28.05 -40.13 -32.04
C ARG L 66 28.59 -39.83 -30.65
N LYS L 67 28.99 -38.60 -30.30
CA LYS L 67 29.81 -38.43 -29.11
C LYS L 67 29.19 -37.64 -28.04
N ASN L 68 27.94 -37.31 -28.26
CA ASN L 68 27.24 -36.54 -27.29
C ASN L 68 27.88 -35.24 -26.77
N LEU L 69 28.30 -34.44 -27.74
CA LEU L 69 28.75 -33.08 -27.53
C LEU L 69 28.10 -32.27 -28.65
N PHE L 70 27.49 -31.15 -28.33
CA PHE L 70 26.81 -30.29 -29.31
C PHE L 70 27.73 -29.12 -29.37
N LEU L 71 28.37 -28.88 -30.51
CA LEU L 71 29.33 -27.78 -30.58
C LEU L 71 29.18 -26.79 -31.72
N VAL L 72 29.33 -25.52 -31.36
CA VAL L 72 29.21 -24.36 -32.25
C VAL L 72 30.52 -23.59 -32.38
N GLU L 73 30.84 -23.13 -33.58
CA GLU L 73 32.11 -22.44 -33.79
C GLU L 73 32.01 -21.06 -34.40
N VAL L 74 32.83 -20.15 -33.88
CA VAL L 74 32.87 -18.76 -34.35
C VAL L 74 34.16 -18.47 -35.11
N THR L 75 34.00 -18.14 -36.40
CA THR L 75 35.10 -17.88 -37.32
C THR L 75 36.03 -16.71 -37.01
N GLN L 76 35.46 -15.57 -36.66
CA GLN L 76 36.26 -14.40 -36.40
C GLN L 76 35.80 -13.83 -35.09
N LEU L 77 36.69 -13.16 -34.37
CA LEU L 77 36.30 -12.54 -33.12
C LEU L 77 36.55 -11.07 -33.23
N THR L 78 35.55 -10.26 -32.93
CA THR L 78 35.72 -8.81 -33.00
C THR L 78 36.14 -8.22 -31.67
N GLU L 79 36.25 -9.10 -30.67
CA GLU L 79 36.60 -8.86 -29.26
C GLU L 79 35.43 -8.34 -28.42
N SER L 80 34.26 -8.27 -29.03
CA SER L 80 33.05 -7.82 -28.37
C SER L 80 32.20 -8.99 -27.91
N ASP L 81 32.64 -10.20 -28.25
CA ASP L 81 31.95 -11.44 -27.96
C ASP L 81 32.22 -11.99 -26.55
N SER L 82 31.91 -11.19 -25.56
CA SER L 82 32.16 -11.56 -24.16
C SER L 82 30.83 -11.47 -23.42
N GLY L 83 30.23 -12.62 -23.16
CA GLY L 83 28.94 -12.67 -22.49
C GLY L 83 28.57 -14.09 -22.16
N VAL L 84 27.41 -14.24 -21.53
CA VAL L 84 26.94 -15.56 -21.11
C VAL L 84 26.25 -16.24 -22.29
N TYR L 85 26.98 -17.13 -22.96
CA TYR L 85 26.45 -17.97 -24.03
C TYR L 85 25.95 -19.25 -23.35
N ALA L 86 24.64 -19.45 -23.36
CA ALA L 86 24.04 -20.64 -22.80
C ALA L 86 23.37 -21.47 -23.90
N CYS L 87 23.57 -22.77 -23.79
CA CYS L 87 22.97 -23.71 -24.69
C CYS L 87 21.65 -24.18 -24.18
N GLY L 88 20.98 -25.07 -24.90
CA GLY L 88 19.69 -25.48 -24.42
C GLY L 88 18.80 -26.23 -25.40
N ALA L 89 17.53 -26.31 -25.05
CA ALA L 89 16.56 -27.02 -25.85
C ALA L 89 15.17 -26.57 -25.53
N GLY L 90 14.24 -27.08 -26.30
CA GLY L 90 12.83 -26.78 -26.20
C GLY L 90 12.49 -25.63 -27.11
N MET L 91 11.21 -25.32 -27.29
CA MET L 91 10.93 -24.19 -28.12
C MET L 91 11.44 -22.97 -27.42
N ASN L 92 11.23 -22.82 -26.13
CA ASN L 92 11.61 -21.64 -25.37
C ASN L 92 13.07 -21.33 -25.31
N THR L 93 13.48 -20.08 -25.15
CA THR L 93 14.92 -19.81 -25.16
C THR L 93 15.53 -19.41 -23.83
N ASP L 94 14.94 -18.49 -23.17
CA ASP L 94 15.30 -18.01 -21.86
C ASP L 94 15.19 -19.14 -20.85
N ARG L 95 13.98 -19.57 -20.59
CA ARG L 95 13.71 -20.60 -19.62
C ARG L 95 13.83 -22.00 -20.15
N GLY L 96 14.98 -22.36 -20.67
CA GLY L 96 15.12 -23.70 -21.19
C GLY L 96 16.57 -24.01 -21.31
N LYS L 97 17.40 -23.02 -21.04
CA LYS L 97 18.86 -23.16 -21.14
C LYS L 97 19.34 -24.32 -20.28
N THR L 98 20.27 -25.11 -20.81
CA THR L 98 20.81 -26.24 -20.06
C THR L 98 22.11 -25.86 -19.37
N GLN L 99 23.10 -25.43 -20.13
CA GLN L 99 24.41 -25.06 -19.59
C GLN L 99 24.79 -23.68 -20.11
N LYS L 100 25.49 -22.92 -19.27
CA LYS L 100 25.92 -21.56 -19.60
C LYS L 100 27.43 -21.44 -19.45
N VAL L 101 28.05 -20.56 -20.21
CA VAL L 101 29.48 -20.35 -20.12
C VAL L 101 29.86 -19.05 -20.77
N THR L 102 30.84 -18.35 -20.21
CA THR L 102 31.22 -17.09 -20.80
C THR L 102 32.58 -17.14 -21.49
N LEU L 103 32.59 -16.87 -22.77
CA LEU L 103 33.80 -16.89 -23.54
C LEU L 103 34.61 -15.64 -23.34
N ASN L 104 35.84 -15.65 -23.84
CA ASN L 104 36.68 -14.47 -23.72
C ASN L 104 37.62 -14.12 -24.84
N VAL L 105 37.80 -12.81 -24.98
CA VAL L 105 38.69 -12.18 -25.94
C VAL L 105 40.10 -12.21 -25.38
N HIS L 106 41.08 -12.12 -26.28
CA HIS L 106 42.54 -12.07 -26.04
C HIS L 106 43.19 -13.36 -25.56
N SER L 107 42.73 -13.84 -24.41
CA SER L 107 43.26 -15.06 -23.84
C SER L 107 42.12 -15.88 -23.23
C1 NAG M . -13.56 -13.66 -12.24
C2 NAG M . -14.89 -13.82 -12.99
C3 NAG M . -16.03 -14.01 -12.01
C4 NAG M . -15.73 -15.17 -11.06
C5 NAG M . -14.39 -14.96 -10.39
C6 NAG M . -13.97 -16.11 -9.51
C7 NAG M . -15.45 -12.77 -15.15
C8 NAG M . -15.67 -11.47 -15.87
N2 NAG M . -15.14 -12.67 -13.84
O3 NAG M . -17.24 -14.28 -12.74
O4 NAG M . -16.74 -15.26 -10.07
O5 NAG M . -13.36 -14.81 -11.39
O6 NAG M . -14.60 -17.31 -9.91
O7 NAG M . -15.54 -13.86 -15.70
C1 NAG N . -11.63 -9.25 -10.03
C2 NAG N . -12.92 -9.45 -10.80
C3 NAG N . -14.11 -9.41 -9.85
C4 NAG N . -13.94 -10.46 -8.76
C5 NAG N . -12.59 -10.25 -8.05
C6 NAG N . -12.29 -11.32 -7.01
C7 NAG N . -13.46 -8.76 -13.08
C8 NAG N . -13.53 -7.62 -14.06
N2 NAG N . -13.06 -8.45 -11.85
O3 NAG N . -15.32 -9.63 -10.57
O4 NAG N . -14.99 -10.33 -7.81
O5 NAG N . -11.51 -10.27 -9.01
O6 NAG N . -10.89 -11.60 -6.95
O7 NAG N . -13.75 -9.90 -13.40
C1 NAG O . -10.43 -4.54 -8.11
C2 NAG O . -11.55 -4.44 -9.14
C3 NAG O . -12.87 -4.12 -8.44
C4 NAG O . -13.14 -5.10 -7.31
C5 NAG O . -11.95 -5.14 -6.36
C6 NAG O . -12.10 -6.18 -5.26
C7 NAG O . -11.45 -3.61 -11.45
C8 NAG O . -12.01 -4.95 -11.86
N2 NAG O . -11.25 -3.44 -10.14
O3 NAG O . -13.93 -4.18 -9.40
O4 NAG O . -14.30 -4.68 -6.59
O5 NAG O . -10.79 -5.50 -7.11
O6 NAG O . -10.92 -6.96 -5.15
O7 NAG O . -11.20 -2.73 -12.27
C1 NAG P . -10.24 -0.59 -5.39
C2 NAG P . -11.44 -0.65 -6.35
C3 NAG P . -12.74 -0.43 -5.58
C4 NAG P . -12.84 -1.39 -4.42
C5 NAG P . -11.59 -1.31 -3.54
C6 NAG P . -11.58 -2.32 -2.42
C7 NAG P . -11.11 -0.02 -8.69
C8 NAG P . -10.99 1.12 -9.67
N2 NAG P . -11.30 0.32 -7.42
O3 NAG P . -13.84 -0.59 -6.45
O4 NAG P . -13.98 -1.10 -3.63
O5 NAG P . -10.43 -1.54 -4.34
O6 NAG P . -12.24 -1.82 -1.27
O7 NAG P . -11.05 -1.19 -9.05
C1 NAG Q . -9.53 3.93 -3.29
C2 NAG Q . -10.68 3.71 -4.28
C3 NAG Q . -11.99 4.26 -3.69
C4 NAG Q . -12.24 3.67 -2.32
C5 NAG Q . -11.02 3.88 -1.42
C6 NAG Q . -11.16 3.22 -0.07
C7 NAG Q . -10.70 3.75 -6.73
C8 NAG Q . -10.34 4.54 -7.95
N2 NAG Q . -10.40 4.33 -5.56
O3 NAG Q . -13.06 3.95 -4.57
O4 NAG Q . -13.37 4.30 -1.72
O5 NAG Q . -9.85 3.32 -2.03
O6 NAG Q . -12.09 3.91 0.76
O7 NAG Q . -11.25 2.66 -6.79
C1 NAG R . 9.00 1.43 7.04
C2 NAG R . 9.11 2.92 6.72
C3 NAG R . 10.58 3.33 6.64
C4 NAG R . 11.31 2.95 7.91
C5 NAG R . 11.14 1.46 8.18
C6 NAG R . 11.74 1.04 9.51
C7 NAG R . 7.97 4.47 5.18
C8 NAG R . 7.29 4.63 3.86
N2 NAG R . 8.42 3.24 5.48
O3 NAG R . 10.68 4.74 6.42
O4 NAG R . 12.70 3.23 7.77
O5 NAG R . 9.74 1.14 8.25
O6 NAG R . 12.66 2.00 9.99
O7 NAG R . 8.12 5.42 5.96
C1 NAG S . 9.62 -3.89 7.51
C2 NAG S . 10.39 -2.85 6.70
C3 NAG S . 11.81 -2.73 7.23
C4 NAG S . 11.77 -2.45 8.73
C5 NAG S . 10.86 -3.44 9.47
C6 NAG S . 10.66 -3.06 10.92
C7 NAG S . 10.25 -2.25 4.31
C8 NAG S . 10.31 -2.74 2.90
N2 NAG S . 10.40 -3.17 5.28
O3 NAG S . 12.48 -1.67 6.57
O4 NAG S . 13.08 -2.55 9.26
O5 NAG S . 9.56 -3.48 8.87
O6 NAG S . 11.91 -2.89 11.58
O7 NAG S . 10.07 -1.06 4.58
C1 NAG T . 10.87 -8.86 5.01
C2 NAG T . 11.89 -7.99 4.29
C3 NAG T . 13.31 -8.47 4.56
C4 NAG T . 13.55 -8.53 6.06
C5 NAG T . 12.50 -9.42 6.71
C6 NAG T . 12.62 -9.48 8.22
C7 NAG T . 10.96 -6.93 2.27
C8 NAG T . 10.78 -7.04 0.78
N2 NAG T . 11.63 -7.93 2.85
O3 NAG T . 14.25 -7.59 3.95
O4 NAG T . 14.86 -9.02 6.34
O5 NAG T . 11.19 -8.94 6.41
O6 NAG T . 12.49 -8.18 8.79
O7 NAG T . 10.51 -5.99 2.91
C1 NAG U . -11.21 -32.82 -20.06
C2 NAG U . -10.62 -33.82 -21.08
C3 NAG U . -9.75 -34.88 -20.39
C4 NAG U . -10.51 -35.61 -19.29
C5 NAG U . -11.44 -34.65 -18.55
C6 NAG U . -11.49 -34.90 -17.06
C7 NAG U . -11.45 -34.91 -23.11
C8 NAG U . -12.63 -35.53 -23.80
N2 NAG U . -11.66 -34.46 -21.88
O3 NAG U . -8.59 -34.27 -19.86
O4 NAG U . -11.28 -36.66 -19.86
O5 NAG U . -10.99 -33.30 -18.73
O6 NAG U . -10.34 -35.60 -16.60
O7 NAG U . -10.35 -34.83 -23.66
C1 NAG V . 12.92 -12.91 3.27
C2 NAG V . 13.06 -12.05 2.01
C3 NAG V . 14.53 -11.83 1.66
C4 NAG V . 15.30 -11.33 2.87
C5 NAG V . 15.07 -12.25 4.06
C6 NAG V . 15.76 -11.78 5.33
C7 NAG V . 11.60 -12.01 0.02
C8 NAG V . 11.48 -10.52 0.26
N2 NAG V . 12.36 -12.67 0.89
O3 NAG V . 14.65 -10.91 0.59
O4 NAG V . 16.70 -11.27 2.58
O5 NAG V . 13.67 -12.32 4.34
O6 NAG V . 14.88 -11.86 6.45
O7 NAG V . 11.05 -12.56 -0.91
C1 NAG W . 13.70 -16.62 1.53
C2 NAG W . 14.28 -15.98 0.26
C3 NAG W . 15.74 -16.36 0.10
C4 NAG W . 16.52 -16.01 1.36
C5 NAG W . 15.88 -16.67 2.57
C6 NAG W . 16.54 -16.30 3.87
C7 NAG W . 13.27 -15.51 -1.92
C8 NAG W . 12.47 -16.06 -3.06
N2 NAG W . 13.52 -16.35 -0.91
O3 NAG W . 16.29 -15.65 -1.02
O4 NAG W . 17.87 -16.46 1.23
O5 NAG W . 14.50 -16.28 2.67
O6 NAG W . 15.58 -15.89 4.84
O7 NAG W . 13.67 -14.35 -1.91
#